data_6GND
#
_entry.id   6GND
#
_cell.length_a   115.230
_cell.length_b   174.350
_cell.length_c   114.304
_cell.angle_alpha   90.00
_cell.angle_beta   119.80
_cell.angle_gamma   90.00
#
_symmetry.space_group_name_H-M   'C 1 2 1'
#
loop_
_entity.id
_entity.type
_entity.pdbx_description
1 polymer 'Thioredoxin reductase'
2 polymer Thioredoxin
3 non-polymer 'FLAVIN-ADENINE DINUCLEOTIDE'
4 non-polymer 1,2-ETHANEDIOL
5 water water
#
loop_
_entity_poly.entity_id
_entity_poly.type
_entity_poly.pdbx_seq_one_letter_code
_entity_poly.pdbx_strand_id
1 'polypeptide(L)'
;GSHMERYDIAIIGSGPAGLASAINAKTRNKSVIVFGSSDLSKKLTLAPVINNYLGFYGIRGAELQEKFKEHIDNMGIQIE
NVKVNNIYAMGEYFSIMTSKDTYEASKVILAMGMEHTKPLKGEDKFLGRGVGYSATCDAPLYKGKIVTIVGYNKEAESEA
NYLAELASKVYYVPRYKDEYQLVSAVEIVKDVPVEIVGDKKVEKLKLKSRELETDGVFVLKDSAPPEQLVPGLYVEDGHI
KVNRKMETNIDGCYAAGDCTGKPYQYMKAVGEGQVAALNAVEKLYTKA
;
A,C,E,G
2 'polypeptide(L)'
;GSHMVKEINESIFDEEIKTSGEPVIVDFWAPWCGPSKMLGPIIDELSEDLDGKAKFTKVNVDENPGIASKFGIASIPTVM
IFKDGNPVETLVGFRPKQSITASIEKHM
;
B,D,F,H
#
loop_
_chem_comp.id
_chem_comp.type
_chem_comp.name
_chem_comp.formula
EDO non-polymer 1,2-ETHANEDIOL 'C2 H6 O2'
FAD non-polymer 'FLAVIN-ADENINE DINUCLEOTIDE' 'C27 H33 N9 O15 P2'
#
# COMPACT_ATOMS: atom_id res chain seq x y z
N GLU A 5 10.51 -11.78 20.74
CA GLU A 5 9.80 -12.16 19.53
C GLU A 5 10.35 -11.40 18.32
N ARG A 6 11.21 -12.05 17.55
CA ARG A 6 11.83 -11.48 16.37
C ARG A 6 11.25 -12.12 15.12
N TYR A 7 10.74 -11.28 14.20
CA TYR A 7 10.21 -11.75 12.94
C TYR A 7 11.35 -12.12 11.98
N ASP A 8 11.04 -12.98 11.00
CA ASP A 8 12.05 -13.32 10.01
C ASP A 8 12.39 -12.11 9.15
N ILE A 9 11.37 -11.39 8.67
CA ILE A 9 11.54 -10.28 7.75
C ILE A 9 10.67 -9.11 8.22
N ALA A 10 11.25 -7.91 8.18
CA ALA A 10 10.55 -6.68 8.50
C ALA A 10 10.55 -5.78 7.27
N ILE A 11 9.37 -5.32 6.85
CA ILE A 11 9.21 -4.52 5.64
C ILE A 11 8.87 -3.09 6.05
N ILE A 12 9.67 -2.15 5.56
CA ILE A 12 9.54 -0.73 5.89
C ILE A 12 8.77 -0.09 4.75
N GLY A 13 7.51 0.22 4.98
CA GLY A 13 6.67 0.80 3.97
C GLY A 13 5.60 -0.17 3.50
N SER A 14 4.44 0.38 3.15
CA SER A 14 3.27 -0.40 2.76
C SER A 14 2.84 -0.06 1.34
N GLY A 15 3.79 0.37 0.51
CA GLY A 15 3.50 0.70 -0.86
C GLY A 15 3.58 -0.53 -1.74
N PRO A 16 3.51 -0.34 -3.06
CA PRO A 16 3.60 -1.51 -3.96
C PRO A 16 4.79 -2.40 -3.67
N ALA A 17 5.98 -1.81 -3.50
CA ALA A 17 7.15 -2.61 -3.19
C ALA A 17 6.96 -3.38 -1.89
N GLY A 18 6.59 -2.69 -0.81
CA GLY A 18 6.40 -3.36 0.46
C GLY A 18 5.41 -4.50 0.37
N LEU A 19 4.27 -4.27 -0.29
CA LEU A 19 3.28 -5.33 -0.43
C LEU A 19 3.80 -6.45 -1.33
N ALA A 20 4.40 -6.10 -2.46
CA ALA A 20 4.96 -7.12 -3.33
C ALA A 20 6.00 -7.96 -2.59
N SER A 21 6.86 -7.31 -1.81
CA SER A 21 7.79 -8.06 -0.97
C SER A 21 7.04 -8.91 0.04
N ALA A 22 6.00 -8.34 0.66
CA ALA A 22 5.28 -9.03 1.72
C ALA A 22 4.68 -10.34 1.22
N ILE A 23 3.94 -10.30 0.12
CA ILE A 23 3.25 -11.52 -0.33
C ILE A 23 4.25 -12.61 -0.69
N ASN A 24 5.40 -12.25 -1.23
CA ASN A 24 6.39 -13.27 -1.57
C ASN A 24 7.03 -13.85 -0.31
N ALA A 25 7.33 -13.01 0.68
CA ALA A 25 7.87 -13.52 1.93
C ALA A 25 6.85 -14.39 2.66
N LYS A 26 5.59 -13.97 2.68
CA LYS A 26 4.57 -14.77 3.34
C LYS A 26 4.31 -16.07 2.59
N THR A 27 4.50 -16.09 1.28
CA THR A 27 4.30 -17.31 0.51
C THR A 27 5.23 -18.42 0.96
N ARG A 28 6.43 -18.09 1.44
CA ARG A 28 7.43 -19.09 1.77
C ARG A 28 7.55 -19.35 3.27
N ASN A 29 6.46 -19.20 4.01
CA ASN A 29 6.36 -19.60 5.42
C ASN A 29 7.43 -18.93 6.29
N LYS A 30 7.60 -17.62 6.11
CA LYS A 30 8.47 -16.81 6.95
C LYS A 30 7.65 -15.71 7.61
N SER A 31 7.86 -15.50 8.91
CA SER A 31 7.12 -14.47 9.63
C SER A 31 7.49 -13.09 9.10
N VAL A 32 6.47 -12.25 8.89
CA VAL A 32 6.64 -10.96 8.22
C VAL A 32 5.90 -9.89 9.00
N ILE A 33 6.49 -8.69 9.06
CA ILE A 33 5.84 -7.52 9.62
C ILE A 33 5.99 -6.37 8.64
N VAL A 34 4.92 -5.63 8.43
CA VAL A 34 4.92 -4.50 7.49
C VAL A 34 4.57 -3.25 8.29
N PHE A 35 5.48 -2.29 8.27
CA PHE A 35 5.28 -0.99 8.89
C PHE A 35 4.81 0.01 7.83
N GLY A 36 3.81 0.81 8.17
CA GLY A 36 3.30 1.77 7.21
C GLY A 36 1.99 2.37 7.68
N SER A 37 1.33 3.05 6.75
CA SER A 37 0.04 3.68 6.99
C SER A 37 -1.09 2.70 6.74
N SER A 38 -2.24 2.94 7.40
CA SER A 38 -3.41 2.11 7.14
C SER A 38 -3.76 2.16 5.66
N ASP A 39 -3.67 3.33 5.04
CA ASP A 39 -3.73 3.44 3.59
C ASP A 39 -2.38 2.95 3.05
N LEU A 40 -2.44 2.03 2.09
CA LEU A 40 -1.23 1.45 1.51
C LEU A 40 -0.21 2.52 1.10
N SER A 41 -0.59 3.40 0.17
CA SER A 41 0.31 4.43 -0.32
C SER A 41 -0.52 5.58 -0.85
N LYS A 42 -0.17 6.81 -0.45
CA LYS A 42 -0.90 7.97 -0.92
C LYS A 42 -0.87 8.05 -2.44
N LYS A 43 0.26 7.68 -3.04
CA LYS A 43 0.37 7.75 -4.50
C LYS A 43 -0.56 6.77 -5.19
N LEU A 44 -0.71 5.56 -4.62
CA LEU A 44 -1.60 4.57 -5.24
C LEU A 44 -3.03 5.10 -5.25
N THR A 45 -3.51 5.56 -4.10
CA THR A 45 -4.89 6.05 -4.01
C THR A 45 -5.09 7.30 -4.87
N LEU A 46 -4.07 8.16 -4.97
CA LEU A 46 -4.21 9.43 -5.67
C LEU A 46 -4.20 9.29 -7.18
N ALA A 47 -3.51 8.29 -7.71
CA ALA A 47 -3.31 8.21 -9.16
C ALA A 47 -4.64 8.14 -9.89
N PRO A 48 -4.87 8.97 -10.91
CA PRO A 48 -6.19 9.01 -11.56
C PRO A 48 -6.47 7.78 -12.40
N VAL A 49 -5.58 7.50 -13.35
CA VAL A 49 -5.73 6.36 -14.25
C VAL A 49 -4.34 5.83 -14.54
N ILE A 50 -4.20 4.50 -14.56
CA ILE A 50 -2.91 3.86 -14.74
C ILE A 50 -3.03 2.93 -15.95
N ASN A 51 -2.25 3.21 -16.99
CA ASN A 51 -2.24 2.36 -18.17
C ASN A 51 -0.99 1.49 -18.30
N ASN A 52 0.08 1.79 -17.56
CA ASN A 52 1.33 1.06 -17.68
C ASN A 52 1.48 -0.07 -16.68
N TYR A 53 0.47 -0.33 -15.86
CA TYR A 53 0.46 -1.52 -15.02
C TYR A 53 -0.20 -2.66 -15.80
N LEU A 54 0.55 -3.70 -16.10
CA LEU A 54 0.09 -4.74 -17.01
C LEU A 54 -1.04 -5.54 -16.37
N GLY A 55 -2.17 -5.66 -17.07
CA GLY A 55 -3.31 -6.41 -16.59
C GLY A 55 -4.43 -5.57 -16.04
N PHE A 56 -4.17 -4.30 -15.73
CA PHE A 56 -5.17 -3.37 -15.18
C PHE A 56 -5.21 -2.13 -16.08
N TYR A 57 -5.63 -2.30 -17.32
CA TYR A 57 -5.74 -1.14 -18.19
C TYR A 57 -6.79 -0.19 -17.64
N GLY A 58 -6.45 1.10 -17.61
CA GLY A 58 -7.43 2.12 -17.27
C GLY A 58 -8.01 2.02 -15.88
N ILE A 59 -7.24 1.52 -14.91
CA ILE A 59 -7.73 1.39 -13.53
C ILE A 59 -7.42 2.66 -12.77
N ARG A 60 -8.37 3.11 -11.95
CA ARG A 60 -8.15 4.27 -11.10
C ARG A 60 -7.21 3.90 -9.95
N GLY A 61 -6.45 4.89 -9.50
CA GLY A 61 -5.54 4.65 -8.39
C GLY A 61 -6.23 3.99 -7.22
N ALA A 62 -7.28 4.64 -6.72
CA ALA A 62 -8.03 4.07 -5.61
C ALA A 62 -8.56 2.68 -5.95
N GLU A 63 -8.92 2.45 -7.22
CA GLU A 63 -9.39 1.13 -7.62
C GLU A 63 -8.27 0.10 -7.55
N LEU A 64 -7.08 0.47 -8.03
CA LEU A 64 -5.94 -0.44 -7.92
C LEU A 64 -5.58 -0.66 -6.46
N GLN A 65 -5.60 0.40 -5.65
CA GLN A 65 -5.33 0.25 -4.22
C GLN A 65 -6.26 -0.79 -3.61
N GLU A 66 -7.51 -0.85 -4.06
CA GLU A 66 -8.43 -1.84 -3.53
C GLU A 66 -7.98 -3.25 -3.86
N LYS A 67 -7.53 -3.49 -5.09
CA LYS A 67 -7.08 -4.83 -5.46
C LYS A 67 -5.94 -5.31 -4.58
N PHE A 68 -4.99 -4.42 -4.31
CA PHE A 68 -3.86 -4.76 -3.45
C PHE A 68 -4.29 -5.07 -2.03
N LYS A 69 -5.22 -4.29 -1.51
CA LYS A 69 -5.70 -4.46 -0.14
C LYS A 69 -6.36 -5.82 0.03
N GLU A 70 -7.13 -6.22 -0.96
CA GLU A 70 -7.80 -7.50 -0.92
C GLU A 70 -6.76 -8.61 -0.89
N HIS A 71 -5.68 -8.43 -1.64
CA HIS A 71 -4.66 -9.46 -1.73
C HIS A 71 -4.09 -9.79 -0.35
N ILE A 72 -3.63 -8.77 0.38
CA ILE A 72 -3.03 -9.00 1.68
C ILE A 72 -4.07 -9.46 2.71
N ASP A 73 -5.24 -8.80 2.75
CA ASP A 73 -6.26 -9.23 3.70
C ASP A 73 -6.63 -10.70 3.45
N ASN A 74 -6.82 -11.08 2.19
CA ASN A 74 -7.17 -12.45 1.90
C ASN A 74 -6.04 -13.40 2.31
N MET A 75 -4.80 -12.92 2.26
CA MET A 75 -3.64 -13.71 2.68
C MET A 75 -3.34 -13.58 4.17
N GLY A 76 -4.12 -12.81 4.92
CA GLY A 76 -3.87 -12.67 6.34
C GLY A 76 -2.68 -11.78 6.67
N ILE A 77 -2.42 -10.76 5.86
CA ILE A 77 -1.31 -9.85 6.07
C ILE A 77 -1.88 -8.57 6.64
N GLN A 78 -1.38 -8.16 7.80
CA GLN A 78 -1.85 -6.96 8.49
C GLN A 78 -0.75 -5.92 8.51
N ILE A 79 -1.14 -4.66 8.30
CA ILE A 79 -0.20 -3.54 8.30
C ILE A 79 -0.08 -3.05 9.73
N GLU A 80 1.16 -2.95 10.21
CA GLU A 80 1.42 -2.34 11.51
C GLU A 80 1.41 -0.84 11.29
N ASN A 81 0.36 -0.17 11.78
CA ASN A 81 0.18 1.25 11.48
C ASN A 81 1.03 2.05 12.47
N VAL A 82 2.33 2.09 12.19
CA VAL A 82 3.29 2.86 12.96
C VAL A 82 4.34 3.38 12.00
N LYS A 83 5.02 4.44 12.41
CA LYS A 83 6.13 5.00 11.65
C LYS A 83 7.46 4.59 12.27
N VAL A 84 8.40 4.18 11.41
CA VAL A 84 9.71 3.71 11.87
C VAL A 84 10.64 4.89 12.00
N ASN A 85 11.13 5.11 13.22
CA ASN A 85 12.01 6.24 13.50
C ASN A 85 13.47 5.91 13.16
N ASN A 86 13.90 4.70 13.51
CA ASN A 86 15.30 4.32 13.33
C ASN A 86 15.37 2.80 13.21
N ILE A 87 16.44 2.34 12.55
CA ILE A 87 16.70 0.91 12.39
C ILE A 87 18.20 0.71 12.56
N TYR A 88 18.59 -0.03 13.59
CA TYR A 88 19.99 -0.21 13.95
C TYR A 88 20.43 -1.61 13.57
N ALA A 89 21.37 -1.69 12.60
CA ALA A 89 21.89 -2.96 12.13
C ALA A 89 22.87 -3.49 13.17
N MET A 90 22.45 -4.52 13.90
CA MET A 90 23.28 -5.05 14.98
C MET A 90 24.32 -6.04 14.48
N GLY A 91 24.12 -6.60 13.29
CA GLY A 91 25.08 -7.56 12.74
C GLY A 91 24.38 -8.81 12.27
N GLU A 92 23.86 -9.58 13.22
CA GLU A 92 23.04 -10.73 12.89
C GLU A 92 21.57 -10.38 12.74
N TYR A 93 21.15 -9.22 13.22
CA TYR A 93 19.76 -8.82 13.18
C TYR A 93 19.65 -7.30 13.13
N PHE A 94 18.42 -6.81 13.04
CA PHE A 94 18.13 -5.38 12.97
C PHE A 94 17.17 -5.01 14.08
N SER A 95 17.50 -3.97 14.83
CA SER A 95 16.61 -3.42 15.84
C SER A 95 15.84 -2.26 15.21
N ILE A 96 14.52 -2.33 15.27
CA ILE A 96 13.67 -1.31 14.68
C ILE A 96 13.11 -0.44 15.81
N MET A 97 13.25 0.87 15.70
CA MET A 97 12.79 1.75 16.76
C MET A 97 11.56 2.57 16.37
N THR A 98 10.52 2.53 17.20
CA THR A 98 9.32 3.30 16.97
C THR A 98 8.94 3.93 18.29
N SER A 99 8.30 5.09 18.26
CA SER A 99 7.90 5.74 19.51
C SER A 99 6.98 4.85 20.34
N LYS A 100 6.06 4.13 19.69
CA LYS A 100 5.09 3.37 20.46
C LYS A 100 5.64 2.03 20.94
N ASP A 101 6.55 1.42 20.18
CA ASP A 101 7.11 0.13 20.58
C ASP A 101 8.43 -0.08 19.85
N THR A 102 9.13 -1.14 20.24
CA THR A 102 10.38 -1.55 19.64
C THR A 102 10.28 -2.98 19.15
N TYR A 103 10.77 -3.23 17.94
CA TYR A 103 10.74 -4.55 17.33
C TYR A 103 12.12 -4.85 16.77
N GLU A 104 12.40 -6.14 16.61
CA GLU A 104 13.66 -6.57 16.00
C GLU A 104 13.32 -7.68 15.01
N ALA A 105 14.08 -7.73 13.92
CA ALA A 105 13.84 -8.73 12.89
C ALA A 105 15.18 -9.10 12.26
N SER A 106 15.23 -10.30 11.69
CA SER A 106 16.48 -10.85 11.17
C SER A 106 16.87 -10.21 9.83
N LYS A 107 15.90 -9.83 9.02
CA LYS A 107 16.14 -9.16 7.76
C LYS A 107 15.24 -7.94 7.65
N VAL A 108 15.67 -6.97 6.85
CA VAL A 108 14.93 -5.73 6.66
C VAL A 108 14.81 -5.45 5.17
N ILE A 109 13.68 -4.90 4.76
CA ILE A 109 13.46 -4.47 3.39
C ILE A 109 12.89 -3.05 3.43
N LEU A 110 13.51 -2.16 2.67
CA LEU A 110 13.18 -0.76 2.71
C LEU A 110 12.28 -0.39 1.54
N ALA A 111 11.17 0.30 1.84
CA ALA A 111 10.20 0.75 0.85
C ALA A 111 9.70 2.12 1.34
N MET A 112 10.62 3.08 1.38
CA MET A 112 10.29 4.42 1.88
C MET A 112 9.83 5.49 0.87
N GLY A 113 9.84 5.19 -0.43
CA GLY A 113 9.45 6.20 -1.40
C GLY A 113 10.40 7.40 -1.44
N MET A 114 9.89 8.61 -1.26
CA MET A 114 10.76 9.81 -1.34
C MET A 114 10.68 10.72 -0.11
N GLU A 115 11.78 11.42 0.16
CA GLU A 115 11.88 12.30 1.33
C GLU A 115 12.48 13.67 0.98
N HIS A 116 12.23 14.66 1.85
CA HIS A 116 12.71 16.03 1.65
C HIS A 116 14.23 16.18 1.77
N THR A 117 14.78 17.14 1.02
CA THR A 117 16.21 17.40 0.97
C THR A 117 16.67 18.22 2.16
N LYS A 118 17.99 18.21 2.39
CA LYS A 118 18.67 18.85 3.52
C LYS A 118 19.55 20.01 3.02
N PRO A 119 19.47 21.21 3.63
CA PRO A 119 20.31 22.32 3.15
C PRO A 119 21.65 22.44 3.86
N LEU A 120 22.72 22.02 3.19
CA LEU A 120 24.10 22.20 3.67
C LEU A 120 24.31 21.63 5.07
N LYS A 121 23.54 20.61 5.43
CA LYS A 121 23.71 19.97 6.74
C LYS A 121 24.99 19.15 6.80
N GLY A 122 25.22 18.31 5.79
CA GLY A 122 26.27 17.31 5.82
C GLY A 122 27.69 17.85 5.82
N GLU A 123 27.84 19.17 5.73
CA GLU A 123 29.16 19.86 5.71
C GLU A 123 29.83 19.70 7.07
N ASP A 124 29.14 20.06 8.14
CA ASP A 124 29.64 19.95 9.54
C ASP A 124 28.58 19.24 10.38
N LYS A 125 28.35 17.96 10.09
CA LYS A 125 27.37 17.10 10.82
C LYS A 125 27.80 16.98 12.28
N PHE A 126 29.10 16.81 12.52
CA PHE A 126 29.71 16.65 13.86
C PHE A 126 29.44 17.89 14.73
N LEU A 127 29.56 19.08 14.14
CA LEU A 127 29.35 20.38 14.84
C LEU A 127 28.10 21.08 14.27
N VAL A 131 26.08 20.10 14.10
CA VAL A 131 24.69 19.74 13.68
C VAL A 131 24.23 18.56 14.53
N GLY A 132 22.91 18.39 14.68
CA GLY A 132 22.27 17.31 15.45
C GLY A 132 21.04 16.78 14.76
N TYR A 133 20.59 15.57 15.11
CA TYR A 133 19.37 14.94 14.54
C TYR A 133 18.53 14.32 15.66
N SER A 134 19.16 13.89 16.74
CA SER A 134 18.49 13.27 17.87
C SER A 134 17.87 14.31 18.79
N ALA A 135 18.58 15.40 19.06
CA ALA A 135 18.13 16.46 19.96
C ALA A 135 18.14 15.94 21.41
N THR A 136 17.23 15.01 21.74
CA THR A 136 17.20 14.48 23.09
C THR A 136 18.54 13.90 23.50
N CYS A 137 19.31 13.39 22.54
CA CYS A 137 20.62 12.82 22.85
C CYS A 137 21.63 13.89 23.20
N ASP A 138 21.62 15.00 22.47
CA ASP A 138 22.69 16.00 22.53
C ASP A 138 22.39 17.21 23.41
N ALA A 139 21.25 17.25 24.08
CA ALA A 139 20.91 18.46 24.84
C ALA A 139 21.94 18.80 25.91
N PRO A 140 22.45 17.84 26.70
CA PRO A 140 23.40 18.23 27.75
C PRO A 140 24.67 18.87 27.23
N LEU A 141 25.11 18.53 26.01
CA LEU A 141 26.33 19.12 25.47
C LEU A 141 26.20 20.62 25.26
N TYR A 142 25.01 21.12 24.98
CA TYR A 142 24.81 22.53 24.64
C TYR A 142 24.31 23.35 25.82
N LYS A 143 24.59 22.93 27.05
CA LYS A 143 24.22 23.74 28.20
C LYS A 143 24.90 25.09 28.10
N GLY A 144 24.13 26.15 28.30
CA GLY A 144 24.68 27.50 28.25
C GLY A 144 25.16 27.93 26.88
N LYS A 145 24.59 27.38 25.81
CA LYS A 145 24.97 27.71 24.45
C LYS A 145 23.73 27.99 23.62
N ILE A 146 23.96 28.58 22.45
CA ILE A 146 22.88 28.96 21.55
C ILE A 146 22.46 27.73 20.76
N VAL A 147 21.15 27.49 20.68
CA VAL A 147 20.62 26.34 19.95
C VAL A 147 19.47 26.80 19.07
N THR A 148 19.44 26.28 17.85
CA THR A 148 18.38 26.53 16.88
C THR A 148 17.76 25.20 16.49
N ILE A 149 16.44 25.18 16.36
CA ILE A 149 15.71 23.97 15.99
C ILE A 149 14.86 24.27 14.77
N VAL A 150 14.96 23.42 13.76
CA VAL A 150 14.08 23.46 12.61
C VAL A 150 13.10 22.31 12.78
N GLY A 151 11.84 22.65 12.99
CA GLY A 151 10.81 21.68 13.34
C GLY A 151 9.89 21.41 12.17
N TYR A 152 9.71 20.13 11.88
CA TYR A 152 8.78 19.68 10.85
C TYR A 152 7.55 19.00 11.44
N ASN A 153 7.46 18.84 12.76
CA ASN A 153 6.29 18.23 13.38
C ASN A 153 6.18 18.72 14.83
N LYS A 154 5.12 18.28 15.50
CA LYS A 154 4.87 18.71 16.87
C LYS A 154 5.92 18.14 17.82
N GLU A 155 6.37 16.92 17.58
CA GLU A 155 7.41 16.34 18.43
C GLU A 155 8.62 17.26 18.50
N ALA A 156 8.94 17.93 17.39
CA ALA A 156 10.05 18.88 17.39
C ALA A 156 9.79 20.03 18.36
N GLU A 157 8.56 20.55 18.38
CA GLU A 157 8.23 21.61 19.34
C GLU A 157 8.53 21.19 20.76
N SER A 158 8.13 19.96 21.12
CA SER A 158 8.37 19.48 22.47
C SER A 158 9.86 19.40 22.76
N GLU A 159 10.65 18.96 21.79
CA GLU A 159 12.10 18.94 21.98
C GLU A 159 12.62 20.36 22.17
N ALA A 160 12.07 21.32 21.43
CA ALA A 160 12.50 22.71 21.59
C ALA A 160 12.18 23.21 23.00
N ASN A 161 10.98 22.90 23.51
CA ASN A 161 10.67 23.25 24.89
C ASN A 161 11.67 22.64 25.85
N TYR A 162 12.08 21.39 25.59
CA TYR A 162 13.08 20.74 26.45
C TYR A 162 14.41 21.49 26.39
N LEU A 163 14.87 21.84 25.19
CA LEU A 163 16.15 22.53 25.05
C LEU A 163 16.18 23.82 25.86
N ALA A 164 15.04 24.52 25.93
CA ALA A 164 15.00 25.80 26.63
C ALA A 164 15.47 25.67 28.06
N GLU A 165 15.31 24.49 28.66
CA GLU A 165 15.72 24.29 30.03
C GLU A 165 17.24 24.39 30.19
N LEU A 166 17.98 23.93 29.19
CA LEU A 166 19.44 23.85 29.27
C LEU A 166 20.18 24.97 28.55
N ALA A 167 19.67 25.45 27.42
CA ALA A 167 20.43 26.37 26.59
C ALA A 167 20.26 27.81 27.03
N SER A 168 21.28 28.62 26.74
CA SER A 168 21.20 30.05 27.02
C SER A 168 20.20 30.74 26.10
N LYS A 169 19.99 30.18 24.91
CA LYS A 169 19.06 30.74 23.94
C LYS A 169 18.63 29.61 23.01
N VAL A 170 17.32 29.57 22.73
CA VAL A 170 16.74 28.57 21.85
C VAL A 170 15.94 29.28 20.78
N TYR A 171 16.23 28.99 19.51
CA TYR A 171 15.40 29.44 18.42
C TYR A 171 14.63 28.25 17.88
N TYR A 172 13.36 28.47 17.56
CA TYR A 172 12.53 27.46 16.93
C TYR A 172 12.02 28.01 15.61
N VAL A 173 12.34 27.32 14.52
CA VAL A 173 11.93 27.69 13.18
C VAL A 173 10.88 26.70 12.72
N PRO A 174 9.61 27.09 12.59
CA PRO A 174 8.60 26.14 12.14
C PRO A 174 8.50 26.09 10.63
N ARG A 175 8.49 24.89 10.05
CA ARG A 175 8.22 24.72 8.63
C ARG A 175 6.77 24.40 8.33
N TYR A 176 5.96 24.16 9.35
CA TYR A 176 4.52 23.95 9.22
C TYR A 176 3.79 25.14 9.81
N LYS A 177 2.60 25.42 9.30
CA LYS A 177 1.78 26.53 9.78
C LYS A 177 0.76 25.97 10.76
N ASP A 178 1.01 26.19 12.05
CA ASP A 178 0.12 25.74 13.11
C ASP A 178 0.44 26.53 14.37
N GLU A 179 -0.50 26.52 15.30
CA GLU A 179 -0.21 27.04 16.63
C GLU A 179 0.92 26.23 17.24
N TYR A 180 1.86 26.92 17.88
CA TYR A 180 3.04 26.29 18.43
C TYR A 180 2.89 26.25 19.94
N GLN A 181 2.98 25.06 20.51
CA GLN A 181 2.92 24.89 21.96
C GLN A 181 4.36 24.99 22.45
N LEU A 182 4.76 26.19 22.85
CA LEU A 182 6.13 26.45 23.22
C LEU A 182 6.20 27.31 24.46
N VAL A 183 7.22 27.06 25.28
CA VAL A 183 7.45 27.87 26.46
C VAL A 183 7.92 29.26 26.05
N SER A 184 7.85 30.20 26.99
CA SER A 184 8.20 31.58 26.69
C SER A 184 9.67 31.72 26.31
N ALA A 185 10.55 30.90 26.89
CA ALA A 185 11.97 31.04 26.63
C ALA A 185 12.32 30.83 25.16
N VAL A 186 11.60 29.94 24.47
CA VAL A 186 11.88 29.66 23.07
C VAL A 186 11.44 30.84 22.20
N GLU A 187 12.31 31.25 21.28
CA GLU A 187 11.98 32.31 20.34
C GLU A 187 11.60 31.68 19.01
N ILE A 188 10.45 32.09 18.48
CA ILE A 188 9.95 31.55 17.22
C ILE A 188 10.49 32.42 16.09
N VAL A 189 11.01 31.79 15.05
CA VAL A 189 11.60 32.48 13.92
C VAL A 189 10.89 31.96 12.67
N LYS A 190 9.95 32.76 12.14
CA LYS A 190 9.17 32.37 10.97
C LYS A 190 9.90 32.86 9.72
N ASP A 191 10.85 32.04 9.26
CA ASP A 191 11.55 32.34 8.02
C ASP A 191 12.06 31.02 7.44
N VAL A 192 12.51 31.09 6.19
CA VAL A 192 12.85 29.91 5.40
C VAL A 192 14.34 29.63 5.57
N PRO A 193 14.74 28.46 6.07
CA PRO A 193 16.18 28.17 6.18
C PRO A 193 16.82 28.10 4.80
N VAL A 194 18.08 28.54 4.75
CA VAL A 194 18.81 28.56 3.49
C VAL A 194 20.10 27.75 3.60
N GLU A 195 20.94 28.12 4.54
CA GLU A 195 22.29 27.58 4.59
C GLU A 195 22.83 27.61 6.01
N ILE A 196 23.63 26.61 6.35
CA ILE A 196 24.38 26.58 7.60
C ILE A 196 25.83 26.86 7.27
N VAL A 197 26.44 27.79 8.00
CA VAL A 197 27.79 28.26 7.71
C VAL A 197 28.60 28.29 8.99
N GLY A 198 29.88 27.99 8.86
CA GLY A 198 30.81 28.08 9.97
C GLY A 198 32.21 27.91 9.43
N ASP A 199 33.17 28.43 10.18
CA ASP A 199 34.57 28.31 9.77
C ASP A 199 35.06 26.90 10.05
N LYS A 200 35.22 26.55 11.32
CA LYS A 200 35.57 25.19 11.72
C LYS A 200 34.35 24.38 12.12
N LYS A 201 33.43 24.98 12.88
CA LYS A 201 32.19 24.34 13.28
C LYS A 201 31.03 25.29 12.99
N VAL A 202 29.80 24.78 13.13
CA VAL A 202 28.62 25.59 12.86
C VAL A 202 28.63 26.84 13.72
N GLU A 203 28.40 27.99 13.09
CA GLU A 203 28.37 29.27 13.79
C GLU A 203 27.06 30.04 13.55
N LYS A 204 26.50 29.93 12.35
CA LYS A 204 25.30 30.70 12.02
C LYS A 204 24.42 29.92 11.06
N LEU A 205 23.12 30.19 11.15
CA LEU A 205 22.11 29.67 10.25
C LEU A 205 21.51 30.83 9.46
N LYS A 206 21.64 30.78 8.14
CA LYS A 206 21.17 31.86 7.28
C LYS A 206 19.79 31.53 6.73
N LEU A 207 18.85 32.46 6.90
CA LEU A 207 17.51 32.32 6.34
C LEU A 207 17.33 33.37 5.24
N LYS A 208 16.17 33.31 4.58
CA LYS A 208 15.92 34.20 3.45
C LYS A 208 16.08 35.66 3.85
N SER A 209 15.45 36.06 4.96
CA SER A 209 15.45 37.46 5.39
C SER A 209 16.05 37.64 6.77
N ARG A 210 16.77 36.65 7.30
CA ARG A 210 17.29 36.75 8.65
C ARG A 210 18.54 35.89 8.77
N GLU A 211 19.40 36.26 9.71
CA GLU A 211 20.60 35.51 10.04
C GLU A 211 20.61 35.25 11.54
N LEU A 212 20.95 34.02 11.93
CA LEU A 212 20.98 33.63 13.33
C LEU A 212 22.37 33.10 13.67
N GLU A 213 23.02 33.74 14.64
CA GLU A 213 24.28 33.23 15.17
C GLU A 213 23.96 32.18 16.21
N THR A 214 24.41 30.94 15.98
CA THR A 214 24.07 29.86 16.88
C THR A 214 25.20 28.83 16.89
N ASP A 215 25.37 28.19 18.04
CA ASP A 215 26.40 27.15 18.16
C ASP A 215 25.94 25.84 17.54
N GLY A 216 24.69 25.47 17.77
CA GLY A 216 24.17 24.21 17.25
C GLY A 216 22.83 24.37 16.58
N VAL A 217 22.62 23.56 15.54
CA VAL A 217 21.40 23.53 14.76
C VAL A 217 20.86 22.11 14.79
N PHE A 218 19.57 21.98 15.12
CA PHE A 218 18.90 20.69 15.10
C PHE A 218 17.82 20.70 14.04
N VAL A 219 17.82 19.71 13.17
CA VAL A 219 16.83 19.58 12.12
C VAL A 219 16.00 18.35 12.45
N LEU A 220 14.80 18.57 12.97
CA LEU A 220 13.91 17.49 13.38
C LEU A 220 12.88 17.34 12.27
N LYS A 221 12.96 16.22 11.56
CA LYS A 221 12.25 16.05 10.31
C LYS A 221 11.11 15.06 10.46
N ASP A 222 10.04 15.29 9.70
CA ASP A 222 8.91 14.38 9.68
C ASP A 222 9.18 13.17 8.77
N SER A 223 9.83 13.40 7.63
CA SER A 223 10.16 12.34 6.68
C SER A 223 11.68 12.23 6.63
N ALA A 224 12.23 11.29 7.41
CA ALA A 224 13.67 11.17 7.50
C ALA A 224 14.24 10.62 6.20
N PRO A 225 15.47 10.99 5.84
CA PRO A 225 16.12 10.38 4.68
C PRO A 225 16.55 8.96 5.00
N PRO A 226 16.76 8.14 3.97
CA PRO A 226 17.16 6.75 4.25
C PRO A 226 18.47 6.64 4.99
N GLU A 227 19.43 7.52 4.69
CA GLU A 227 20.73 7.45 5.35
C GLU A 227 20.60 7.63 6.86
N GLN A 228 19.77 8.57 7.29
CA GLN A 228 19.57 8.81 8.72
C GLN A 228 18.70 7.74 9.35
N LEU A 229 17.61 7.36 8.69
CA LEU A 229 16.74 6.33 9.23
C LEU A 229 17.52 5.06 9.52
N VAL A 230 18.39 4.67 8.61
CA VAL A 230 19.20 3.47 8.80
C VAL A 230 20.65 3.93 8.91
N PRO A 231 21.18 4.13 10.12
CA PRO A 231 22.60 4.50 10.22
C PRO A 231 23.48 3.49 9.52
N GLY A 232 24.43 4.00 8.73
CA GLY A 232 25.37 3.15 8.03
C GLY A 232 24.95 2.78 6.63
N LEU A 233 23.73 3.13 6.23
CA LEU A 233 23.26 2.80 4.89
C LEU A 233 24.00 3.67 3.88
N TYR A 234 24.46 3.06 2.80
CA TYR A 234 25.17 3.80 1.77
C TYR A 234 24.15 4.33 0.76
N VAL A 235 24.13 5.64 0.59
CA VAL A 235 23.19 6.30 -0.30
C VAL A 235 23.97 7.18 -1.24
N GLU A 236 23.75 7.02 -2.54
CA GLU A 236 24.43 7.85 -3.53
C GLU A 236 23.38 8.40 -4.48
N ASP A 237 23.49 9.69 -4.79
CA ASP A 237 22.57 10.35 -5.71
C ASP A 237 21.18 10.47 -5.11
N GLY A 238 21.07 10.38 -3.79
CA GLY A 238 19.80 10.50 -3.10
C GLY A 238 18.94 9.25 -3.07
N HIS A 239 19.48 8.12 -3.53
CA HIS A 239 18.74 6.88 -3.55
C HIS A 239 19.61 5.78 -2.95
N ILE A 240 18.99 4.82 -2.28
CA ILE A 240 19.74 3.75 -1.66
C ILE A 240 20.46 2.91 -2.70
N LYS A 241 21.69 2.52 -2.39
CA LYS A 241 22.48 1.71 -3.30
C LYS A 241 22.05 0.25 -3.20
N VAL A 242 21.89 -0.39 -4.35
CA VAL A 242 21.47 -1.79 -4.40
C VAL A 242 22.20 -2.46 -5.55
N ASN A 243 22.55 -3.71 -5.34
CA ASN A 243 23.17 -4.54 -6.36
C ASN A 243 22.05 -5.21 -7.17
N ARG A 244 22.37 -6.14 -8.05
CA ARG A 244 21.32 -6.83 -8.82
C ARG A 244 20.27 -7.53 -7.92
N LYS A 245 20.67 -8.12 -6.80
CA LYS A 245 19.73 -8.79 -5.91
C LYS A 245 19.00 -7.84 -4.97
N MET A 246 19.21 -6.54 -5.08
CA MET A 246 18.54 -5.59 -4.19
C MET A 246 19.15 -5.60 -2.78
N GLU A 247 20.47 -5.76 -2.71
CA GLU A 247 21.20 -5.76 -1.45
C GLU A 247 21.84 -4.39 -1.25
N THR A 248 21.73 -3.85 -0.04
CA THR A 248 22.38 -2.58 0.26
C THR A 248 23.81 -2.87 0.73
N ASN A 249 24.53 -1.80 1.11
CA ASN A 249 25.86 -1.98 1.66
C ASN A 249 25.82 -2.75 2.97
N ILE A 250 24.71 -2.65 3.70
CA ILE A 250 24.57 -3.39 4.95
C ILE A 250 24.07 -4.79 4.61
N ASP A 251 24.79 -5.80 5.08
CA ASP A 251 24.37 -7.17 4.83
C ASP A 251 23.01 -7.41 5.46
N GLY A 252 22.19 -8.22 4.78
CA GLY A 252 20.87 -8.52 5.28
C GLY A 252 19.91 -7.35 5.32
N CYS A 253 20.23 -6.24 4.66
CA CYS A 253 19.31 -5.11 4.55
C CYS A 253 19.09 -4.84 3.08
N TYR A 254 17.85 -4.98 2.64
CA TYR A 254 17.45 -4.82 1.25
C TYR A 254 16.67 -3.53 1.07
N ALA A 255 16.44 -3.17 -0.19
CA ALA A 255 15.68 -1.98 -0.51
C ALA A 255 15.00 -2.20 -1.85
N ALA A 256 13.80 -1.63 -1.99
CA ALA A 256 13.01 -1.86 -3.20
C ALA A 256 12.02 -0.72 -3.37
N GLY A 257 11.76 -0.39 -4.63
CA GLY A 257 10.76 0.61 -4.95
C GLY A 257 11.37 1.94 -5.30
N ASP A 258 10.62 3.02 -5.04
CA ASP A 258 11.09 4.35 -5.37
C ASP A 258 12.42 4.69 -4.70
N CYS A 259 12.67 4.09 -3.54
CA CYS A 259 13.90 4.35 -2.80
C CYS A 259 15.18 3.96 -3.56
N THR A 260 15.17 2.85 -4.31
CA THR A 260 16.35 2.45 -5.07
C THR A 260 16.82 3.52 -6.08
N GLY A 261 15.93 4.28 -6.71
CA GLY A 261 16.34 5.30 -7.65
C GLY A 261 16.16 5.13 -9.15
N LYS A 262 15.42 4.11 -9.61
CA LYS A 262 15.16 3.89 -11.03
C LYS A 262 13.89 4.64 -11.47
N PRO A 263 13.33 4.32 -12.66
CA PRO A 263 12.10 5.05 -12.99
C PRO A 263 11.02 4.74 -11.98
N TYR A 264 10.25 5.74 -11.54
CA TYR A 264 9.27 5.52 -10.51
C TYR A 264 7.99 4.97 -11.12
N GLN A 265 7.80 3.66 -11.03
CA GLN A 265 6.63 3.03 -11.56
C GLN A 265 6.22 1.87 -10.66
N TYR A 266 4.96 1.51 -10.74
CA TYR A 266 4.41 0.40 -9.97
C TYR A 266 5.12 -0.91 -10.31
N MET A 267 5.22 -1.24 -11.60
CA MET A 267 5.69 -2.57 -11.99
C MET A 267 7.16 -2.77 -11.60
N LYS A 268 8.00 -1.74 -11.74
CA LYS A 268 9.35 -1.86 -11.19
C LYS A 268 9.30 -2.02 -9.67
N ALA A 269 8.47 -1.23 -9.01
CA ALA A 269 8.38 -1.28 -7.56
C ALA A 269 8.03 -2.68 -7.07
N VAL A 270 7.03 -3.30 -7.70
CA VAL A 270 6.63 -4.64 -7.27
C VAL A 270 7.74 -5.64 -7.56
N GLY A 271 8.33 -5.55 -8.76
CA GLY A 271 9.44 -6.43 -9.09
C GLY A 271 10.59 -6.28 -8.11
N GLU A 272 11.00 -5.05 -7.85
CA GLU A 272 12.09 -4.82 -6.91
C GLU A 272 11.76 -5.42 -5.55
N GLY A 273 10.53 -5.22 -5.08
CA GLY A 273 10.14 -5.81 -3.81
C GLY A 273 10.20 -7.32 -3.80
N GLN A 274 9.74 -7.95 -4.89
CA GLN A 274 9.77 -9.41 -4.97
C GLN A 274 11.20 -9.94 -4.90
N VAL A 275 12.10 -9.35 -5.70
CA VAL A 275 13.47 -9.83 -5.73
C VAL A 275 14.09 -9.73 -4.35
N ALA A 276 13.82 -8.63 -3.64
CA ALA A 276 14.35 -8.50 -2.29
C ALA A 276 13.85 -9.62 -1.39
N ALA A 277 12.54 -9.86 -1.40
CA ALA A 277 11.97 -10.85 -0.49
C ALA A 277 12.52 -12.24 -0.77
N LEU A 278 12.51 -12.66 -2.04
CA LEU A 278 12.98 -14.00 -2.36
C LEU A 278 14.44 -14.19 -1.96
N ASN A 279 15.29 -13.18 -2.23
CA ASN A 279 16.68 -13.28 -1.81
C ASN A 279 16.81 -13.23 -0.29
N ALA A 280 15.96 -12.43 0.38
CA ALA A 280 16.00 -12.41 1.84
C ALA A 280 15.68 -13.79 2.39
N VAL A 281 14.65 -14.45 1.84
CA VAL A 281 14.34 -15.81 2.24
C VAL A 281 15.54 -16.72 2.00
N GLU A 282 16.19 -16.59 0.84
CA GLU A 282 17.32 -17.45 0.55
C GLU A 282 18.39 -17.35 1.64
N LYS A 283 18.70 -16.13 2.07
CA LYS A 283 19.76 -15.94 3.05
C LYS A 283 19.44 -16.54 4.41
N LEU A 284 18.16 -16.61 4.78
CA LEU A 284 17.81 -17.24 6.04
C LEU A 284 18.41 -18.64 6.10
N TYR A 285 18.21 -19.43 5.04
CA TYR A 285 18.94 -20.66 4.85
C TYR A 285 20.29 -20.36 4.21
N THR A 286 21.27 -21.21 4.49
CA THR A 286 22.62 -21.01 3.98
C THR A 286 23.11 -19.59 4.27
N GLU B 10 40.73 7.58 34.98
CA GLU B 10 40.97 8.62 33.99
C GLU B 10 42.45 8.64 33.61
N SER B 11 43.31 8.70 34.63
CA SER B 11 44.75 8.69 34.41
C SER B 11 45.16 7.47 33.57
N ILE B 12 44.58 6.31 33.88
CA ILE B 12 44.91 5.09 33.14
C ILE B 12 44.61 5.26 31.67
N PHE B 13 43.49 5.91 31.35
CA PHE B 13 43.13 6.12 29.95
C PHE B 13 44.14 7.01 29.25
N ASP B 14 44.54 8.11 29.91
CA ASP B 14 45.52 9.02 29.32
C ASP B 14 46.84 8.31 29.05
N GLU B 15 47.28 7.47 29.99
CA GLU B 15 48.51 6.71 29.76
C GLU B 15 48.36 5.81 28.54
N GLU B 16 47.21 5.15 28.41
CA GLU B 16 46.97 4.29 27.25
C GLU B 16 46.95 5.10 25.95
N ILE B 17 46.35 6.30 25.98
CA ILE B 17 46.29 7.12 24.79
C ILE B 17 47.69 7.40 24.26
N LYS B 18 48.64 7.70 25.16
CA LYS B 18 50.01 7.96 24.74
C LYS B 18 50.66 6.70 24.18
N THR B 19 50.43 5.55 24.81
CA THR B 19 51.03 4.30 24.36
C THR B 19 50.46 3.90 23.01
N SER B 20 51.12 2.93 22.38
CA SER B 20 50.64 2.33 21.14
C SER B 20 50.75 3.30 19.97
N GLU B 22 49.12 0.32 17.24
CA GLU B 22 48.04 -0.09 18.13
C GLU B 22 47.08 1.06 18.40
N PRO B 23 46.16 1.31 17.46
CA PRO B 23 45.20 2.41 17.64
C PRO B 23 44.31 2.20 18.85
N VAL B 24 43.83 3.32 19.40
CA VAL B 24 42.97 3.33 20.56
C VAL B 24 41.66 4.02 20.19
N ILE B 25 40.54 3.36 20.47
CA ILE B 25 39.21 3.85 20.11
C ILE B 25 38.47 4.27 21.36
N VAL B 26 37.90 5.47 21.34
CA VAL B 26 37.11 6.00 22.45
C VAL B 26 35.64 6.01 22.03
N ASP B 27 34.79 5.39 22.83
CA ASP B 27 33.35 5.41 22.61
C ASP B 27 32.73 6.39 23.62
N PHE B 28 32.13 7.45 23.11
CA PHE B 28 31.51 8.45 23.98
C PHE B 28 30.02 8.13 24.01
N TRP B 29 29.46 7.89 25.19
CA TRP B 29 28.06 7.54 25.30
C TRP B 29 27.43 8.11 26.56
N ALA B 30 26.10 8.16 26.57
CA ALA B 30 25.38 8.65 27.72
C ALA B 30 24.28 7.64 28.02
N PRO B 31 23.88 7.51 29.30
CA PRO B 31 22.83 6.52 29.57
C PRO B 31 21.54 6.85 28.85
N TRP B 32 21.20 8.13 28.80
CA TRP B 32 19.99 8.59 28.13
C TRP B 32 19.94 8.36 26.62
N CYS B 33 21.08 8.54 25.93
CA CYS B 33 21.09 8.41 24.48
C CYS B 33 20.90 6.95 24.02
N GLY B 34 19.87 6.69 23.21
CA GLY B 34 19.63 5.35 22.71
C GLY B 34 20.72 4.83 21.80
N PRO B 35 21.22 5.66 20.87
CA PRO B 35 22.26 5.13 20.00
C PRO B 35 23.51 4.71 20.75
N SER B 36 23.94 5.51 21.73
CA SER B 36 25.13 5.18 22.50
C SER B 36 24.98 3.78 23.09
N LYS B 37 23.81 3.42 23.57
CA LYS B 37 23.63 2.11 24.15
C LYS B 37 23.85 1.05 23.07
N MET B 38 23.38 1.32 21.86
CA MET B 38 23.54 0.37 20.77
C MET B 38 25.02 0.14 20.45
N LEU B 39 25.80 1.20 20.40
CA LEU B 39 27.23 1.11 20.15
C LEU B 39 28.02 0.28 21.17
N GLY B 40 27.69 0.35 22.46
CA GLY B 40 28.46 -0.39 23.45
C GLY B 40 28.43 -1.87 23.17
N PRO B 41 27.24 -2.42 22.86
CA PRO B 41 27.30 -3.83 22.46
C PRO B 41 28.13 -4.00 21.19
N ILE B 42 28.00 -3.13 20.19
CA ILE B 42 28.81 -3.25 19.00
C ILE B 42 30.29 -3.09 19.36
N ILE B 43 30.64 -2.12 20.20
CA ILE B 43 32.02 -1.99 20.63
C ILE B 43 32.50 -3.20 21.40
N ASP B 44 31.68 -3.77 22.29
CA ASP B 44 32.12 -4.98 22.97
C ASP B 44 32.38 -6.07 21.93
N GLU B 45 31.49 -6.26 20.95
CA GLU B 45 31.76 -7.25 19.93
C GLU B 45 33.05 -6.94 19.17
N LEU B 46 33.29 -5.67 18.81
CA LEU B 46 34.51 -5.31 18.12
C LEU B 46 35.76 -5.61 18.95
N SER B 47 35.75 -5.29 20.24
CA SER B 47 36.92 -5.58 21.06
C SER B 47 37.14 -7.09 21.10
N GLU B 48 36.10 -7.91 21.25
CA GLU B 48 36.33 -9.34 21.22
C GLU B 48 36.92 -9.78 19.87
N ASP B 49 36.38 -9.29 18.76
CA ASP B 49 36.89 -9.67 17.43
C ASP B 49 38.33 -9.23 17.19
N LEU B 50 38.67 -8.02 17.63
CA LEU B 50 39.99 -7.46 17.43
C LEU B 50 40.79 -7.38 18.71
N ASP B 51 41.86 -8.16 18.72
CA ASP B 51 42.74 -8.26 19.88
C ASP B 51 44.18 -8.23 19.35
N GLY B 52 44.62 -7.05 18.96
CA GLY B 52 45.94 -6.90 18.36
C GLY B 52 46.00 -5.69 17.45
N LYS B 53 45.05 -5.58 16.51
CA LYS B 53 45.03 -4.42 15.63
C LYS B 53 44.81 -3.15 16.44
N ALA B 54 43.80 -3.14 17.31
CA ALA B 54 43.44 -1.95 18.07
C ALA B 54 42.93 -2.36 19.45
N LYS B 55 42.84 -1.35 20.33
CA LYS B 55 42.29 -1.52 21.68
C LYS B 55 41.19 -0.50 21.89
N PHE B 56 40.15 -0.90 22.62
CA PHE B 56 38.94 -0.09 22.80
C PHE B 56 38.79 0.34 24.25
N THR B 57 38.29 1.55 24.45
CA THR B 57 37.95 2.06 25.78
C THR B 57 36.61 2.77 25.69
N LYS B 58 35.83 2.67 26.76
CA LYS B 58 34.49 3.24 26.82
C LYS B 58 34.45 4.39 27.81
N VAL B 59 34.00 5.55 27.34
CA VAL B 59 33.86 6.74 28.17
C VAL B 59 32.39 7.09 28.31
N ASN B 60 31.93 7.20 29.55
CA ASN B 60 30.58 7.68 29.81
C ASN B 60 30.63 9.19 29.79
N VAL B 61 29.95 9.82 28.81
CA VAL B 61 29.99 11.26 28.71
C VAL B 61 29.40 11.89 29.96
N ASP B 62 28.42 11.21 30.57
CA ASP B 62 27.81 11.73 31.78
C ASP B 62 28.81 11.79 32.92
N GLU B 63 29.67 10.77 33.04
CA GLU B 63 30.63 10.67 34.13
C GLU B 63 31.92 11.42 33.88
N ASN B 64 32.28 11.70 32.63
CA ASN B 64 33.54 12.35 32.29
C ASN B 64 33.32 13.56 31.40
N PRO B 65 32.54 14.54 31.86
CA PRO B 65 32.35 15.76 31.04
C PRO B 65 33.65 16.41 30.59
N GLY B 66 34.67 16.46 31.45
CA GLY B 66 35.92 17.07 31.07
C GLY B 66 36.54 16.42 29.84
N ILE B 67 36.54 15.08 29.81
CA ILE B 67 37.09 14.37 28.66
C ILE B 67 36.37 14.76 27.38
N ALA B 68 35.05 14.89 27.44
CA ALA B 68 34.27 15.17 26.24
C ALA B 68 34.59 16.55 25.67
N SER B 69 34.53 17.59 26.49
CA SER B 69 34.74 18.95 26.00
C SER B 69 36.11 19.11 25.36
N LYS B 70 37.14 18.49 25.96
CA LYS B 70 38.50 18.68 25.47
C LYS B 70 38.64 18.29 24.00
N PHE B 71 38.02 17.19 23.60
CA PHE B 71 38.15 16.68 22.23
C PHE B 71 37.09 17.22 21.28
N GLY B 72 36.25 18.13 21.77
CA GLY B 72 35.17 18.70 20.98
C GLY B 72 34.17 17.70 20.43
N ILE B 73 33.69 16.82 21.30
CA ILE B 73 32.69 15.83 20.89
C ILE B 73 31.43 16.61 20.48
N ALA B 74 30.87 16.31 19.32
CA ALA B 74 29.68 17.01 18.84
C ALA B 74 28.36 16.31 19.12
N SER B 75 28.39 15.01 19.41
CA SER B 75 27.17 14.26 19.66
C SER B 75 27.36 13.30 20.83
N ILE B 76 26.27 12.91 21.48
CA ILE B 76 26.38 12.01 22.62
C ILE B 76 26.98 10.67 22.21
N PRO B 77 26.55 10.12 21.07
CA PRO B 77 27.21 8.86 20.70
C PRO B 77 28.25 9.13 19.62
N THR B 78 29.53 9.12 19.98
CA THR B 78 30.58 9.36 19.01
C THR B 78 31.73 8.38 19.21
N VAL B 79 32.33 7.90 18.12
CA VAL B 79 33.45 6.98 18.22
C VAL B 79 34.68 7.73 17.76
N MET B 80 35.67 7.82 18.64
CA MET B 80 36.90 8.54 18.33
C MET B 80 38.11 7.61 18.41
N ILE B 81 38.99 7.68 17.42
CA ILE B 81 40.19 6.86 17.40
C ILE B 81 41.43 7.72 17.17
N PRO B 87 42.19 11.19 17.38
CA PRO B 87 42.96 12.11 16.53
C PRO B 87 43.01 11.70 15.07
N VAL B 88 43.27 10.43 14.77
CA VAL B 88 43.34 9.96 13.40
C VAL B 88 42.02 10.10 12.63
N GLU B 89 40.89 9.77 13.24
CA GLU B 89 39.60 9.89 12.58
C GLU B 89 38.49 9.98 13.62
N THR B 90 37.37 10.60 13.24
CA THR B 90 36.25 10.77 14.15
C THR B 90 34.93 10.41 13.49
N LEU B 91 34.25 9.41 14.06
CA LEU B 91 32.96 8.96 13.56
C LEU B 91 31.87 9.41 14.52
N VAL B 92 30.90 10.16 14.01
CA VAL B 92 29.81 10.67 14.84
C VAL B 92 28.55 9.87 14.54
N GLY B 93 27.78 9.57 15.58
CA GLY B 93 26.56 8.84 15.42
C GLY B 93 26.77 7.33 15.39
N PHE B 94 25.67 6.61 15.57
CA PHE B 94 25.72 5.15 15.50
C PHE B 94 26.21 4.68 14.13
N ARG B 95 27.03 3.64 14.14
CA ARG B 95 27.48 2.96 12.93
C ARG B 95 27.52 1.46 13.18
N PRO B 96 27.27 0.66 12.16
CA PRO B 96 27.34 -0.80 12.32
C PRO B 96 28.78 -1.28 12.39
N LYS B 97 28.95 -2.52 12.85
CA LYS B 97 30.28 -3.09 13.01
C LYS B 97 31.08 -3.02 11.71
N GLN B 98 30.49 -3.48 10.60
CA GLN B 98 31.23 -3.55 9.35
C GLN B 98 31.83 -2.19 8.98
N SER B 99 31.05 -1.11 9.11
CA SER B 99 31.55 0.20 8.73
C SER B 99 32.71 0.63 9.64
N ILE B 100 32.54 0.44 10.95
CA ILE B 100 33.61 0.80 11.88
C ILE B 100 34.86 0.00 11.59
N THR B 101 34.71 -1.32 11.45
CA THR B 101 35.86 -2.19 11.21
C THR B 101 36.63 -1.73 9.97
N ALA B 102 35.92 -1.52 8.86
CA ALA B 102 36.58 -1.09 7.63
C ALA B 102 37.34 0.22 7.83
N SER B 103 36.72 1.19 8.53
CA SER B 103 37.39 2.46 8.76
C SER B 103 38.69 2.25 9.54
N ILE B 104 38.68 1.33 10.50
CA ILE B 104 39.91 1.00 11.23
C ILE B 104 40.92 0.39 10.28
N GLU B 105 40.47 -0.53 9.42
CA GLU B 105 41.39 -1.32 8.62
C GLU B 105 42.35 -0.42 7.84
N LYS B 106 41.80 0.50 7.05
CA LYS B 106 42.64 1.43 6.31
C LYS B 106 43.42 2.33 7.26
N HIS B 107 42.73 2.90 8.25
CA HIS B 107 43.35 3.90 9.12
C HIS B 107 44.43 3.29 9.99
N MET B 108 44.23 2.08 10.48
CA MET B 108 45.24 1.43 11.30
C MET B 108 45.63 2.38 12.43
N MET C 4 4.65 -11.23 25.91
CA MET C 4 3.26 -11.39 26.42
C MET C 4 3.09 -12.69 27.19
N GLU C 5 3.94 -12.89 28.20
CA GLU C 5 3.98 -14.11 29.01
C GLU C 5 3.54 -13.77 30.44
N ARG C 6 2.30 -14.14 30.78
CA ARG C 6 1.73 -13.82 32.08
C ARG C 6 2.66 -14.16 33.23
N TYR C 7 2.95 -13.15 34.07
CA TYR C 7 3.70 -13.36 35.30
C TYR C 7 2.80 -13.97 36.37
N ASP C 8 3.42 -14.65 37.33
CA ASP C 8 2.65 -15.26 38.41
C ASP C 8 2.01 -14.19 39.30
N ILE C 9 2.79 -13.21 39.72
CA ILE C 9 2.34 -12.21 40.66
C ILE C 9 2.83 -10.84 40.19
N ALA C 10 1.94 -9.86 40.24
CA ALA C 10 2.26 -8.49 39.88
C ALA C 10 2.09 -7.60 41.12
N ILE C 11 3.15 -6.87 41.46
CA ILE C 11 3.17 -6.05 42.67
C ILE C 11 3.18 -4.59 42.24
N ILE C 12 2.22 -3.82 42.73
CA ILE C 12 2.02 -2.44 42.33
C ILE C 12 2.62 -1.57 43.43
N GLY C 13 3.79 -1.01 43.15
CA GLY C 13 4.46 -0.18 44.13
C GLY C 13 5.69 -0.88 44.69
N SER C 14 6.71 -0.08 44.98
CA SER C 14 8.01 -0.60 45.42
C SER C 14 8.34 -0.13 46.83
N GLY C 15 7.32 0.06 47.67
CA GLY C 15 7.52 0.44 49.04
C GLY C 15 7.75 -0.77 49.92
N PRO C 16 7.80 -0.55 51.24
CA PRO C 16 8.03 -1.69 52.16
C PRO C 16 7.06 -2.85 51.95
N ALA C 17 5.76 -2.56 51.88
CA ALA C 17 4.79 -3.62 51.64
C ALA C 17 5.05 -4.30 50.30
N GLY C 18 5.19 -3.51 49.24
CA GLY C 18 5.44 -4.08 47.93
C GLY C 18 6.67 -4.98 47.91
N LEU C 19 7.76 -4.52 48.54
CA LEU C 19 8.97 -5.34 48.58
C LEU C 19 8.78 -6.56 49.46
N ALA C 20 8.16 -6.39 50.63
CA ALA C 20 7.93 -7.54 51.51
C ALA C 20 7.15 -8.63 50.78
N SER C 21 6.15 -8.24 49.99
CA SER C 21 5.43 -9.22 49.17
C SER C 21 6.38 -9.86 48.16
N ALA C 22 7.24 -9.06 47.53
CA ALA C 22 8.09 -9.56 46.46
C ALA C 22 9.02 -10.67 46.95
N ILE C 23 9.79 -10.42 48.02
CA ILE C 23 10.78 -11.41 48.45
C ILE C 23 10.10 -12.70 48.87
N ASN C 24 8.89 -12.60 49.44
CA ASN C 24 8.16 -13.80 49.80
C ASN C 24 7.66 -14.53 48.56
N ALA C 25 7.22 -13.78 47.55
CA ALA C 25 6.83 -14.40 46.30
C ALA C 25 8.05 -15.03 45.60
N LYS C 26 9.21 -14.35 45.64
CA LYS C 26 10.40 -14.91 45.03
C LYS C 26 10.88 -16.17 45.73
N THR C 27 10.57 -16.29 47.02
CA THR C 27 11.00 -17.44 47.81
C THR C 27 10.42 -18.76 47.31
N ARG C 28 9.23 -18.70 46.71
CA ARG C 28 8.53 -19.90 46.25
C ARG C 28 8.63 -20.22 44.75
N ASN C 29 9.66 -19.70 44.08
CA ASN C 29 9.91 -19.93 42.65
C ASN C 29 8.76 -19.54 41.72
N LYS C 30 8.18 -18.38 42.00
CA LYS C 30 7.10 -17.80 41.20
C LYS C 30 7.62 -16.51 40.58
N SER C 31 7.40 -16.36 39.28
CA SER C 31 7.85 -15.17 38.58
C SER C 31 7.10 -13.94 39.10
N VAL C 32 7.84 -12.88 39.36
CA VAL C 32 7.32 -11.69 40.01
C VAL C 32 7.77 -10.46 39.24
N ILE C 33 6.90 -9.47 39.19
CA ILE C 33 7.20 -8.17 38.62
C ILE C 33 6.82 -7.11 39.62
N VAL C 34 7.69 -6.13 39.80
CA VAL C 34 7.45 -5.04 40.75
C VAL C 34 7.43 -3.74 39.97
N PHE C 35 6.30 -3.06 40.03
CA PHE C 35 6.15 -1.74 39.44
C PHE C 35 6.37 -0.69 40.52
N GLY C 36 7.14 0.34 40.19
CA GLY C 36 7.41 1.41 41.13
C GLY C 36 8.55 2.27 40.63
N SER C 37 9.03 3.12 41.52
CA SER C 37 10.15 4.00 41.22
C SER C 37 11.48 3.34 41.56
N SER C 38 12.53 3.77 40.87
CA SER C 38 13.87 3.30 41.21
C SER C 38 14.23 3.67 42.64
N ASP C 39 13.80 4.84 43.10
CA ASP C 39 14.03 5.25 44.48
C ASP C 39 13.19 4.46 45.48
N LEU C 40 12.18 3.71 45.00
CA LEU C 40 11.38 2.82 45.83
C LEU C 40 10.39 3.56 46.72
N SER C 41 10.86 4.43 47.62
CA SER C 41 9.92 5.12 48.49
C SER C 41 10.48 6.47 48.89
N LYS C 42 9.74 7.52 48.54
CA LYS C 42 10.09 8.87 48.96
C LYS C 42 9.94 9.01 50.47
N LYS C 43 8.92 8.35 51.01
CA LYS C 43 8.66 8.37 52.45
C LYS C 43 9.79 7.77 53.28
N LEU C 44 10.35 6.64 52.87
CA LEU C 44 11.43 6.04 53.64
C LEU C 44 12.67 6.94 53.73
N THR C 45 13.09 7.51 52.61
CA THR C 45 14.23 8.41 52.62
C THR C 45 14.00 9.69 53.46
N LEU C 46 12.81 10.29 53.37
CA LEU C 46 12.50 11.49 54.14
C LEU C 46 12.52 11.34 55.65
N ALA C 47 12.05 10.23 56.20
CA ALA C 47 12.02 10.09 57.66
C ALA C 47 13.43 10.20 58.24
N PRO C 48 13.60 11.06 59.26
CA PRO C 48 14.91 11.28 59.89
C PRO C 48 15.54 10.08 60.61
N VAL C 49 14.75 9.36 61.39
CA VAL C 49 15.25 8.20 62.12
C VAL C 49 14.09 7.28 62.46
N ILE C 50 14.34 5.98 62.52
CA ILE C 50 13.28 5.03 62.84
C ILE C 50 13.67 4.18 64.03
N ASN C 51 12.85 4.19 65.08
CA ASN C 51 13.11 3.37 66.25
C ASN C 51 12.13 2.23 66.43
N ASN C 52 10.97 2.28 65.77
CA ASN C 52 9.96 1.25 65.97
C ASN C 52 10.02 0.13 64.94
N TYR C 53 10.99 0.13 64.04
CA TYR C 53 11.22 -1.03 63.19
C TYR C 53 12.18 -1.97 63.92
N LEU C 54 11.70 -3.16 64.25
CA LEU C 54 12.44 -4.04 65.14
C LEU C 54 13.71 -4.56 64.46
N GLY C 55 14.84 -4.39 65.14
CA GLY C 55 16.12 -4.82 64.65
C GLY C 55 16.97 -3.71 64.07
N PHE C 56 16.37 -2.56 63.74
CA PHE C 56 17.11 -1.43 63.18
C PHE C 56 16.83 -0.16 63.97
N TYR C 57 17.19 -0.14 65.24
CA TYR C 57 17.00 1.08 66.02
C TYR C 57 17.91 2.18 65.51
N GLY C 58 17.36 3.40 65.45
CA GLY C 58 18.16 4.57 65.20
C GLY C 58 18.80 4.57 63.84
N ILE C 59 18.16 3.92 62.88
CA ILE C 59 18.68 3.84 61.53
C ILE C 59 18.07 4.97 60.69
N ARG C 60 18.87 5.62 59.86
CA ARG C 60 18.39 6.70 59.00
C ARG C 60 17.46 6.12 57.94
N GLY C 61 16.49 6.92 57.49
CA GLY C 61 15.55 6.45 56.50
C GLY C 61 16.31 6.06 55.26
N ALA C 62 17.26 6.88 54.84
CA ALA C 62 18.09 6.52 53.70
C ALA C 62 18.91 5.26 54.01
N GLU C 63 19.47 5.14 55.23
CA GLU C 63 20.22 3.95 55.57
C GLU C 63 19.33 2.73 55.47
N LEU C 64 18.09 2.82 55.95
CA LEU C 64 17.21 1.66 55.84
C LEU C 64 16.90 1.34 54.38
N GLN C 65 16.61 2.36 53.58
CA GLN C 65 16.37 2.14 52.15
C GLN C 65 17.54 1.40 51.53
N GLU C 66 18.76 1.69 52.00
CA GLU C 66 19.92 0.98 51.50
C GLU C 66 19.82 -0.50 51.81
N LYS C 67 19.38 -0.84 53.03
CA LYS C 67 19.27 -2.25 53.40
C LYS C 67 18.25 -2.97 52.52
N PHE C 68 17.10 -2.34 52.28
CA PHE C 68 16.05 -2.92 51.46
C PHE C 68 16.48 -3.13 50.01
N LYS C 69 17.19 -2.16 49.47
CA LYS C 69 17.66 -2.24 48.09
C LYS C 69 18.61 -3.42 47.90
N GLU C 70 19.47 -3.61 48.88
CA GLU C 70 20.43 -4.70 48.85
C GLU C 70 19.68 -6.02 48.87
N HIS C 71 18.60 -6.08 49.65
CA HIS C 71 17.85 -7.32 49.76
C HIS C 71 17.31 -7.77 48.41
N ILE C 72 16.60 -6.87 47.71
CA ILE C 72 16.00 -7.24 46.44
C ILE C 72 17.07 -7.55 45.41
N ASP C 73 18.14 -6.74 45.39
CA ASP C 73 19.24 -7.00 44.46
C ASP C 73 19.82 -8.39 44.68
N ASN C 74 20.05 -8.76 45.94
CA ASN C 74 20.62 -10.08 46.23
C ASN C 74 19.69 -11.20 45.79
N MET C 75 18.39 -10.99 45.85
CA MET C 75 17.43 -12.00 45.45
C MET C 75 17.09 -11.95 43.97
N GLY C 76 17.72 -11.06 43.22
CA GLY C 76 17.45 -10.96 41.80
C GLY C 76 16.13 -10.32 41.47
N ILE C 77 15.69 -9.37 42.28
CA ILE C 77 14.42 -8.67 42.07
C ILE C 77 14.75 -7.28 41.55
N GLN C 78 14.18 -6.95 40.38
CA GLN C 78 14.39 -5.66 39.73
C GLN C 78 13.09 -4.89 39.72
N ILE C 79 13.18 -3.59 39.94
CA ILE C 79 12.02 -2.71 39.97
C ILE C 79 11.74 -2.23 38.55
N GLU C 80 10.51 -2.40 38.11
CA GLU C 80 10.07 -1.86 36.83
C GLU C 80 9.72 -0.39 37.04
N ASN C 81 10.55 0.51 36.49
CA ASN C 81 10.40 1.94 36.75
C ASN C 81 9.34 2.48 35.79
N VAL C 82 8.09 2.20 36.13
CA VAL C 82 6.95 2.72 35.37
C VAL C 82 5.80 2.96 36.35
N LYS C 83 4.87 3.79 35.94
CA LYS C 83 3.66 4.05 36.69
C LYS C 83 2.51 3.25 36.08
N VAL C 84 1.72 2.62 36.94
CA VAL C 84 0.61 1.80 36.50
C VAL C 84 -0.62 2.70 36.37
N ASN C 85 -1.14 2.80 35.14
CA ASN C 85 -2.30 3.65 34.90
C ASN C 85 -3.61 2.92 35.19
N ASN C 86 -3.71 1.65 34.82
CA ASN C 86 -4.97 0.94 35.00
C ASN C 86 -4.70 -0.56 35.14
N ILE C 87 -5.62 -1.24 35.81
CA ILE C 87 -5.54 -2.69 36.01
C ILE C 87 -6.94 -3.26 35.89
N TYR C 88 -7.18 -4.10 34.88
CA TYR C 88 -8.50 -4.61 34.56
C TYR C 88 -8.57 -6.09 34.93
N ALA C 89 -9.44 -6.42 35.89
CA ALA C 89 -9.60 -7.80 36.36
C ALA C 89 -10.45 -8.57 35.34
N MET C 90 -9.80 -9.45 34.57
CA MET C 90 -10.49 -10.21 33.53
C MET C 90 -11.17 -11.45 34.07
N GLY C 91 -10.76 -11.94 35.25
CA GLY C 91 -11.37 -13.11 35.85
C GLY C 91 -10.35 -14.15 36.27
N GLU C 92 -9.72 -14.79 35.30
CA GLU C 92 -8.63 -15.72 35.56
C GLU C 92 -7.28 -15.04 35.66
N TYR C 93 -7.16 -13.79 35.19
CA TYR C 93 -5.91 -13.06 35.20
C TYR C 93 -6.20 -11.57 35.28
N PHE C 94 -5.13 -10.77 35.34
CA PHE C 94 -5.22 -9.32 35.40
C PHE C 94 -4.39 -8.71 34.28
N SER C 95 -5.00 -7.79 33.53
CA SER C 95 -4.27 -7.01 32.52
C SER C 95 -3.86 -5.67 33.12
N ILE C 96 -2.58 -5.34 32.99
CA ILE C 96 -1.99 -4.17 33.63
C ILE C 96 -1.59 -3.18 32.53
N MET C 97 -2.18 -2.00 32.57
CA MET C 97 -1.95 -0.99 31.55
C MET C 97 -0.92 0.02 32.02
N THR C 98 0.07 0.27 31.16
CA THR C 98 0.95 1.42 31.28
C THR C 98 1.03 2.05 29.90
N SER C 99 1.38 3.34 29.87
CA SER C 99 1.57 4.00 28.58
C SER C 99 2.69 3.34 27.80
N LYS C 100 3.74 2.87 28.49
CA LYS C 100 4.88 2.31 27.79
C LYS C 100 4.61 0.91 27.26
N ASP C 101 3.88 0.09 28.02
CA ASP C 101 3.64 -1.28 27.61
C ASP C 101 2.38 -1.81 28.28
N THR C 102 2.00 -3.03 27.90
CA THR C 102 0.88 -3.75 28.47
C THR C 102 1.40 -5.06 29.04
N TYR C 103 0.94 -5.39 30.25
CA TYR C 103 1.37 -6.59 30.94
C TYR C 103 0.15 -7.34 31.46
N GLU C 104 0.34 -8.63 31.71
CA GLU C 104 -0.70 -9.47 32.29
C GLU C 104 -0.10 -10.37 33.35
N ALA C 105 -0.86 -10.61 34.42
CA ALA C 105 -0.41 -11.42 35.54
C ALA C 105 -1.61 -12.12 36.17
N SER C 106 -1.33 -13.26 36.82
CA SER C 106 -2.39 -14.06 37.41
C SER C 106 -2.88 -13.51 38.75
N LYS C 107 -2.00 -12.89 39.53
CA LYS C 107 -2.37 -12.29 40.80
C LYS C 107 -1.78 -10.89 40.89
N VAL C 108 -2.42 -10.04 41.69
CA VAL C 108 -2.01 -8.65 41.83
C VAL C 108 -1.93 -8.30 43.31
N ILE C 109 -0.96 -7.44 43.64
CA ILE C 109 -0.79 -6.94 45.01
C ILE C 109 -0.62 -5.42 44.93
N LEU C 110 -1.43 -4.71 45.71
CA LEU C 110 -1.51 -3.25 45.67
C LEU C 110 -0.75 -2.66 46.85
N ALA C 111 0.10 -1.65 46.59
CA ALA C 111 0.92 -1.03 47.64
C ALA C 111 1.16 0.48 47.42
N MET C 112 0.10 1.26 47.60
CA MET C 112 0.18 2.71 47.44
C MET C 112 -0.22 3.38 48.75
N GLY C 113 0.27 4.59 48.99
CA GLY C 113 -0.02 5.27 50.23
C GLY C 113 -0.99 6.43 50.15
N MET C 114 -0.81 7.33 49.18
CA MET C 114 -1.59 8.56 49.09
C MET C 114 -2.21 8.69 47.70
N GLU C 115 -3.48 9.07 47.67
CA GLU C 115 -4.17 9.43 46.44
C GLU C 115 -4.84 10.76 46.65
N HIS C 116 -5.20 11.43 45.57
CA HIS C 116 -5.83 12.74 45.70
C HIS C 116 -7.32 12.59 45.99
N THR C 117 -7.80 13.38 46.96
CA THR C 117 -9.20 13.37 47.35
C THR C 117 -10.07 13.87 46.20
N LYS C 118 -11.37 13.56 46.29
CA LYS C 118 -12.31 13.89 45.24
C LYS C 118 -13.28 14.96 45.73
N PRO C 119 -13.46 16.08 45.01
CA PRO C 119 -14.42 17.08 45.47
C PRO C 119 -15.79 16.90 44.84
N LEU C 120 -16.69 16.28 45.59
CA LEU C 120 -18.10 16.14 45.20
C LEU C 120 -18.23 15.54 43.80
N LYS C 121 -17.23 14.76 43.39
CA LYS C 121 -17.29 14.12 42.07
C LYS C 121 -18.31 12.99 42.06
N GLY C 122 -18.26 12.12 43.06
CA GLY C 122 -18.99 10.87 43.06
C GLY C 122 -20.49 11.00 43.06
N GLU C 123 -21.02 12.22 43.17
CA GLU C 123 -22.48 12.37 43.25
C GLU C 123 -23.14 12.12 41.89
N ASP C 124 -22.57 12.73 40.85
CA ASP C 124 -23.06 12.60 39.44
C ASP C 124 -21.89 12.13 38.58
N LYS C 125 -21.38 10.92 38.85
CA LYS C 125 -20.26 10.27 38.14
C LYS C 125 -20.61 10.07 36.67
N PHE C 126 -21.87 9.74 36.37
CA PHE C 126 -22.38 9.46 35.00
C PHE C 126 -22.24 10.72 34.12
N LEU C 127 -22.54 11.90 34.69
CA LEU C 127 -22.46 13.20 33.97
C LEU C 127 -21.18 13.93 34.40
N VAL C 131 -18.77 14.71 34.59
CA VAL C 131 -17.81 14.18 35.59
C VAL C 131 -17.17 12.90 35.03
N GLY C 132 -16.22 13.05 34.11
CA GLY C 132 -15.51 11.94 33.45
C GLY C 132 -14.05 11.90 33.85
N TYR C 133 -13.47 10.72 34.06
CA TYR C 133 -12.06 10.53 34.49
C TYR C 133 -11.15 10.37 33.26
N SER C 134 -11.55 9.54 32.29
CA SER C 134 -10.77 9.34 31.07
C SER C 134 -11.22 10.29 29.97
N ALA C 135 -10.39 11.28 29.62
CA ALA C 135 -10.73 12.24 28.58
C ALA C 135 -10.81 11.62 27.18
N THR C 136 -9.89 10.74 26.85
CA THR C 136 -9.86 10.14 25.52
C THR C 136 -11.09 9.33 25.20
N CYS C 137 -11.56 8.55 26.16
CA CYS C 137 -12.74 7.71 25.94
C CYS C 137 -14.01 8.50 25.68
N ASP C 138 -14.21 9.57 26.45
CA ASP C 138 -15.42 10.38 26.36
C ASP C 138 -15.31 11.67 25.55
N ALA C 139 -14.18 11.91 24.90
CA ALA C 139 -14.02 13.16 24.15
C ALA C 139 -15.04 13.33 23.02
N PRO C 140 -15.33 12.27 22.26
CA PRO C 140 -16.31 12.46 21.18
C PRO C 140 -17.72 12.81 21.65
N LEU C 141 -18.15 12.22 22.75
CA LEU C 141 -19.52 12.42 23.24
C LEU C 141 -19.82 13.89 23.47
N TYR C 142 -18.82 14.70 23.79
CA TYR C 142 -19.05 16.11 24.12
C TYR C 142 -18.79 17.03 22.94
N LYS C 143 -18.95 16.52 21.72
CA LYS C 143 -18.83 17.36 20.53
C LYS C 143 -19.82 18.51 20.62
N GLY C 144 -19.33 19.72 20.39
CA GLY C 144 -20.19 20.89 20.43
C GLY C 144 -20.78 21.22 21.78
N LYS C 145 -20.09 20.85 22.86
CA LYS C 145 -20.57 21.11 24.21
C LYS C 145 -19.48 21.74 25.07
N ILE C 146 -19.90 22.32 26.18
CA ILE C 146 -18.98 22.98 27.10
C ILE C 146 -18.34 21.91 27.97
N VAL C 147 -17.01 21.89 28.03
CA VAL C 147 -16.30 20.91 28.83
C VAL C 147 -15.18 21.59 29.60
N THR C 148 -15.01 21.17 30.85
CA THR C 148 -14.00 21.70 31.74
C THR C 148 -13.04 20.59 32.14
N ILE C 149 -11.75 20.91 32.23
CA ILE C 149 -10.72 19.94 32.58
C ILE C 149 -9.96 20.47 33.79
N VAL C 150 -9.85 19.64 34.82
CA VAL C 150 -9.03 19.94 35.98
C VAL C 150 -7.78 19.08 35.85
N GLY C 151 -6.64 19.71 35.61
CA GLY C 151 -5.41 19.02 35.28
C GLY C 151 -4.42 19.08 36.43
N TYR C 152 -3.87 17.91 36.77
CA TYR C 152 -2.82 17.80 37.77
C TYR C 152 -1.46 17.48 37.18
N ASN C 153 -1.35 17.34 35.85
CA ASN C 153 -0.07 17.02 35.25
C ASN C 153 -0.03 17.58 33.83
N LYS C 154 1.16 17.51 33.23
CA LYS C 154 1.36 18.09 31.91
C LYS C 154 0.61 17.31 30.83
N GLU C 155 0.51 15.99 30.96
CA GLU C 155 -0.21 15.20 29.98
C GLU C 155 -1.64 15.69 29.82
N ALA C 156 -2.26 16.15 30.92
CA ALA C 156 -3.64 16.63 30.86
C ALA C 156 -3.77 17.80 29.90
N GLU C 157 -2.81 18.74 29.94
CA GLU C 157 -2.84 19.86 29.01
C GLU C 157 -2.93 19.39 27.57
N SER C 158 -2.15 18.36 27.22
CA SER C 158 -2.17 17.85 25.86
C SER C 158 -3.55 17.31 25.50
N GLU C 159 -4.19 16.60 26.43
CA GLU C 159 -5.55 16.12 26.17
C GLU C 159 -6.53 17.28 26.06
N ALA C 160 -6.33 18.34 26.85
CA ALA C 160 -7.20 19.51 26.73
C ALA C 160 -7.11 20.10 25.34
N ASN C 161 -5.90 20.16 24.77
CA ASN C 161 -5.74 20.61 23.40
C ASN C 161 -6.56 19.73 22.46
N TYR C 162 -6.58 18.42 22.71
CA TYR C 162 -7.38 17.51 21.90
C TYR C 162 -8.86 17.86 22.01
N LEU C 163 -9.35 18.08 23.22
CA LEU C 163 -10.76 18.40 23.42
C LEU C 163 -11.17 19.65 22.65
N ALA C 164 -10.26 20.63 22.56
CA ALA C 164 -10.60 21.88 21.89
C ALA C 164 -11.05 21.64 20.46
N GLU C 165 -10.56 20.57 19.83
CA GLU C 165 -10.93 20.29 18.45
C GLU C 165 -12.40 19.93 18.35
N LEU C 166 -12.93 19.22 19.35
CA LEU C 166 -14.28 18.70 19.31
C LEU C 166 -15.29 19.54 20.07
N ALA C 167 -14.91 20.17 21.18
CA ALA C 167 -15.86 20.85 22.04
C ALA C 167 -16.09 22.28 21.59
N SER C 168 -17.30 22.79 21.89
CA SER C 168 -17.63 24.17 21.59
C SER C 168 -16.86 25.13 22.50
N LYS C 169 -16.47 24.67 23.70
CA LYS C 169 -15.74 25.49 24.64
C LYS C 169 -14.96 24.57 25.57
N VAL C 170 -13.71 24.93 25.85
CA VAL C 170 -12.84 24.13 26.71
C VAL C 170 -12.27 25.03 27.80
N TYR C 171 -12.46 24.62 29.05
CA TYR C 171 -11.82 25.24 30.20
C TYR C 171 -10.73 24.33 30.74
N TYR C 172 -9.61 24.91 31.13
CA TYR C 172 -8.51 24.19 31.78
C TYR C 172 -8.24 24.84 33.12
N VAL C 173 -8.35 24.04 34.19
CA VAL C 173 -8.08 24.47 35.55
C VAL C 173 -6.77 23.83 36.01
N PRO C 174 -5.67 24.57 36.12
CA PRO C 174 -4.43 23.95 36.59
C PRO C 174 -4.27 24.01 38.11
N ARG C 175 -3.89 22.90 38.72
CA ARG C 175 -3.56 22.86 40.14
C ARG C 175 -2.07 22.99 40.42
N TYR C 176 -1.23 22.91 39.39
CA TYR C 176 0.21 23.09 39.52
C TYR C 176 0.63 24.42 38.90
N LYS C 177 1.74 24.96 39.40
CA LYS C 177 2.27 26.23 38.93
C LYS C 177 3.34 25.96 37.88
N ASP C 178 2.98 26.17 36.61
CA ASP C 178 3.92 26.01 35.51
C ASP C 178 3.35 26.72 34.28
N GLU C 179 4.23 27.04 33.34
CA GLU C 179 3.77 27.49 32.03
C GLU C 179 2.95 26.37 31.41
N TYR C 180 1.84 26.73 30.78
CA TYR C 180 0.94 25.76 30.17
C TYR C 180 1.07 25.89 28.66
N GLN C 181 1.41 24.80 28.01
CA GLN C 181 1.49 24.78 26.55
C GLN C 181 0.09 24.38 26.08
N LEU C 182 -0.71 25.38 25.77
CA LEU C 182 -2.11 25.17 25.45
C LEU C 182 -2.47 25.97 24.21
N VAL C 183 -3.35 25.39 23.41
CA VAL C 183 -3.81 26.09 22.23
C VAL C 183 -4.63 27.30 22.65
N SER C 184 -4.82 28.22 21.71
CA SER C 184 -5.55 29.45 22.02
C SER C 184 -6.99 29.16 22.38
N ALA C 185 -7.59 28.12 21.78
CA ALA C 185 -9.00 27.85 22.02
C ALA C 185 -9.27 27.54 23.49
N VAL C 186 -8.32 26.91 24.17
CA VAL C 186 -8.50 26.59 25.58
C VAL C 186 -8.36 27.85 26.41
N GLU C 187 -9.30 28.07 27.32
CA GLU C 187 -9.25 29.19 28.25
C GLU C 187 -8.73 28.69 29.59
N ILE C 188 -7.73 29.36 30.13
CA ILE C 188 -7.11 28.95 31.38
C ILE C 188 -7.85 29.60 32.53
N VAL C 189 -8.17 28.82 33.55
CA VAL C 189 -8.94 29.27 34.71
C VAL C 189 -8.11 28.96 35.95
N LYS C 190 -7.45 29.98 36.49
CA LYS C 190 -6.58 29.83 37.66
C LYS C 190 -7.41 30.09 38.93
N ASP C 191 -8.08 29.04 39.40
CA ASP C 191 -8.81 29.12 40.65
C ASP C 191 -8.92 27.72 41.25
N VAL C 192 -9.37 27.68 42.50
CA VAL C 192 -9.39 26.45 43.28
C VAL C 192 -10.77 25.80 43.11
N PRO C 193 -10.86 24.58 42.59
CA PRO C 193 -12.18 23.93 42.46
C PRO C 193 -12.80 23.68 43.82
N VAL C 194 -14.13 23.77 43.87
CA VAL C 194 -14.85 23.58 45.12
C VAL C 194 -15.87 22.46 44.99
N GLU C 195 -16.78 22.57 44.02
CA GLU C 195 -17.89 21.64 43.95
C GLU C 195 -18.38 21.52 42.51
N ILE C 196 -18.86 20.32 42.19
CA ILE C 196 -19.56 20.04 40.94
C ILE C 196 -21.04 19.93 41.28
N VAL C 197 -21.88 20.68 40.56
CA VAL C 197 -23.29 20.78 40.88
C VAL C 197 -24.14 20.61 39.62
N GLY C 198 -25.24 19.87 39.77
CA GLY C 198 -26.20 19.70 38.71
C GLY C 198 -27.40 18.95 39.25
N ASP C 199 -28.53 19.12 38.58
CA ASP C 199 -29.74 18.40 38.99
C ASP C 199 -29.75 16.98 38.44
N LYS C 200 -29.95 16.85 37.14
CA LYS C 200 -29.93 15.54 36.49
C LYS C 200 -28.56 15.22 35.92
N LYS C 201 -27.91 16.22 35.31
CA LYS C 201 -26.55 16.08 34.83
C LYS C 201 -25.73 17.25 35.34
N VAL C 202 -24.41 17.15 35.18
CA VAL C 202 -23.54 18.25 35.61
C VAL C 202 -23.94 19.50 34.86
N GLU C 203 -24.09 20.60 35.59
CA GLU C 203 -24.51 21.86 35.01
C GLU C 203 -23.48 22.96 35.21
N LYS C 204 -22.80 22.98 36.35
CA LYS C 204 -21.81 24.01 36.63
C LYS C 204 -20.73 23.43 37.52
N LEU C 205 -19.53 23.98 37.38
CA LEU C 205 -18.42 23.66 38.26
C LEU C 205 -18.11 24.92 39.06
N LYS C 206 -18.27 24.84 40.38
CA LYS C 206 -18.10 26.00 41.24
C LYS C 206 -16.68 26.03 41.77
N LEU C 207 -16.04 27.18 41.61
CA LEU C 207 -14.71 27.46 42.14
C LEU C 207 -14.85 28.47 43.28
N LYS C 208 -13.73 28.72 43.96
CA LYS C 208 -13.76 29.59 45.13
C LYS C 208 -14.35 30.95 44.79
N SER C 209 -13.85 31.56 43.71
CA SER C 209 -14.24 32.92 43.34
C SER C 209 -14.87 32.98 41.95
N ARG C 210 -15.26 31.84 41.38
CA ARG C 210 -15.77 31.80 40.03
C ARG C 210 -16.69 30.59 39.91
N GLU C 211 -17.61 30.67 38.95
CA GLU C 211 -18.47 29.55 38.62
C GLU C 211 -18.37 29.30 37.12
N LEU C 212 -18.29 28.05 36.74
CA LEU C 212 -18.19 27.68 35.33
C LEU C 212 -19.33 26.74 34.98
N GLU C 213 -20.12 27.15 33.99
CA GLU C 213 -21.16 26.30 33.42
C GLU C 213 -20.52 25.40 32.38
N THR C 214 -20.65 24.10 32.56
CA THR C 214 -20.03 23.15 31.65
C THR C 214 -20.90 21.92 31.56
N ASP C 215 -20.89 21.29 30.39
CA ASP C 215 -21.68 20.07 30.21
C ASP C 215 -20.99 18.90 30.89
N GLY C 216 -19.69 18.80 30.74
CA GLY C 216 -18.93 17.75 31.39
C GLY C 216 -17.67 18.31 32.00
N VAL C 217 -17.25 17.71 33.11
CA VAL C 217 -16.04 18.09 33.82
C VAL C 217 -15.15 16.87 33.84
N PHE C 218 -13.89 17.03 33.45
CA PHE C 218 -12.93 15.94 33.46
C PHE C 218 -11.85 16.22 34.48
N VAL C 219 -11.61 15.26 35.36
CA VAL C 219 -10.62 15.38 36.41
C VAL C 219 -9.49 14.43 36.08
N LEU C 220 -8.39 14.98 35.59
CA LEU C 220 -7.23 14.19 35.18
C LEU C 220 -6.20 14.32 36.30
N LYS C 221 -5.98 13.23 37.02
CA LYS C 221 -5.20 13.25 38.24
C LYS C 221 -3.84 12.61 38.01
N ASP C 222 -2.84 13.12 38.72
CA ASP C 222 -1.50 12.56 38.64
C ASP C 222 -1.38 11.29 39.47
N SER C 223 -2.02 11.28 40.64
CA SER C 223 -2.04 10.10 41.53
C SER C 223 -3.49 9.62 41.61
N ALA C 224 -3.82 8.63 40.79
CA ALA C 224 -5.20 8.16 40.74
C ALA C 224 -5.54 7.40 42.03
N PRO C 225 -6.80 7.44 42.44
CA PRO C 225 -7.23 6.63 43.59
C PRO C 225 -7.33 5.16 43.21
N PRO C 226 -7.30 4.27 44.19
CA PRO C 226 -7.38 2.83 43.88
C PRO C 226 -8.66 2.45 43.14
N GLU C 227 -9.78 3.11 43.46
CA GLU C 227 -11.04 2.77 42.80
C GLU C 227 -10.92 2.97 41.30
N GLN C 228 -10.32 4.07 40.88
CA GLN C 228 -10.12 4.34 39.46
C GLN C 228 -8.99 3.50 38.90
N LEU C 229 -7.91 3.37 39.66
CA LEU C 229 -6.78 2.56 39.20
C LEU C 229 -7.24 1.15 38.89
N VAL C 230 -8.05 0.57 39.76
CA VAL C 230 -8.62 -0.76 39.57
C VAL C 230 -10.13 -0.62 39.48
N PRO C 231 -10.69 -0.63 38.27
CA PRO C 231 -12.16 -0.56 38.16
C PRO C 231 -12.80 -1.68 38.97
N GLY C 232 -13.79 -1.33 39.77
CA GLY C 232 -14.54 -2.31 40.52
C GLY C 232 -14.03 -2.60 41.91
N LEU C 233 -12.88 -2.06 42.30
CA LEU C 233 -12.37 -2.30 43.64
C LEU C 233 -13.25 -1.62 44.68
N TYR C 234 -13.54 -2.34 45.75
CA TYR C 234 -14.40 -1.81 46.82
C TYR C 234 -13.54 -1.08 47.82
N VAL C 235 -13.85 0.20 48.05
CA VAL C 235 -13.09 1.05 48.95
C VAL C 235 -14.04 1.67 49.96
N GLU C 236 -13.70 1.55 51.24
CA GLU C 236 -14.48 2.11 52.34
C GLU C 236 -13.56 2.92 53.23
N ASP C 237 -14.02 4.10 53.64
CA ASP C 237 -13.25 4.98 54.51
C ASP C 237 -11.93 5.41 53.87
N GLY C 238 -11.94 5.59 52.55
CA GLY C 238 -10.74 6.03 51.87
C GLY C 238 -9.63 5.03 51.81
N HIS C 239 -9.86 3.79 52.26
CA HIS C 239 -8.85 2.74 52.22
C HIS C 239 -9.46 1.47 51.67
N ILE C 240 -8.62 0.65 51.03
CA ILE C 240 -9.09 -0.57 50.39
C ILE C 240 -9.59 -1.54 51.43
N LYS C 241 -10.72 -2.17 51.15
CA LYS C 241 -11.28 -3.16 52.05
C LYS C 241 -10.48 -4.45 51.89
N VAL C 242 -10.09 -5.02 53.03
CA VAL C 242 -9.32 -6.25 53.03
C VAL C 242 -9.74 -7.08 54.23
N ASN C 243 -9.72 -8.40 54.04
CA ASN C 243 -10.05 -9.32 55.10
C ASN C 243 -8.77 -9.74 55.82
N ARG C 244 -8.86 -10.78 56.65
CA ARG C 244 -7.69 -11.24 57.38
C ARG C 244 -6.60 -11.74 56.43
N LYS C 245 -6.97 -12.20 55.24
CA LYS C 245 -6.02 -12.72 54.28
C LYS C 245 -5.62 -11.69 53.23
N MET C 246 -5.94 -10.42 53.44
CA MET C 246 -5.58 -9.36 52.50
C MET C 246 -6.27 -9.54 51.16
N GLU C 247 -7.52 -10.00 51.19
CA GLU C 247 -8.30 -10.19 49.97
C GLU C 247 -9.21 -8.98 49.78
N THR C 248 -9.24 -8.46 48.56
CA THR C 248 -10.15 -7.37 48.24
C THR C 248 -11.49 -7.95 47.77
N ASN C 249 -12.41 -7.07 47.38
CA ASN C 249 -13.66 -7.54 46.80
C ASN C 249 -13.43 -8.24 45.47
N ILE C 250 -12.36 -7.89 44.77
CA ILE C 250 -12.05 -8.56 43.51
C ILE C 250 -11.35 -9.88 43.83
N ASP C 251 -11.86 -10.97 43.27
CA ASP C 251 -11.28 -12.28 43.50
C ASP C 251 -9.85 -12.29 42.98
N GLY C 252 -8.96 -12.92 43.76
CA GLY C 252 -7.57 -13.01 43.35
C GLY C 252 -6.82 -11.70 43.33
N CYS C 253 -7.32 -10.66 43.98
CA CYS C 253 -6.65 -9.36 44.05
C CYS C 253 -6.39 -8.99 45.50
N TYR C 254 -5.13 -8.82 45.85
CA TYR C 254 -4.73 -8.51 47.21
C TYR C 254 -4.26 -7.06 47.33
N ALA C 255 -4.11 -6.61 48.57
CA ALA C 255 -3.65 -5.26 48.87
C ALA C 255 -2.94 -5.28 50.22
N ALA C 256 -1.92 -4.44 50.36
CA ALA C 256 -1.09 -4.44 51.55
C ALA C 256 -0.46 -3.07 51.74
N GLY C 257 -0.28 -2.68 53.00
CA GLY C 257 0.41 -1.46 53.31
C GLY C 257 -0.50 -0.30 53.66
N ASP C 258 -0.06 0.90 53.32
CA ASP C 258 -0.82 2.12 53.61
C ASP C 258 -2.21 2.16 52.97
N CYS C 259 -2.33 1.62 51.76
CA CYS C 259 -3.61 1.64 51.07
C CYS C 259 -4.72 0.92 51.82
N THR C 260 -4.41 -0.20 52.46
CA THR C 260 -5.43 -0.92 53.20
C THR C 260 -6.02 -0.08 54.33
N GLY C 261 -5.17 0.62 55.09
CA GLY C 261 -5.68 1.44 56.17
C GLY C 261 -4.94 1.18 57.45
N LYS C 262 -5.58 1.55 58.56
CA LYS C 262 -5.08 1.34 59.95
C LYS C 262 -3.81 2.20 60.23
N PRO C 263 -2.96 1.87 61.25
CA PRO C 263 -1.84 2.82 61.36
C PRO C 263 -0.84 2.61 60.24
N TYR C 264 -0.22 3.68 59.76
CA TYR C 264 0.76 3.54 58.70
C TYR C 264 2.10 3.39 59.37
N GLN C 265 2.64 2.18 59.34
CA GLN C 265 3.94 1.93 59.94
C GLN C 265 4.65 0.91 59.08
N TYR C 266 5.96 0.88 59.18
CA TYR C 266 6.74 -0.04 58.35
C TYR C 266 6.37 -1.48 58.65
N MET C 267 6.37 -1.85 59.94
CA MET C 267 6.23 -3.25 60.30
C MET C 267 4.87 -3.79 59.90
N LYS C 268 3.82 -2.98 60.01
CA LYS C 268 2.52 -3.39 59.48
C LYS C 268 2.59 -3.60 57.97
N ALA C 269 3.26 -2.68 57.27
CA ALA C 269 3.34 -2.76 55.81
C ALA C 269 3.98 -4.07 55.39
N VAL C 270 5.12 -4.42 55.98
CA VAL C 270 5.82 -5.63 55.56
C VAL C 270 5.02 -6.86 55.94
N GLY C 271 4.49 -6.90 57.16
CA GLY C 271 3.65 -8.03 57.55
C GLY C 271 2.48 -8.21 56.61
N GLU C 272 1.74 -7.13 56.36
CA GLU C 272 0.62 -7.21 55.43
C GLU C 272 1.08 -7.65 54.04
N GLY C 273 2.20 -7.11 53.57
CA GLY C 273 2.72 -7.54 52.28
C GLY C 273 3.06 -9.01 52.25
N GLN C 274 3.68 -9.50 53.33
CA GLN C 274 4.04 -10.92 53.39
C GLN C 274 2.80 -11.79 53.32
N VAL C 275 1.78 -11.46 54.10
CA VAL C 275 0.57 -12.28 54.13
C VAL C 275 -0.08 -12.31 52.74
N ALA C 276 -0.12 -11.17 52.06
CA ALA C 276 -0.71 -11.14 50.73
C ALA C 276 0.01 -12.10 49.79
N ALA C 277 1.35 -12.00 49.74
CA ALA C 277 2.12 -12.82 48.81
C ALA C 277 1.90 -14.30 49.09
N LEU C 278 2.03 -14.71 50.36
CA LEU C 278 1.90 -16.13 50.71
C LEU C 278 0.52 -16.67 50.32
N ASN C 279 -0.53 -15.88 50.55
CA ASN C 279 -1.87 -16.31 50.14
C ASN C 279 -1.99 -16.38 48.61
N ALA C 280 -1.34 -15.45 47.91
CA ALA C 280 -1.36 -15.50 46.44
C ALA C 280 -0.64 -16.74 45.94
N VAL C 281 0.55 -17.02 46.47
CA VAL C 281 1.28 -18.22 46.06
C VAL C 281 0.42 -19.46 46.30
N GLU C 282 -0.24 -19.52 47.46
CA GLU C 282 -1.09 -20.67 47.76
C GLU C 282 -2.14 -20.89 46.68
N LYS C 283 -2.80 -19.81 46.24
CA LYS C 283 -3.88 -19.96 45.27
C LYS C 283 -3.37 -20.43 43.92
N LEU C 284 -2.19 -19.97 43.52
CA LEU C 284 -1.58 -20.43 42.27
C LEU C 284 -1.37 -21.95 42.30
N GLU D 10 -31.00 -1.53 14.41
CA GLU D 10 -31.60 -0.75 15.49
C GLU D 10 -32.99 -1.30 15.81
N SER D 11 -33.85 -1.33 14.80
CA SER D 11 -35.18 -1.90 14.97
C SER D 11 -35.10 -3.31 15.54
N ILE D 12 -34.15 -4.12 15.03
CA ILE D 12 -33.98 -5.48 15.52
C ILE D 12 -33.66 -5.47 17.00
N PHE D 13 -32.81 -4.54 17.44
CA PHE D 13 -32.47 -4.45 18.85
C PHE D 13 -33.70 -4.11 19.69
N ASP D 14 -34.49 -3.13 19.24
CA ASP D 14 -35.69 -2.75 19.96
C ASP D 14 -36.67 -3.92 20.05
N GLU D 15 -36.82 -4.68 18.96
CA GLU D 15 -37.71 -5.83 18.98
C GLU D 15 -37.24 -6.87 20.00
N GLU D 16 -35.93 -7.15 20.04
CA GLU D 16 -35.41 -8.10 21.01
C GLU D 16 -35.65 -7.62 22.43
N ILE D 17 -35.44 -6.33 22.69
CA ILE D 17 -35.68 -5.78 24.01
C ILE D 17 -37.13 -6.02 24.42
N LYS D 18 -38.06 -5.73 23.50
CA LYS D 18 -39.49 -5.93 23.77
C LYS D 18 -39.85 -7.41 23.59
N GLU D 22 -36.96 -11.91 31.80
CA GLU D 22 -35.90 -11.94 30.78
C GLU D 22 -35.33 -10.54 30.55
N PRO D 23 -34.36 -10.15 31.37
CA PRO D 23 -33.70 -8.85 31.16
C PRO D 23 -32.69 -8.89 30.03
N VAL D 24 -32.48 -7.72 29.43
CA VAL D 24 -31.57 -7.55 28.30
C VAL D 24 -30.51 -6.53 28.67
N ILE D 25 -29.25 -6.93 28.56
CA ILE D 25 -28.10 -6.07 28.85
C ILE D 25 -27.58 -5.50 27.54
N VAL D 26 -27.25 -4.22 27.55
CA VAL D 26 -26.69 -3.53 26.39
C VAL D 26 -25.31 -3.01 26.77
N ASP D 27 -24.31 -3.34 25.95
CA ASP D 27 -22.95 -2.91 26.16
C ASP D 27 -22.64 -1.76 25.21
N PHE D 28 -22.37 -0.59 25.78
CA PHE D 28 -21.98 0.59 25.02
C PHE D 28 -20.47 0.71 25.00
N TRP D 29 -19.89 0.64 23.81
CA TRP D 29 -18.44 0.65 23.63
C TRP D 29 -18.11 1.39 22.35
N ALA D 30 -16.85 1.78 22.23
CA ALA D 30 -16.34 2.44 21.03
C ALA D 30 -14.95 1.89 20.74
N PRO D 31 -14.53 1.93 19.48
CA PRO D 31 -13.21 1.43 19.10
C PRO D 31 -12.09 2.22 19.75
N TRP D 32 -12.24 3.54 19.83
CA TRP D 32 -11.23 4.40 20.42
C TRP D 32 -10.98 4.14 21.91
N CYS D 33 -12.03 3.82 22.63
CA CYS D 33 -11.90 3.61 24.07
C CYS D 33 -11.42 2.20 24.44
N GLY D 34 -10.22 2.09 25.03
CA GLY D 34 -9.67 0.81 25.43
C GLY D 34 -10.46 0.10 26.51
N PRO D 35 -10.94 0.83 27.52
CA PRO D 35 -11.71 0.12 28.56
C PRO D 35 -12.96 -0.56 28.03
N SER D 36 -13.65 0.07 27.09
CA SER D 36 -14.85 -0.52 26.53
C SER D 36 -14.47 -1.85 25.91
N LYS D 37 -13.31 -1.90 25.28
CA LYS D 37 -12.85 -3.15 24.67
C LYS D 37 -12.78 -4.26 25.71
N MET D 38 -12.14 -3.99 26.85
CA MET D 38 -12.01 -5.00 27.90
C MET D 38 -13.39 -5.54 28.29
N LEU D 39 -14.40 -4.68 28.34
CA LEU D 39 -15.74 -5.13 28.71
C LEU D 39 -16.26 -6.18 27.74
N GLY D 40 -15.94 -6.05 26.46
CA GLY D 40 -16.45 -6.93 25.43
C GLY D 40 -16.30 -8.40 25.77
N PRO D 41 -15.07 -8.93 25.69
CA PRO D 41 -14.81 -10.29 26.18
C PRO D 41 -15.47 -10.63 27.51
N ILE D 42 -15.55 -9.68 28.45
CA ILE D 42 -16.27 -9.94 29.70
C ILE D 42 -17.75 -10.20 29.40
N ILE D 43 -18.35 -9.36 28.54
CA ILE D 43 -19.74 -9.57 28.15
C ILE D 43 -19.90 -10.93 27.48
N ASP D 44 -18.98 -11.27 26.58
CA ASP D 44 -19.06 -12.55 25.86
C ASP D 44 -19.10 -13.71 26.84
N GLU D 45 -18.21 -13.71 27.81
CA GLU D 45 -18.20 -14.74 28.83
C GLU D 45 -19.56 -14.79 29.53
N LEU D 46 -20.09 -13.63 29.94
CA LEU D 46 -21.38 -13.58 30.60
C LEU D 46 -22.52 -14.13 29.73
N SER D 47 -22.55 -13.81 28.45
CA SER D 47 -23.63 -14.34 27.62
C SER D 47 -23.57 -15.88 27.59
N GLU D 48 -22.39 -16.45 27.40
CA GLU D 48 -22.28 -17.90 27.41
C GLU D 48 -22.69 -18.47 28.76
N ASP D 49 -22.28 -17.85 29.87
CA ASP D 49 -22.69 -18.32 31.18
C ASP D 49 -24.21 -18.27 31.40
N LEU D 50 -24.89 -17.21 30.95
CA LEU D 50 -26.34 -17.12 31.14
C LEU D 50 -27.06 -17.07 29.81
N GLY D 52 -29.72 -19.59 29.67
CA GLY D 52 -29.78 -18.23 29.18
C GLY D 52 -30.61 -17.34 30.09
N LYS D 53 -30.24 -17.30 31.36
CA LYS D 53 -30.95 -16.48 32.34
C LYS D 53 -31.17 -15.04 31.89
N ALA D 54 -30.20 -14.47 31.19
CA ALA D 54 -30.31 -13.10 30.71
C ALA D 54 -29.74 -12.95 29.31
N LYS D 55 -30.19 -11.94 28.58
CA LYS D 55 -29.71 -11.70 27.24
C LYS D 55 -28.76 -10.50 27.19
N PHE D 56 -27.69 -10.63 26.41
CA PHE D 56 -26.71 -9.57 26.25
C PHE D 56 -26.62 -9.18 24.79
N THR D 57 -26.50 -7.88 24.55
CA THR D 57 -26.32 -7.33 23.22
C THR D 57 -25.29 -6.20 23.28
N LYS D 58 -24.57 -6.02 22.18
CA LYS D 58 -23.52 -5.02 22.10
C LYS D 58 -23.97 -3.90 21.17
N VAL D 59 -23.90 -2.67 21.68
CA VAL D 59 -24.23 -1.48 20.90
C VAL D 59 -22.95 -0.69 20.73
N ASN D 60 -22.57 -0.46 19.48
CA ASN D 60 -21.39 0.32 19.15
C ASN D 60 -21.78 1.80 19.07
N VAL D 61 -21.22 2.60 19.99
CA VAL D 61 -21.55 4.02 20.03
C VAL D 61 -21.14 4.71 18.73
N ASP D 62 -20.07 4.25 18.10
CA ASP D 62 -19.60 4.88 16.87
C ASP D 62 -20.61 4.72 15.74
N GLU D 63 -21.19 3.52 15.61
CA GLU D 63 -22.10 3.24 14.50
C GLU D 63 -23.54 3.63 14.78
N ASN D 64 -23.95 3.72 16.04
CA ASN D 64 -25.34 3.99 16.41
C ASN D 64 -25.42 5.15 17.41
N PRO D 65 -24.90 6.32 17.04
CA PRO D 65 -25.03 7.47 17.95
C PRO D 65 -26.47 7.74 18.37
N GLY D 66 -27.44 7.51 17.48
CA GLY D 66 -28.82 7.77 17.83
C GLY D 66 -29.28 7.00 19.07
N ILE D 67 -28.92 5.72 19.16
CA ILE D 67 -29.27 4.93 20.33
C ILE D 67 -28.71 5.57 21.59
N ALA D 68 -27.47 6.03 21.53
CA ALA D 68 -26.83 6.61 22.71
C ALA D 68 -27.52 7.90 23.14
N SER D 69 -27.72 8.82 22.19
CA SER D 69 -28.29 10.12 22.55
C SER D 69 -29.66 9.96 23.19
N LYS D 70 -30.52 9.11 22.62
CA LYS D 70 -31.84 8.89 23.20
C LYS D 70 -31.72 8.32 24.61
N PHE D 71 -30.76 7.41 24.82
CA PHE D 71 -30.57 6.78 26.12
C PHE D 71 -29.63 7.56 27.03
N GLY D 72 -28.96 8.59 26.53
CA GLY D 72 -28.15 9.44 27.39
C GLY D 72 -26.85 8.85 27.90
N ILE D 73 -26.11 8.14 27.05
CA ILE D 73 -24.82 7.60 27.46
C ILE D 73 -23.84 8.75 27.68
N ALA D 74 -23.30 8.82 28.89
CA ALA D 74 -22.39 9.88 29.29
C ALA D 74 -20.92 9.45 29.34
N SER D 75 -20.65 8.16 29.35
CA SER D 75 -19.29 7.64 29.32
C SER D 75 -19.31 6.41 28.42
N ILE D 76 -18.25 6.26 27.62
CA ILE D 76 -18.27 5.24 26.57
C ILE D 76 -18.47 3.85 27.12
N PRO D 77 -17.71 3.39 28.11
CA PRO D 77 -17.93 2.04 28.62
C PRO D 77 -19.00 2.01 29.70
N THR D 78 -20.25 1.91 29.26
CA THR D 78 -21.40 1.85 30.15
C THR D 78 -22.27 0.66 29.81
N VAL D 79 -22.76 -0.02 30.83
CA VAL D 79 -23.64 -1.17 30.69
C VAL D 79 -25.02 -0.78 31.21
N MET D 80 -26.04 -0.98 30.38
CA MET D 80 -27.40 -0.61 30.74
C MET D 80 -28.26 -1.87 30.76
N ILE D 81 -28.94 -2.09 31.87
CA ILE D 81 -29.79 -3.25 32.09
C ILE D 81 -31.25 -2.86 31.86
N PHE D 82 -31.99 -3.70 31.15
CA PHE D 82 -33.41 -3.48 30.92
C PHE D 82 -34.19 -4.63 31.55
N LYS D 83 -35.01 -4.31 32.55
CA LYS D 83 -35.73 -5.32 33.30
C LYS D 83 -36.96 -5.82 32.55
N ASP D 84 -37.74 -4.90 31.98
CA ASP D 84 -38.93 -5.28 31.23
C ASP D 84 -39.02 -4.47 29.94
N GLY D 85 -39.15 -3.15 30.07
CA GLY D 85 -39.18 -2.26 28.92
C GLY D 85 -38.25 -1.09 29.06
N ASN D 86 -38.07 -0.62 30.29
CA ASN D 86 -37.20 0.51 30.60
C ASN D 86 -35.95 0.04 31.32
N PRO D 87 -34.93 0.90 31.42
CA PRO D 87 -33.68 0.49 32.08
C PRO D 87 -33.85 0.45 33.59
N VAL D 88 -33.45 -0.67 34.19
CA VAL D 88 -33.54 -0.83 35.63
C VAL D 88 -32.32 -0.26 36.34
N GLU D 89 -31.13 -0.58 35.84
CA GLU D 89 -29.89 -0.10 36.43
C GLU D 89 -28.88 0.24 35.35
N THR D 90 -28.08 1.27 35.62
CA THR D 90 -27.04 1.74 34.71
C THR D 90 -25.68 1.60 35.38
N LEU D 91 -24.75 0.93 34.70
CA LEU D 91 -23.39 0.71 35.20
C LEU D 91 -22.40 1.41 34.28
N VAL D 92 -21.69 2.39 34.82
CA VAL D 92 -20.74 3.20 34.04
C VAL D 92 -19.33 2.75 34.35
N GLY D 93 -18.48 2.72 33.33
CA GLY D 93 -17.10 2.32 33.48
C GLY D 93 -16.93 0.81 33.43
N PHE D 94 -15.69 0.39 33.23
CA PHE D 94 -15.38 -1.03 33.28
C PHE D 94 -15.75 -1.58 34.64
N ARG D 95 -16.27 -2.81 34.64
CA ARG D 95 -16.57 -3.51 35.88
C ARG D 95 -16.15 -4.97 35.73
N PRO D 96 -15.73 -5.61 36.81
CA PRO D 96 -15.35 -7.03 36.70
C PRO D 96 -16.57 -7.90 36.54
N LYS D 97 -16.33 -9.14 36.09
CA LYS D 97 -17.43 -10.07 35.88
C LYS D 97 -18.28 -10.21 37.14
N GLN D 98 -17.61 -10.42 38.29
CA GLN D 98 -18.34 -10.62 39.54
C GLN D 98 -19.25 -9.43 39.83
N SER D 99 -18.77 -8.21 39.62
CA SER D 99 -19.55 -7.02 39.95
C SER D 99 -20.81 -6.92 39.09
N ILE D 100 -20.67 -7.12 37.78
CA ILE D 100 -21.83 -7.06 36.89
C ILE D 100 -22.83 -8.16 37.24
N THR D 101 -22.34 -9.38 37.41
CA THR D 101 -23.22 -10.51 37.72
C THR D 101 -24.08 -10.22 38.93
N ALA D 102 -23.47 -9.79 40.04
CA ALA D 102 -24.23 -9.49 41.24
C ALA D 102 -25.31 -8.44 40.96
N SER D 103 -24.96 -7.39 40.23
CA SER D 103 -25.93 -6.35 39.91
C SER D 103 -27.07 -6.89 39.06
N ILE D 104 -26.76 -7.77 38.10
CA ILE D 104 -27.82 -8.35 37.26
C ILE D 104 -28.77 -9.20 38.09
N GLU D 105 -28.22 -10.06 38.95
CA GLU D 105 -29.05 -11.00 39.69
C GLU D 105 -30.15 -10.29 40.46
N LYS D 106 -29.78 -9.25 41.21
CA LYS D 106 -30.76 -8.49 41.99
C LYS D 106 -31.85 -7.92 41.10
N HIS D 107 -31.46 -7.27 39.99
CA HIS D 107 -32.44 -6.61 39.13
C HIS D 107 -33.34 -7.63 38.44
N MET D 108 -32.78 -8.76 38.02
CA MET D 108 -33.56 -9.82 37.40
C MET D 108 -34.42 -9.31 36.25
N GLU E 5 -23.68 24.22 -6.62
CA GLU E 5 -23.80 25.02 -7.85
C GLU E 5 -24.12 24.15 -9.05
N ARG E 6 -25.13 24.55 -9.81
CA ARG E 6 -25.57 23.85 -11.00
C ARG E 6 -24.83 24.38 -12.23
N TYR E 7 -24.24 23.48 -13.01
CA TYR E 7 -23.60 23.91 -14.24
C TYR E 7 -24.65 24.29 -15.28
N ASP E 8 -24.27 25.18 -16.19
CA ASP E 8 -25.17 25.62 -17.24
C ASP E 8 -25.44 24.47 -18.22
N ILE E 9 -24.38 23.78 -18.63
CA ILE E 9 -24.48 22.70 -19.61
C ILE E 9 -23.65 21.52 -19.10
N ALA E 10 -24.21 20.32 -19.17
CA ALA E 10 -23.51 19.09 -18.80
C ALA E 10 -23.43 18.19 -20.02
N ILE E 11 -22.21 17.76 -20.35
CA ILE E 11 -21.96 16.98 -21.56
C ILE E 11 -21.59 15.56 -21.15
N ILE E 12 -22.35 14.58 -21.64
CA ILE E 12 -22.21 13.18 -21.26
C ILE E 12 -21.45 12.47 -22.37
N GLY E 13 -20.19 12.17 -22.13
CA GLY E 13 -19.33 11.53 -23.10
C GLY E 13 -18.26 12.49 -23.59
N SER E 14 -17.08 11.93 -23.85
CA SER E 14 -15.91 12.75 -24.20
C SER E 14 -15.38 12.41 -25.60
N GLY E 15 -16.28 12.00 -26.50
CA GLY E 15 -15.89 11.71 -27.86
C GLY E 15 -15.89 12.96 -28.72
N PRO E 16 -15.71 12.79 -30.02
CA PRO E 16 -15.68 13.96 -30.91
C PRO E 16 -16.91 14.86 -30.74
N ALA E 17 -18.10 14.27 -30.72
CA ALA E 17 -19.31 15.06 -30.54
C ALA E 17 -19.29 15.78 -29.21
N GLY E 18 -19.02 15.04 -28.12
CA GLY E 18 -18.98 15.67 -26.81
C GLY E 18 -18.01 16.83 -26.75
N LEU E 19 -16.83 16.65 -27.33
CA LEU E 19 -15.82 17.71 -27.34
C LEU E 19 -16.27 18.90 -28.18
N ALA E 20 -16.82 18.63 -29.38
CA ALA E 20 -17.32 19.71 -30.22
C ALA E 20 -18.40 20.52 -29.51
N SER E 21 -19.31 19.84 -28.83
CA SER E 21 -20.33 20.55 -28.05
C SER E 21 -19.68 21.38 -26.94
N ALA E 22 -18.71 20.79 -26.25
CA ALA E 22 -18.08 21.47 -25.12
C ALA E 22 -17.44 22.78 -25.55
N ILE E 23 -16.61 22.73 -26.59
CA ILE E 23 -15.89 23.93 -27.02
C ILE E 23 -16.85 25.01 -27.47
N ASN E 24 -17.98 24.62 -28.06
CA ASN E 24 -18.96 25.63 -28.47
C ASN E 24 -19.66 26.23 -27.25
N ALA E 25 -20.01 25.39 -26.27
CA ALA E 25 -20.58 25.90 -25.03
C ALA E 25 -19.57 26.75 -24.27
N LYS E 26 -18.31 26.31 -24.25
CA LYS E 26 -17.27 27.10 -23.58
C LYS E 26 -17.01 28.41 -24.31
N THR E 27 -17.20 28.45 -25.63
CA THR E 27 -16.95 29.66 -26.39
C THR E 27 -17.83 30.82 -25.92
N ARG E 28 -19.06 30.53 -25.49
CA ARG E 28 -20.04 31.55 -25.13
C ARG E 28 -20.19 31.73 -23.62
N ASN E 29 -19.12 31.44 -22.86
CA ASN E 29 -19.07 31.75 -21.43
C ASN E 29 -20.25 31.17 -20.65
N LYS E 30 -20.50 29.88 -20.87
CA LYS E 30 -21.47 29.11 -20.10
C LYS E 30 -20.71 28.03 -19.37
N SER E 31 -20.99 27.85 -18.08
CA SER E 31 -20.28 26.83 -17.32
C SER E 31 -20.59 25.45 -17.86
N VAL E 32 -19.54 24.65 -18.05
CA VAL E 32 -19.66 23.36 -18.73
C VAL E 32 -18.91 22.32 -17.93
N ILE E 33 -19.46 21.11 -17.88
CA ILE E 33 -18.79 19.95 -17.30
C ILE E 33 -18.89 18.81 -18.30
N VAL E 34 -17.79 18.08 -18.48
CA VAL E 34 -17.74 16.98 -19.42
C VAL E 34 -17.41 15.71 -18.66
N PHE E 35 -18.29 14.72 -18.75
CA PHE E 35 -18.05 13.40 -18.18
C PHE E 35 -17.56 12.48 -19.29
N GLY E 36 -16.40 11.90 -19.06
CA GLY E 36 -15.79 11.05 -20.06
C GLY E 36 -14.56 10.32 -19.56
N SER E 37 -14.03 9.45 -20.42
CA SER E 37 -12.82 8.70 -20.13
C SER E 37 -11.59 9.59 -20.21
N SER E 38 -10.47 9.14 -19.65
CA SER E 38 -9.25 9.92 -19.64
C SER E 38 -8.74 10.21 -21.05
N ASP E 39 -8.90 9.25 -21.96
CA ASP E 39 -8.38 9.38 -23.32
C ASP E 39 -9.35 9.90 -24.39
N LEU E 40 -10.46 10.48 -23.95
CA LEU E 40 -11.56 10.99 -24.80
C LEU E 40 -12.36 9.89 -25.49
N SER E 41 -11.75 9.12 -26.39
CA SER E 41 -12.48 8.03 -27.02
C SER E 41 -11.58 6.91 -27.48
N LYS E 42 -12.00 5.68 -27.24
CA LYS E 42 -11.25 4.52 -27.72
C LYS E 42 -11.29 4.42 -29.24
N LYS E 43 -12.41 4.78 -29.86
CA LYS E 43 -12.52 4.70 -31.31
C LYS E 43 -11.51 5.62 -31.98
N LEU E 44 -11.26 6.79 -31.37
CA LEU E 44 -10.27 7.71 -31.92
C LEU E 44 -8.87 7.10 -31.91
N THR E 45 -8.43 6.62 -30.74
CA THR E 45 -7.06 6.14 -30.63
C THR E 45 -6.79 4.94 -31.52
N LEU E 46 -7.76 4.03 -31.65
CA LEU E 46 -7.54 2.81 -32.41
C LEU E 46 -7.62 3.03 -33.91
N ALA E 47 -8.36 4.04 -34.35
CA ALA E 47 -8.59 4.21 -35.78
C ALA E 47 -7.25 4.33 -36.51
N PRO E 48 -7.02 3.56 -37.57
CA PRO E 48 -5.69 3.57 -38.21
C PRO E 48 -5.43 4.86 -38.96
N VAL E 49 -6.31 5.21 -39.89
CA VAL E 49 -6.10 6.40 -40.70
C VAL E 49 -7.46 7.01 -41.01
N ILE E 50 -7.53 8.32 -40.95
CA ILE E 50 -8.75 9.08 -41.14
C ILE E 50 -8.50 10.01 -42.32
N ASN E 51 -9.18 9.75 -43.44
CA ASN E 51 -9.10 10.63 -44.59
C ASN E 51 -10.36 11.46 -44.80
N ASN E 52 -11.48 11.07 -44.20
CA ASN E 52 -12.73 11.79 -44.40
C ASN E 52 -12.98 12.85 -43.34
N TYR E 53 -12.03 13.07 -42.43
CA TYR E 53 -12.09 14.25 -41.55
C TYR E 53 -11.37 15.38 -42.29
N LEU E 54 -12.11 16.41 -42.64
CA LEU E 54 -11.61 17.46 -43.52
C LEU E 54 -10.55 18.29 -42.80
N GLY E 55 -9.38 18.43 -43.43
CA GLY E 55 -8.27 19.16 -42.87
C GLY E 55 -7.17 18.27 -42.32
N PHE E 56 -7.44 16.98 -42.10
CA PHE E 56 -6.45 16.05 -41.56
C PHE E 56 -6.34 14.83 -42.50
N TYR E 57 -5.82 15.05 -43.70
CA TYR E 57 -5.62 13.94 -44.62
C TYR E 57 -4.59 12.97 -44.06
N GLY E 58 -4.89 11.67 -44.15
CA GLY E 58 -3.89 10.67 -43.82
C GLY E 58 -3.42 10.71 -42.38
N ILE E 59 -4.29 11.09 -41.47
CA ILE E 59 -3.93 11.20 -40.07
C ILE E 59 -4.34 9.95 -39.29
N ARG E 60 -3.42 9.41 -38.47
CA ARG E 60 -3.72 8.23 -37.66
C ARG E 60 -4.69 8.59 -36.57
N GLY E 61 -5.48 7.63 -36.10
CA GLY E 61 -6.48 7.94 -35.08
C GLY E 61 -5.88 8.48 -33.81
N ALA E 62 -4.82 7.87 -33.29
CA ALA E 62 -4.20 8.40 -32.09
C ALA E 62 -3.69 9.82 -32.29
N GLU E 63 -3.21 10.12 -33.51
CA GLU E 63 -2.72 11.46 -33.79
C GLU E 63 -3.83 12.50 -33.74
N LEU E 64 -5.01 12.16 -34.29
CA LEU E 64 -6.15 13.06 -34.21
C LEU E 64 -6.57 13.26 -32.76
N GLN E 65 -6.59 12.18 -31.97
CA GLN E 65 -6.92 12.31 -30.56
C GLN E 65 -6.01 13.32 -29.88
N GLU E 66 -4.74 13.39 -30.30
CA GLU E 66 -3.83 14.37 -29.74
C GLU E 66 -4.26 15.79 -30.07
N LYS E 67 -4.67 16.03 -31.32
CA LYS E 67 -5.11 17.37 -31.71
C LYS E 67 -6.32 17.80 -30.89
N PHE E 68 -7.26 16.88 -30.66
CA PHE E 68 -8.43 17.21 -29.86
C PHE E 68 -8.03 17.48 -28.41
N LYS E 69 -7.16 16.64 -27.85
CA LYS E 69 -6.68 16.87 -26.49
CA LYS E 69 -6.68 16.87 -26.48
C LYS E 69 -6.13 18.27 -26.33
N GLU E 70 -5.31 18.72 -27.29
CA GLU E 70 -4.72 20.05 -27.20
C GLU E 70 -5.80 21.13 -27.24
N HIS E 71 -6.81 20.95 -28.09
CA HIS E 71 -7.82 21.99 -28.25
C HIS E 71 -8.55 22.25 -26.94
N ILE E 72 -9.05 21.19 -26.30
CA ILE E 72 -9.79 21.38 -25.05
C ILE E 72 -8.87 21.91 -23.97
N ASP E 73 -7.63 21.42 -23.91
CA ASP E 73 -6.68 21.91 -22.90
C ASP E 73 -6.51 23.43 -23.03
N ASN E 74 -6.38 23.95 -24.23
CA ASN E 74 -6.19 25.37 -24.40
C ASN E 74 -7.40 26.18 -23.97
N MET E 75 -8.61 25.63 -24.14
CA MET E 75 -9.80 26.39 -23.83
C MET E 75 -10.16 26.31 -22.36
N GLY E 76 -9.35 25.63 -21.55
CA GLY E 76 -9.64 25.50 -20.14
C GLY E 76 -10.78 24.55 -19.86
N ILE E 77 -10.92 23.52 -20.68
CA ILE E 77 -11.98 22.53 -20.54
C ILE E 77 -11.36 21.27 -19.95
N GLN E 78 -11.90 20.79 -18.85
CA GLN E 78 -11.38 19.63 -18.15
C GLN E 78 -12.34 18.46 -18.29
N ILE E 79 -11.78 17.27 -18.50
CA ILE E 79 -12.59 16.07 -18.64
C ILE E 79 -12.61 15.30 -17.32
N GLU E 80 -13.78 14.88 -16.86
CA GLU E 80 -13.86 14.14 -15.62
C GLU E 80 -13.91 12.66 -15.97
N ASN E 81 -13.03 11.85 -15.40
CA ASN E 81 -13.02 10.42 -15.68
C ASN E 81 -14.00 9.70 -14.78
N VAL E 82 -15.28 9.86 -15.05
CA VAL E 82 -16.31 9.22 -14.24
C VAL E 82 -17.36 8.63 -15.15
N LYS E 83 -18.03 7.59 -14.66
CA LYS E 83 -19.07 6.94 -15.44
C LYS E 83 -20.39 7.51 -14.95
N VAL E 84 -21.22 7.95 -15.88
CA VAL E 84 -22.51 8.53 -15.50
C VAL E 84 -23.52 7.39 -15.39
N ASN E 85 -24.04 7.20 -14.17
CA ASN E 85 -24.97 6.10 -13.90
C ASN E 85 -26.42 6.48 -14.20
N ASN E 86 -26.86 7.70 -13.89
CA ASN E 86 -28.25 8.07 -14.13
C ASN E 86 -28.38 9.57 -14.29
N ILE E 87 -29.45 9.97 -14.98
CA ILE E 87 -29.80 11.37 -15.21
C ILE E 87 -31.31 11.50 -15.06
N TYR E 88 -31.75 12.23 -14.06
CA TYR E 88 -33.17 12.35 -13.75
C TYR E 88 -33.64 13.73 -14.16
N ALA E 89 -34.51 13.78 -15.17
CA ALA E 89 -35.01 15.05 -15.69
C ALA E 89 -36.10 15.56 -14.75
N MET E 90 -35.74 16.57 -13.94
CA MET E 90 -36.68 17.11 -12.96
C MET E 90 -37.62 18.16 -13.56
N GLY E 91 -37.23 18.80 -14.66
CA GLY E 91 -38.05 19.81 -15.27
C GLY E 91 -37.30 21.11 -15.52
N GLU E 92 -36.94 21.79 -14.43
CA GLU E 92 -36.12 23.00 -14.53
C GLU E 92 -34.63 22.70 -14.59
N TYR E 93 -34.21 21.51 -14.18
CA TYR E 93 -32.81 21.14 -14.21
C TYR E 93 -32.71 19.63 -14.36
N PHE E 94 -31.48 19.14 -14.46
CA PHE E 94 -31.21 17.72 -14.57
C PHE E 94 -30.30 17.28 -13.42
N SER E 95 -30.72 16.25 -12.70
CA SER E 95 -29.91 15.67 -11.65
C SER E 95 -29.13 14.50 -12.23
N ILE E 96 -27.81 14.52 -12.02
CA ILE E 96 -26.91 13.55 -12.61
C ILE E 96 -26.33 12.69 -11.49
N MET E 97 -26.65 11.41 -11.52
CA MET E 97 -26.17 10.47 -10.51
C MET E 97 -24.98 9.74 -11.09
N THR E 98 -23.88 9.72 -10.33
CA THR E 98 -22.73 8.89 -10.65
C THR E 98 -22.28 8.16 -9.39
N SER E 99 -21.49 7.11 -9.60
CA SER E 99 -20.94 6.35 -8.50
C SER E 99 -20.07 7.23 -7.62
N LYS E 100 -20.55 7.50 -6.40
CA LYS E 100 -19.87 8.31 -5.39
C LYS E 100 -19.91 9.80 -5.65
N ASP E 101 -20.82 10.31 -6.48
CA ASP E 101 -20.90 11.76 -6.68
C ASP E 101 -22.31 12.13 -7.13
N THR E 102 -22.63 13.42 -6.97
CA THR E 102 -23.91 13.98 -7.41
C THR E 102 -23.68 15.31 -8.10
N TYR E 103 -24.31 15.51 -9.26
CA TYR E 103 -24.20 16.76 -10.00
C TYR E 103 -25.57 17.18 -10.52
N GLU E 104 -25.70 18.48 -10.79
CA GLU E 104 -26.92 19.05 -11.35
C GLU E 104 -26.54 20.04 -12.45
N ALA E 105 -27.39 20.10 -13.48
CA ALA E 105 -27.15 21.00 -14.60
C ALA E 105 -28.49 21.43 -15.21
N SER E 106 -28.49 22.60 -15.85
CA SER E 106 -29.71 23.15 -16.44
C SER E 106 -30.02 22.52 -17.80
N LYS E 107 -28.99 22.18 -18.58
CA LYS E 107 -29.17 21.50 -19.86
C LYS E 107 -28.22 20.32 -19.92
N VAL E 108 -28.58 19.31 -20.71
CA VAL E 108 -27.81 18.08 -20.83
C VAL E 108 -27.60 17.75 -22.30
N ILE E 109 -26.44 17.18 -22.61
CA ILE E 109 -26.11 16.72 -23.96
C ILE E 109 -25.55 15.31 -23.85
N LEU E 110 -26.10 14.39 -24.64
CA LEU E 110 -25.76 12.97 -24.58
C LEU E 110 -24.81 12.63 -25.73
N ALA E 111 -23.70 11.95 -25.42
CA ALA E 111 -22.68 11.61 -26.42
C ALA E 111 -22.03 10.25 -26.19
N MET E 112 -22.80 9.17 -26.25
CA MET E 112 -22.27 7.82 -26.07
C MET E 112 -22.43 7.02 -27.36
N GLY E 113 -21.38 6.31 -27.77
CA GLY E 113 -21.45 5.57 -29.01
C GLY E 113 -22.19 4.24 -28.97
N MET E 114 -22.00 3.47 -27.91
CA MET E 114 -22.51 2.10 -27.87
C MET E 114 -23.11 1.81 -26.50
N GLU E 115 -23.95 0.79 -26.44
CA GLU E 115 -24.59 0.37 -25.19
C GLU E 115 -24.81 -1.14 -25.21
N HIS E 116 -24.90 -1.75 -24.02
CA HIS E 116 -25.10 -3.19 -23.94
C HIS E 116 -26.48 -3.57 -24.47
N THR E 117 -26.56 -4.65 -25.25
CA THR E 117 -27.83 -5.10 -25.81
C THR E 117 -28.71 -5.71 -24.73
N LYS E 118 -30.02 -5.61 -24.90
CA LYS E 118 -30.95 -6.17 -23.92
C LYS E 118 -31.82 -7.24 -24.56
N PRO E 119 -31.91 -8.42 -23.92
CA PRO E 119 -32.73 -9.49 -24.49
C PRO E 119 -34.01 -9.70 -23.70
N LEU E 120 -35.14 -9.47 -24.37
CA LEU E 120 -36.47 -9.67 -23.80
C LEU E 120 -36.71 -8.91 -22.49
N LYS E 121 -36.11 -7.72 -22.36
CA LYS E 121 -36.31 -6.92 -21.16
C LYS E 121 -37.66 -6.21 -21.10
N GLY E 122 -38.07 -5.62 -22.22
CA GLY E 122 -39.31 -4.86 -22.27
C GLY E 122 -40.58 -5.63 -22.02
N GLU E 123 -40.70 -6.83 -22.57
CA GLU E 123 -41.91 -7.61 -22.37
C GLU E 123 -42.22 -7.83 -20.88
N ASP E 124 -41.18 -8.10 -20.08
CA ASP E 124 -41.30 -8.34 -18.63
C ASP E 124 -40.50 -7.24 -17.88
N LYS E 125 -40.85 -5.98 -18.10
CA LYS E 125 -40.20 -4.80 -17.47
C LYS E 125 -40.42 -4.84 -15.96
N PHE E 126 -41.64 -5.18 -15.52
CA PHE E 126 -42.03 -5.28 -14.09
C PHE E 126 -42.61 -6.66 -13.80
N VAL E 131 -38.06 -8.51 -12.81
CA VAL E 131 -37.37 -8.07 -14.06
C VAL E 131 -37.06 -6.58 -13.95
N GLY E 132 -36.18 -6.21 -13.00
CA GLY E 132 -35.77 -4.82 -12.74
C GLY E 132 -34.26 -4.69 -12.62
N TYR E 133 -33.73 -3.48 -12.80
CA TYR E 133 -32.29 -3.13 -12.71
C TYR E 133 -32.03 -2.34 -11.43
N SER E 134 -32.95 -2.45 -10.45
CA SER E 134 -32.86 -1.74 -9.19
C SER E 134 -31.75 -2.26 -8.30
N ALA E 135 -31.65 -3.58 -8.12
CA ALA E 135 -30.67 -4.20 -7.24
C ALA E 135 -30.97 -3.85 -5.79
N THR E 136 -30.18 -2.94 -5.20
CA THR E 136 -30.42 -2.51 -3.83
C THR E 136 -31.79 -1.84 -3.69
N CYS E 137 -32.29 -1.25 -4.78
CA CYS E 137 -33.55 -0.53 -4.72
C CYS E 137 -34.75 -1.45 -4.51
N ASP E 138 -34.80 -2.57 -5.23
CA ASP E 138 -35.93 -3.48 -5.17
C ASP E 138 -35.70 -4.70 -4.28
N ALA E 139 -34.59 -4.75 -3.55
CA ALA E 139 -34.30 -5.95 -2.77
C ALA E 139 -35.40 -6.28 -1.76
N PRO E 140 -35.97 -5.34 -1.00
CA PRO E 140 -37.01 -5.72 -0.03
C PRO E 140 -38.25 -6.32 -0.65
N LEU E 141 -38.62 -5.94 -1.88
CA LEU E 141 -39.80 -6.51 -2.49
C LEU E 141 -39.65 -8.02 -2.69
N TYR E 142 -38.43 -8.48 -2.92
CA TYR E 142 -38.17 -9.89 -3.20
C TYR E 142 -37.63 -10.65 -1.99
N LYS E 143 -37.92 -10.19 -0.78
CA LYS E 143 -37.46 -10.89 0.41
C LYS E 143 -37.98 -12.33 0.44
N GLY E 144 -37.08 -13.27 0.69
CA GLY E 144 -37.45 -14.67 0.79
C GLY E 144 -37.90 -15.31 -0.51
N LYS E 145 -37.38 -14.85 -1.64
CA LYS E 145 -37.77 -15.35 -2.95
C LYS E 145 -36.53 -15.62 -3.79
N ILE E 146 -36.72 -16.32 -4.90
CA ILE E 146 -35.61 -16.61 -5.81
C ILE E 146 -35.34 -15.40 -6.68
N VAL E 147 -34.08 -15.01 -6.78
CA VAL E 147 -33.67 -13.87 -7.59
C VAL E 147 -32.44 -14.27 -8.39
N THR E 148 -32.39 -13.82 -9.64
CA THR E 148 -31.26 -14.06 -10.52
C THR E 148 -30.63 -12.72 -10.85
N ILE E 149 -29.30 -12.70 -10.90
CA ILE E 149 -28.55 -11.49 -11.19
C ILE E 149 -27.62 -11.76 -12.35
N VAL E 150 -27.65 -10.87 -13.33
CA VAL E 150 -26.70 -10.88 -14.44
C VAL E 150 -25.74 -9.72 -14.17
N GLY E 151 -24.48 -10.05 -13.88
CA GLY E 151 -23.51 -9.06 -13.45
C GLY E 151 -22.54 -8.74 -14.57
N TYR E 152 -22.43 -7.44 -14.87
CA TYR E 152 -21.49 -6.94 -15.86
C TYR E 152 -20.35 -6.14 -15.23
N ASN E 153 -20.34 -5.96 -13.92
CA ASN E 153 -19.30 -5.19 -13.26
C ASN E 153 -19.20 -5.65 -11.81
N LYS E 154 -18.18 -5.14 -11.12
CA LYS E 154 -17.92 -5.58 -9.76
C LYS E 154 -19.01 -5.10 -8.80
N GLU E 155 -19.54 -3.90 -9.03
CA GLU E 155 -20.62 -3.40 -8.18
C GLU E 155 -21.78 -4.40 -8.16
N ALA E 156 -22.03 -5.08 -9.28
CA ALA E 156 -23.08 -6.08 -9.32
C ALA E 156 -22.78 -7.20 -8.33
N GLU E 157 -21.52 -7.64 -8.27
CA GLU E 157 -21.15 -8.66 -7.29
C GLU E 157 -21.52 -8.21 -5.89
N SER E 158 -21.26 -6.93 -5.56
CA SER E 158 -21.60 -6.42 -4.23
C SER E 158 -23.10 -6.44 -3.99
N GLU E 159 -23.89 -6.05 -4.99
CA GLU E 159 -25.34 -6.07 -4.83
C GLU E 159 -25.87 -7.49 -4.65
N ALA E 160 -25.26 -8.47 -5.33
CA ALA E 160 -25.68 -9.85 -5.17
C ALA E 160 -25.48 -10.34 -3.75
N ASN E 161 -24.34 -10.02 -3.14
CA ASN E 161 -24.10 -10.40 -1.75
C ASN E 161 -25.16 -9.83 -0.83
N TYR E 162 -25.57 -8.58 -1.06
CA TYR E 162 -26.62 -7.97 -0.25
C TYR E 162 -27.93 -8.75 -0.40
N LEU E 163 -28.30 -9.08 -1.64
CA LEU E 163 -29.56 -9.77 -1.88
C LEU E 163 -29.64 -11.11 -1.17
N ALA E 164 -28.50 -11.82 -1.05
CA ALA E 164 -28.53 -13.18 -0.53
C ALA E 164 -29.14 -13.26 0.87
N GLU E 165 -28.98 -12.23 1.69
CA GLU E 165 -29.56 -12.27 3.03
C GLU E 165 -31.08 -12.20 2.98
N LEU E 166 -31.64 -11.50 2.00
CA LEU E 166 -33.07 -11.28 1.95
C LEU E 166 -33.77 -12.33 1.10
N ALA E 167 -33.14 -12.80 0.03
CA ALA E 167 -33.77 -13.73 -0.89
C ALA E 167 -33.54 -15.16 -0.43
N SER E 168 -34.49 -16.03 -0.76
CA SER E 168 -34.38 -17.45 -0.41
C SER E 168 -33.28 -18.14 -1.20
N LYS E 169 -33.00 -17.65 -2.41
CA LYS E 169 -31.98 -18.23 -3.26
C LYS E 169 -31.50 -17.15 -4.22
N VAL E 170 -30.19 -17.07 -4.41
CA VAL E 170 -29.58 -16.07 -5.27
C VAL E 170 -28.69 -16.76 -6.28
N TYR E 171 -28.92 -16.48 -7.56
CA TYR E 171 -28.04 -16.92 -8.64
C TYR E 171 -27.29 -15.70 -9.14
N TYR E 172 -26.01 -15.88 -9.45
CA TYR E 172 -25.21 -14.81 -10.04
C TYR E 172 -24.68 -15.31 -11.37
N VAL E 173 -25.07 -14.65 -12.45
CA VAL E 173 -24.58 -14.97 -13.78
C VAL E 173 -23.59 -13.88 -14.17
N PRO E 174 -22.29 -14.13 -14.13
CA PRO E 174 -21.33 -13.11 -14.52
C PRO E 174 -21.03 -13.11 -16.00
N ARG E 175 -21.03 -11.93 -16.60
CA ARG E 175 -20.62 -11.77 -17.98
C ARG E 175 -19.16 -11.42 -18.10
N TYR E 176 -18.51 -11.08 -17.00
CA TYR E 176 -17.11 -10.71 -16.98
C TYR E 176 -16.29 -11.84 -16.41
N LYS E 177 -15.06 -11.98 -16.90
CA LYS E 177 -14.12 -13.00 -16.43
C LYS E 177 -13.18 -12.33 -15.44
N ASP E 178 -13.43 -12.54 -14.14
CA ASP E 178 -12.59 -12.01 -13.09
C ASP E 178 -12.90 -12.78 -11.82
N GLU E 179 -11.99 -12.69 -10.86
CA GLU E 179 -12.25 -13.27 -9.54
C GLU E 179 -13.47 -12.58 -8.91
N TYR E 180 -14.37 -13.38 -8.35
CA TYR E 180 -15.63 -12.89 -7.80
C TYR E 180 -15.66 -13.04 -6.28
N GLN E 181 -15.92 -11.94 -5.58
CA GLN E 181 -16.09 -11.91 -4.14
C GLN E 181 -17.58 -12.05 -3.80
N LEU E 182 -18.01 -13.26 -3.42
CA LEU E 182 -19.42 -13.54 -3.18
C LEU E 182 -19.60 -14.38 -1.92
N VAL E 183 -20.75 -14.16 -1.26
CA VAL E 183 -21.11 -14.90 -0.03
C VAL E 183 -21.40 -16.36 -0.39
N SER E 184 -21.44 -17.20 0.66
CA SER E 184 -21.64 -18.64 0.44
C SER E 184 -23.02 -18.96 -0.12
N ALA E 185 -24.05 -18.24 0.32
CA ALA E 185 -25.41 -18.54 -0.13
C ALA E 185 -25.58 -18.33 -1.63
N VAL E 186 -24.86 -17.36 -2.20
CA VAL E 186 -25.00 -17.08 -3.62
C VAL E 186 -24.38 -18.20 -4.43
N GLU E 187 -25.12 -18.67 -5.43
CA GLU E 187 -24.63 -19.70 -6.36
C GLU E 187 -24.21 -19.02 -7.65
N ILE E 188 -23.01 -19.34 -8.10
CA ILE E 188 -22.47 -18.76 -9.32
C ILE E 188 -22.89 -19.65 -10.48
N VAL E 189 -23.37 -19.03 -11.55
CA VAL E 189 -23.84 -19.74 -12.74
C VAL E 189 -23.07 -19.19 -13.93
N LYS E 190 -22.06 -19.94 -14.40
CA LYS E 190 -21.23 -19.50 -15.51
C LYS E 190 -21.84 -19.99 -16.82
N ASP E 191 -22.78 -19.20 -17.34
CA ASP E 191 -23.35 -19.48 -18.65
C ASP E 191 -23.90 -18.17 -19.23
N VAL E 192 -24.24 -18.21 -20.50
CA VAL E 192 -24.62 -17.02 -21.26
C VAL E 192 -26.14 -16.87 -21.23
N PRO E 193 -26.68 -15.75 -20.76
CA PRO E 193 -28.14 -15.57 -20.80
C PRO E 193 -28.67 -15.55 -22.23
N VAL E 194 -29.89 -16.07 -22.40
CA VAL E 194 -30.51 -16.16 -23.71
C VAL E 194 -31.84 -15.43 -23.73
N GLU E 195 -32.76 -15.82 -22.85
CA GLU E 195 -34.12 -15.33 -22.91
C GLU E 195 -34.74 -15.37 -21.52
N ILE E 196 -35.61 -14.40 -21.26
CA ILE E 196 -36.44 -14.35 -20.06
C ILE E 196 -37.85 -14.71 -20.48
N VAL E 197 -38.48 -15.62 -19.73
CA VAL E 197 -39.78 -16.16 -20.09
C VAL E 197 -40.69 -16.15 -18.89
N GLY E 198 -41.96 -15.80 -19.12
CA GLY E 198 -42.97 -15.85 -18.07
C GLY E 198 -44.34 -15.59 -18.64
N ASP E 199 -45.35 -16.09 -17.92
CA ASP E 199 -46.74 -15.88 -18.35
C ASP E 199 -47.24 -14.52 -17.87
N LYS E 200 -47.47 -14.38 -16.56
CA LYS E 200 -47.85 -13.10 -15.97
C LYS E 200 -46.65 -12.36 -15.41
N LYS E 201 -45.75 -13.06 -14.73
CA LYS E 201 -44.50 -12.50 -14.23
C LYS E 201 -43.36 -13.41 -14.66
N VAL E 202 -42.13 -12.91 -14.47
CA VAL E 202 -40.96 -13.71 -14.81
C VAL E 202 -40.99 -15.00 -14.01
N GLU E 203 -40.75 -16.11 -14.68
CA GLU E 203 -40.77 -17.43 -14.05
C GLU E 203 -39.46 -18.17 -14.19
N LYS E 204 -38.77 -18.04 -15.32
CA LYS E 204 -37.53 -18.75 -15.54
C LYS E 204 -36.62 -17.92 -16.45
N LEU E 205 -35.31 -18.09 -16.27
CA LEU E 205 -34.31 -17.50 -17.14
C LEU E 205 -33.61 -18.62 -17.89
N LYS E 206 -33.69 -18.59 -19.21
CA LYS E 206 -33.09 -19.64 -20.04
C LYS E 206 -31.70 -19.19 -20.48
N LEU E 207 -30.71 -20.04 -20.21
CA LEU E 207 -29.35 -19.81 -20.67
C LEU E 207 -29.02 -20.86 -21.72
N LYS E 208 -27.82 -20.75 -22.30
CA LYS E 208 -27.44 -21.64 -23.40
C LYS E 208 -27.58 -23.10 -23.00
N SER E 209 -27.01 -23.48 -21.85
CA SER E 209 -26.99 -24.88 -21.42
C SER E 209 -27.67 -25.09 -20.07
N ARG E 210 -28.44 -24.13 -19.58
CA ARG E 210 -29.04 -24.25 -18.27
C ARG E 210 -30.30 -23.42 -18.20
N GLU E 211 -31.19 -23.82 -17.29
CA GLU E 211 -32.43 -23.09 -17.00
C GLU E 211 -32.51 -22.86 -15.51
N LEU E 212 -32.97 -21.67 -15.12
CA LEU E 212 -33.09 -21.27 -13.72
C LEU E 212 -34.53 -20.88 -13.44
N GLU E 213 -35.13 -21.52 -12.44
CA GLU E 213 -36.46 -21.11 -11.98
C GLU E 213 -36.28 -19.93 -11.04
N THR E 214 -36.85 -18.78 -11.40
CA THR E 214 -36.64 -17.57 -10.60
C THR E 214 -37.84 -16.64 -10.68
N ASP E 215 -38.08 -15.92 -9.58
CA ASP E 215 -39.14 -14.93 -9.51
C ASP E 215 -38.73 -13.61 -10.13
N GLY E 216 -37.51 -13.14 -9.85
CA GLY E 216 -37.05 -11.87 -10.35
C GLY E 216 -35.63 -11.96 -10.88
N VAL E 217 -35.37 -11.19 -11.92
CA VAL E 217 -34.07 -11.11 -12.56
C VAL E 217 -33.60 -9.67 -12.54
N PHE E 218 -32.38 -9.44 -12.07
CA PHE E 218 -31.79 -8.11 -12.12
C PHE E 218 -30.56 -8.16 -13.02
N VAL E 219 -30.52 -7.24 -13.98
CA VAL E 219 -29.45 -7.13 -14.96
C VAL E 219 -28.69 -5.85 -14.68
N LEU E 220 -27.52 -5.98 -14.09
CA LEU E 220 -26.69 -4.84 -13.73
C LEU E 220 -25.61 -4.69 -14.79
N LYS E 221 -25.70 -3.62 -15.57
CA LYS E 221 -24.89 -3.45 -16.77
C LYS E 221 -23.80 -2.43 -16.51
N ASP E 222 -22.64 -2.67 -17.12
CA ASP E 222 -21.52 -1.73 -17.01
C ASP E 222 -21.72 -0.58 -17.97
N SER E 223 -22.23 -0.86 -19.17
CA SER E 223 -22.58 0.15 -20.17
C SER E 223 -24.09 0.07 -20.37
N ALA E 224 -24.82 0.91 -19.65
CA ALA E 224 -26.27 0.90 -19.70
C ALA E 224 -26.77 1.47 -21.02
N PRO E 225 -27.95 1.05 -21.47
CA PRO E 225 -28.56 1.68 -22.66
C PRO E 225 -29.06 3.07 -22.31
N PRO E 226 -29.27 3.93 -23.32
CA PRO E 226 -29.72 5.29 -23.02
C PRO E 226 -31.07 5.35 -22.33
N GLU E 227 -32.01 4.49 -22.72
CA GLU E 227 -33.33 4.52 -22.10
C GLU E 227 -33.23 4.25 -20.60
N GLN E 228 -32.38 3.30 -20.21
CA GLN E 228 -32.22 3.02 -18.79
C GLN E 228 -31.42 4.13 -18.10
N LEU E 229 -30.35 4.59 -18.74
CA LEU E 229 -29.54 5.65 -18.15
C LEU E 229 -30.37 6.90 -17.86
N VAL E 230 -31.21 7.30 -18.81
CA VAL E 230 -32.07 8.47 -18.66
C VAL E 230 -33.53 8.04 -18.61
N PRO E 231 -34.13 7.93 -17.42
CA PRO E 231 -35.55 7.58 -17.35
C PRO E 231 -36.37 8.54 -18.21
N GLY E 232 -37.24 7.96 -19.04
CA GLY E 232 -38.13 8.73 -19.87
C GLY E 232 -37.60 9.07 -21.25
N LEU E 233 -36.34 8.76 -21.56
CA LEU E 233 -35.84 9.04 -22.89
C LEU E 233 -36.48 8.12 -23.92
N TYR E 234 -36.93 8.70 -25.03
CA TYR E 234 -37.56 7.96 -26.10
C TYR E 234 -36.49 7.52 -27.09
N VAL E 235 -36.44 6.22 -27.35
CA VAL E 235 -35.46 5.62 -28.26
C VAL E 235 -36.22 4.85 -29.32
N GLU E 236 -35.88 5.10 -30.59
CA GLU E 236 -36.52 4.44 -31.71
C GLU E 236 -35.45 3.82 -32.61
N ASP E 237 -35.68 2.58 -33.01
CA ASP E 237 -34.75 1.87 -33.90
C ASP E 237 -33.37 1.75 -33.26
N GLY E 238 -33.35 1.56 -31.95
CA GLY E 238 -32.11 1.37 -31.22
C GLY E 238 -31.24 2.60 -31.07
N HIS E 239 -31.72 3.77 -31.49
CA HIS E 239 -30.96 5.01 -31.37
C HIS E 239 -31.87 6.11 -30.86
N ILE E 240 -31.27 7.12 -30.22
CA ILE E 240 -32.05 8.23 -29.68
C ILE E 240 -32.67 9.04 -30.81
N LYS E 241 -33.94 9.39 -30.64
CA LYS E 241 -34.65 10.23 -31.61
C LYS E 241 -34.30 11.69 -31.37
N VAL E 242 -34.03 12.41 -32.45
CA VAL E 242 -33.69 13.83 -32.38
C VAL E 242 -34.26 14.56 -33.59
N ASN E 243 -34.56 15.83 -33.39
CA ASN E 243 -35.07 16.68 -34.45
C ASN E 243 -33.89 17.37 -35.14
N ARG E 244 -34.18 18.37 -35.98
CA ARG E 244 -33.12 19.08 -36.69
C ARG E 244 -32.19 19.81 -35.74
N LYS E 245 -32.68 20.20 -34.56
CA LYS E 245 -31.90 20.96 -33.59
C LYS E 245 -31.30 20.08 -32.49
N MET E 246 -31.33 18.76 -32.66
CA MET E 246 -30.78 17.82 -31.69
C MET E 246 -31.53 17.84 -30.37
N GLU E 247 -32.86 17.96 -30.43
CA GLU E 247 -33.71 17.93 -29.25
C GLU E 247 -34.32 16.55 -29.10
N THR E 248 -34.29 16.02 -27.88
CA THR E 248 -34.92 14.74 -27.57
C THR E 248 -36.37 14.96 -27.15
N ASN E 249 -37.06 13.88 -26.79
CA ASN E 249 -38.42 14.01 -26.27
C ASN E 249 -38.43 14.75 -24.93
N ILE E 250 -37.32 14.72 -24.21
CA ILE E 250 -37.21 15.44 -22.94
C ILE E 250 -36.87 16.90 -23.20
N ASP E 251 -37.66 17.80 -22.63
CA ASP E 251 -37.39 19.22 -22.78
C ASP E 251 -36.04 19.57 -22.16
N GLY E 252 -35.20 20.27 -22.93
CA GLY E 252 -33.89 20.64 -22.44
C GLY E 252 -32.85 19.56 -22.44
N CYS E 253 -33.06 18.47 -23.17
CA CYS E 253 -32.08 17.39 -23.28
C CYS E 253 -31.75 17.18 -24.74
N TYR E 254 -30.48 17.36 -25.10
CA TYR E 254 -30.02 17.20 -26.47
C TYR E 254 -29.19 15.93 -26.58
N ALA E 255 -28.91 15.53 -27.82
CA ALA E 255 -28.11 14.34 -28.07
C ALA E 255 -27.35 14.52 -29.38
N ALA E 256 -26.14 13.97 -29.42
CA ALA E 256 -25.27 14.18 -30.58
C ALA E 256 -24.25 13.05 -30.66
N GLY E 257 -23.87 12.72 -31.88
CA GLY E 257 -22.84 11.74 -32.13
C GLY E 257 -23.41 10.40 -32.54
N ASP E 258 -22.65 9.35 -32.24
CA ASP E 258 -23.02 8.00 -32.58
C ASP E 258 -24.33 7.51 -31.95
N CYS E 259 -24.61 7.89 -30.70
CA CYS E 259 -25.85 7.47 -30.06
C CYS E 259 -27.10 7.90 -30.83
N THR E 260 -27.15 9.10 -31.38
CA THR E 260 -28.33 9.51 -32.13
C THR E 260 -28.64 8.60 -33.32
N GLY E 261 -27.62 8.20 -34.08
CA GLY E 261 -27.85 7.32 -35.22
C GLY E 261 -27.32 7.95 -36.49
N LYS E 262 -27.52 7.27 -37.61
CA LYS E 262 -27.11 7.79 -38.92
C LYS E 262 -25.74 7.23 -39.26
N PRO E 263 -25.03 7.87 -40.22
CA PRO E 263 -23.68 7.33 -40.43
C PRO E 263 -22.78 7.62 -39.25
N TYR E 264 -21.90 6.71 -38.90
CA TYR E 264 -20.99 6.93 -37.78
C TYR E 264 -19.71 7.52 -38.35
N GLN E 265 -19.51 8.82 -38.20
CA GLN E 265 -18.31 9.47 -38.70
C GLN E 265 -17.94 10.60 -37.76
N TYR E 266 -16.67 10.99 -37.78
CA TYR E 266 -16.20 12.07 -36.93
C TYR E 266 -16.91 13.37 -37.29
N MET E 267 -16.96 13.70 -38.57
CA MET E 267 -17.46 15.01 -38.97
C MET E 267 -18.94 15.16 -38.64
N LYS E 268 -19.74 14.10 -38.80
CA LYS E 268 -21.11 14.15 -38.33
C LYS E 268 -21.15 14.36 -36.82
N ALA E 269 -20.30 13.65 -36.08
CA ALA E 269 -20.31 13.75 -34.63
C ALA E 269 -20.06 15.18 -34.16
N VAL E 270 -19.02 15.82 -34.70
CA VAL E 270 -18.70 17.17 -34.28
C VAL E 270 -19.79 18.14 -34.73
N GLY E 271 -20.26 18.00 -35.97
CA GLY E 271 -21.35 18.85 -36.43
C GLY E 271 -22.57 18.74 -35.54
N GLU E 272 -23.02 17.51 -35.30
CA GLU E 272 -24.17 17.32 -34.40
C GLU E 272 -23.90 17.89 -33.02
N GLY E 273 -22.70 17.64 -32.49
CA GLY E 273 -22.37 18.18 -31.19
C GLY E 273 -22.46 19.70 -31.16
N GLN E 274 -21.99 20.36 -32.23
CA GLN E 274 -22.07 21.81 -32.28
C GLN E 274 -23.52 22.29 -32.26
N VAL E 275 -24.37 21.68 -33.09
CA VAL E 275 -25.75 22.14 -33.18
C VAL E 275 -26.43 22.04 -31.83
N ALA E 276 -26.24 20.92 -31.13
CA ALA E 276 -26.83 20.74 -29.82
C ALA E 276 -26.34 21.82 -28.84
N ALA E 277 -25.02 22.02 -28.78
CA ALA E 277 -24.47 22.98 -27.83
C ALA E 277 -25.00 24.38 -28.11
N LEU E 278 -24.94 24.82 -29.37
CA LEU E 278 -25.40 26.16 -29.70
C LEU E 278 -26.88 26.33 -29.37
N ASN E 279 -27.69 25.33 -29.68
CA ASN E 279 -29.11 25.43 -29.34
C ASN E 279 -29.29 25.43 -27.83
N ALA E 280 -28.47 24.67 -27.12
CA ALA E 280 -28.54 24.66 -25.66
C ALA E 280 -28.21 26.03 -25.08
N VAL E 281 -27.17 26.69 -25.59
CA VAL E 281 -26.83 28.03 -25.13
C VAL E 281 -28.02 28.97 -25.35
N GLU E 282 -28.62 28.90 -26.54
CA GLU E 282 -29.69 29.81 -26.89
C GLU E 282 -30.88 29.68 -25.95
N LYS E 283 -31.27 28.46 -25.59
CA LYS E 283 -32.41 28.29 -24.69
C LYS E 283 -32.09 28.85 -23.31
N LEU E 284 -30.83 28.73 -22.87
CA LEU E 284 -30.44 29.33 -21.61
C LEU E 284 -30.70 30.83 -21.62
N TYR E 285 -30.51 31.48 -22.78
CA TYR E 285 -30.78 32.91 -22.88
C TYR E 285 -32.28 33.19 -22.83
N THR E 286 -33.08 32.35 -23.47
CA THR E 286 -34.53 32.51 -23.46
C THR E 286 -35.15 31.72 -22.32
N GLU F 10 -55.18 4.61 5.76
CA GLU F 10 -55.43 3.62 4.72
C GLU F 10 -56.91 3.60 4.33
N SER F 11 -57.78 3.48 5.33
CA SER F 11 -59.21 3.41 5.06
C SER F 11 -59.72 4.69 4.39
N ILE F 12 -59.26 5.85 4.88
CA ILE F 12 -59.69 7.12 4.29
C ILE F 12 -59.31 7.18 2.82
N PHE F 13 -58.10 6.71 2.49
CA PHE F 13 -57.65 6.72 1.10
C PHE F 13 -58.52 5.83 0.21
N ASP F 14 -58.84 4.61 0.69
CA ASP F 14 -59.66 3.70 -0.09
C ASP F 14 -61.03 4.32 -0.39
N GLU F 15 -61.62 5.00 0.61
CA GLU F 15 -62.92 5.63 0.39
C GLU F 15 -62.85 6.67 -0.72
N GLU F 16 -61.79 7.48 -0.74
CA GLU F 16 -61.65 8.50 -1.77
C GLU F 16 -61.55 7.86 -3.16
N ILE F 17 -60.83 6.74 -3.27
CA ILE F 17 -60.66 6.07 -4.55
C ILE F 17 -62.02 5.72 -5.17
N PRO F 23 -59.27 10.83 -11.30
CA PRO F 23 -58.48 9.64 -10.96
C PRO F 23 -57.53 9.89 -9.79
N VAL F 24 -57.19 8.83 -9.07
CA VAL F 24 -56.26 8.89 -7.93
C VAL F 24 -54.97 8.19 -8.35
N ILE F 25 -53.84 8.84 -8.07
CA ILE F 25 -52.52 8.30 -8.42
C ILE F 25 -51.74 8.06 -7.14
N VAL F 26 -51.23 6.84 -6.99
CA VAL F 26 -50.47 6.42 -5.83
C VAL F 26 -49.00 6.36 -6.20
N ASP F 27 -48.15 7.02 -5.40
CA ASP F 27 -46.71 6.98 -5.60
C ASP F 27 -46.14 5.99 -4.59
N PHE F 28 -45.58 4.90 -5.08
CA PHE F 28 -44.94 3.90 -4.24
C PHE F 28 -43.45 4.19 -4.22
N TRP F 29 -42.93 4.47 -3.03
CA TRP F 29 -41.54 4.87 -2.87
C TRP F 29 -40.97 4.21 -1.63
N ALA F 30 -39.64 4.20 -1.55
CA ALA F 30 -38.93 3.64 -0.41
C ALA F 30 -37.78 4.57 -0.05
N PRO F 31 -37.40 4.63 1.23
CA PRO F 31 -36.34 5.57 1.63
C PRO F 31 -34.94 5.19 1.17
N TRP F 32 -34.67 3.93 0.87
CA TRP F 32 -33.34 3.52 0.43
C TRP F 32 -33.14 3.74 -1.06
N CYS F 33 -34.21 3.70 -1.85
CA CYS F 33 -34.13 3.86 -3.30
C CYS F 33 -34.15 5.34 -3.70
N GLY F 34 -33.06 5.78 -4.33
CA GLY F 34 -32.91 7.16 -4.76
C GLY F 34 -33.94 7.63 -5.77
N PRO F 35 -34.12 6.87 -6.86
CA PRO F 35 -35.14 7.26 -7.85
C PRO F 35 -36.48 7.54 -7.20
N SER F 36 -36.93 6.66 -6.30
CA SER F 36 -38.19 6.90 -5.61
C SER F 36 -38.16 8.20 -4.80
N LYS F 37 -37.03 8.60 -4.24
CA LYS F 37 -36.93 9.91 -3.62
C LYS F 37 -37.21 11.01 -4.63
N MET F 38 -36.51 10.96 -5.77
CA MET F 38 -36.69 12.00 -6.78
C MET F 38 -38.15 12.10 -7.17
N LEU F 39 -38.83 10.95 -7.30
CA LEU F 39 -40.23 10.97 -7.73
C LEU F 39 -41.12 11.71 -6.74
N GLY F 40 -40.86 11.54 -5.44
CA GLY F 40 -41.68 12.15 -4.42
C GLY F 40 -41.88 13.63 -4.65
N PRO F 41 -40.82 14.42 -4.38
CA PRO F 41 -40.83 15.83 -4.79
C PRO F 41 -41.39 16.04 -6.19
N ILE F 42 -41.11 15.13 -7.11
CA ILE F 42 -41.71 15.22 -8.44
C ILE F 42 -43.23 15.09 -8.34
N ILE F 43 -43.69 14.11 -7.56
CA ILE F 43 -45.12 13.92 -7.36
C ILE F 43 -45.73 15.15 -6.69
N ASP F 44 -45.06 15.68 -5.66
CA ASP F 44 -45.60 16.82 -4.92
C ASP F 44 -45.90 17.98 -5.87
N GLU F 45 -44.97 18.29 -6.78
CA GLU F 45 -45.20 19.33 -7.76
C GLU F 45 -46.39 18.99 -8.65
N LEU F 46 -46.50 17.72 -9.06
CA LEU F 46 -47.60 17.30 -9.93
C LEU F 46 -48.96 17.52 -9.27
N SER F 47 -49.09 17.17 -8.00
CA SER F 47 -50.38 17.33 -7.31
C SER F 47 -50.80 18.80 -7.30
N GLU F 48 -49.87 19.69 -6.95
CA GLU F 48 -50.15 21.12 -7.01
C GLU F 48 -50.49 21.57 -8.42
N ASP F 49 -49.72 21.08 -9.41
CA ASP F 49 -49.86 21.55 -10.79
C ASP F 49 -51.26 21.28 -11.36
N LEU F 50 -51.80 20.08 -11.13
CA LEU F 50 -53.07 19.75 -11.77
C LEU F 50 -54.25 20.30 -10.98
N ASP F 51 -54.20 20.22 -9.65
CA ASP F 51 -55.20 20.81 -8.78
C ASP F 51 -56.60 20.82 -9.40
N GLY F 52 -57.21 19.65 -9.53
CA GLY F 52 -58.52 19.58 -10.15
C GLY F 52 -58.86 18.31 -10.90
N LYS F 53 -58.22 18.06 -12.04
CA LYS F 53 -58.56 16.88 -12.83
C LYS F 53 -58.24 15.59 -12.06
N ALA F 54 -57.10 15.54 -11.38
CA ALA F 54 -56.71 14.33 -10.67
C ALA F 54 -56.18 14.67 -9.29
N LYS F 55 -56.29 13.69 -8.38
CA LYS F 55 -55.77 13.80 -7.02
C LYS F 55 -54.61 12.83 -6.85
N PHE F 56 -53.65 13.22 -6.00
CA PHE F 56 -52.42 12.46 -5.82
C PHE F 56 -52.22 12.10 -4.35
N THR F 57 -51.73 10.89 -4.11
CA THR F 57 -51.37 10.43 -2.78
C THR F 57 -50.07 9.63 -2.88
N LYS F 58 -49.27 9.71 -1.82
CA LYS F 58 -47.98 9.04 -1.76
C LYS F 58 -48.04 7.91 -0.73
N VAL F 59 -47.67 6.71 -1.14
CA VAL F 59 -47.66 5.54 -0.26
C VAL F 59 -46.22 5.12 -0.04
N ASN F 60 -45.82 5.09 1.23
CA ASN F 60 -44.49 4.62 1.62
C ASN F 60 -44.54 3.11 1.80
N VAL F 61 -43.80 2.39 0.95
CA VAL F 61 -43.83 0.92 0.96
C VAL F 61 -43.33 0.34 2.27
N ASP F 62 -42.34 0.99 2.91
CA ASP F 62 -41.78 0.42 4.12
C ASP F 62 -42.81 0.38 5.26
N GLU F 63 -43.62 1.43 5.39
CA GLU F 63 -44.57 1.48 6.49
C GLU F 63 -45.83 0.69 6.21
N ASN F 64 -46.16 0.48 4.94
CA ASN F 64 -47.38 -0.23 4.54
C ASN F 64 -47.06 -1.28 3.49
N PRO F 65 -46.17 -2.23 3.78
CA PRO F 65 -45.90 -3.29 2.79
C PRO F 65 -47.16 -4.00 2.34
N GLY F 66 -48.11 -4.22 3.26
CA GLY F 66 -49.36 -4.84 2.87
C GLY F 66 -50.09 -4.06 1.79
N ILE F 67 -50.14 -2.73 1.93
CA ILE F 67 -50.76 -1.90 0.91
C ILE F 67 -50.08 -2.10 -0.43
N ALA F 68 -48.75 -2.16 -0.43
CA ALA F 68 -48.00 -2.30 -1.68
C ALA F 68 -48.24 -3.68 -2.31
N SER F 69 -48.09 -4.74 -1.51
CA SER F 69 -48.22 -6.09 -2.05
C SER F 69 -49.58 -6.33 -2.68
N LYS F 70 -50.64 -5.75 -2.11
CA LYS F 70 -51.99 -5.98 -2.61
C LYS F 70 -52.09 -5.65 -4.09
N PHE F 71 -51.47 -4.57 -4.52
CA PHE F 71 -51.53 -4.13 -5.91
C PHE F 71 -50.42 -4.74 -6.76
N GLY F 72 -49.53 -5.52 -6.16
CA GLY F 72 -48.46 -6.18 -6.89
C GLY F 72 -47.32 -5.27 -7.27
N ILE F 73 -46.91 -4.40 -6.35
CA ILE F 73 -45.78 -3.50 -6.62
C ILE F 73 -44.51 -4.34 -6.66
N ALA F 74 -43.91 -4.47 -7.86
CA ALA F 74 -42.68 -5.23 -8.01
C ALA F 74 -41.49 -4.35 -8.39
N SER F 75 -41.59 -3.04 -8.17
CA SER F 75 -40.48 -2.12 -8.40
C SER F 75 -40.64 -0.97 -7.42
N ILE F 76 -39.53 -0.49 -6.85
CA ILE F 76 -39.62 0.50 -5.78
C ILE F 76 -40.30 1.77 -6.26
N PRO F 77 -39.84 2.42 -7.34
CA PRO F 77 -40.53 3.63 -7.82
C PRO F 77 -41.61 3.34 -8.85
N THR F 78 -42.85 3.12 -8.41
CA THR F 78 -43.96 2.84 -9.32
C THR F 78 -45.12 3.79 -9.07
N VAL F 79 -45.72 4.29 -10.15
CA VAL F 79 -46.88 5.17 -10.10
C VAL F 79 -48.06 4.43 -10.71
N MET F 80 -49.17 4.36 -9.98
CA MET F 80 -50.34 3.67 -10.47
C MET F 80 -51.51 4.64 -10.69
N ILE F 81 -52.32 4.39 -11.71
CA ILE F 81 -53.44 5.26 -12.01
C ILE F 81 -54.78 4.50 -11.93
N PHE F 82 -55.77 5.07 -11.24
CA PHE F 82 -57.06 4.41 -11.11
C PHE F 82 -57.97 4.78 -12.29
N PRO F 87 -57.52 1.04 -11.34
CA PRO F 87 -56.19 0.78 -11.89
C PRO F 87 -56.16 0.87 -13.42
N VAL F 88 -56.39 2.06 -13.94
CA VAL F 88 -56.39 2.26 -15.39
C VAL F 88 -55.04 1.97 -16.06
N GLU F 89 -53.94 2.42 -15.46
CA GLU F 89 -52.63 2.17 -16.04
C GLU F 89 -51.55 2.17 -14.96
N THR F 90 -50.52 1.34 -15.17
CA THR F 90 -49.42 1.23 -14.23
C THR F 90 -48.11 1.64 -14.90
N LEU F 91 -47.39 2.55 -14.25
CA LEU F 91 -46.10 3.04 -14.74
C LEU F 91 -45.03 2.67 -13.71
N VAL F 92 -44.07 1.85 -14.13
CA VAL F 92 -43.00 1.37 -13.25
C VAL F 92 -41.72 2.14 -13.56
N GLY F 93 -40.96 2.46 -12.52
CA GLY F 93 -39.71 3.18 -12.67
C GLY F 93 -39.90 4.68 -12.72
N PHE F 94 -38.80 5.39 -12.49
CA PHE F 94 -38.86 6.85 -12.57
C PHE F 94 -39.32 7.27 -13.96
N ARG F 95 -40.13 8.32 -14.00
CA ARG F 95 -40.56 8.92 -15.26
C ARG F 95 -40.55 10.43 -15.09
N PRO F 96 -40.28 11.15 -16.18
CA PRO F 96 -40.25 12.62 -16.09
C PRO F 96 -41.65 13.21 -15.96
N LYS F 97 -41.68 14.49 -15.59
CA LYS F 97 -42.95 15.18 -15.40
C LYS F 97 -43.80 15.10 -16.66
N GLN F 98 -43.22 15.45 -17.81
CA GLN F 98 -43.97 15.50 -19.06
C GLN F 98 -44.65 14.16 -19.37
N SER F 99 -43.93 13.06 -19.19
CA SER F 99 -44.47 11.75 -19.55
C SER F 99 -45.67 11.40 -18.68
N ILE F 100 -45.55 11.62 -17.37
CA ILE F 100 -46.65 11.29 -16.46
C ILE F 100 -47.89 12.10 -16.82
N THR F 101 -47.72 13.40 -17.04
CA THR F 101 -48.84 14.26 -17.42
C THR F 101 -49.56 13.69 -18.64
N ALA F 102 -48.81 13.40 -19.70
CA ALA F 102 -49.42 12.84 -20.91
C ALA F 102 -50.18 11.57 -20.59
N SER F 103 -49.56 10.67 -19.82
CA SER F 103 -50.22 9.43 -19.45
C SER F 103 -51.46 9.68 -18.60
N ILE F 104 -51.36 10.62 -17.65
CA ILE F 104 -52.50 10.96 -16.80
C ILE F 104 -53.61 11.61 -17.61
N GLU F 105 -53.26 12.58 -18.46
CA GLU F 105 -54.26 13.37 -19.16
C GLU F 105 -55.22 12.48 -19.96
N LYS F 106 -54.69 11.50 -20.68
CA LYS F 106 -55.51 10.63 -21.50
C LYS F 106 -56.63 9.99 -20.66
N HIS F 107 -56.27 9.44 -19.50
CA HIS F 107 -57.26 8.77 -18.67
C HIS F 107 -58.25 9.76 -18.05
N MET F 108 -57.76 10.92 -17.62
CA MET F 108 -58.62 11.95 -17.04
C MET F 108 -59.46 11.38 -15.91
N HIS G 3 16.40 1.58 -44.23
CA HIS G 3 15.62 2.71 -43.74
C HIS G 3 14.14 2.53 -44.11
N MET G 4 13.72 1.27 -44.22
CA MET G 4 12.35 0.97 -44.58
C MET G 4 11.63 0.33 -43.39
N GLU G 5 10.50 0.91 -42.95
CA GLU G 5 9.71 0.37 -41.85
C GLU G 5 10.54 0.12 -40.59
N ARG G 6 11.40 1.06 -40.23
CA ARG G 6 12.23 0.89 -39.05
C ARG G 6 11.47 1.31 -37.81
N TYR G 7 11.17 0.33 -36.97
CA TYR G 7 10.45 0.59 -35.73
C TYR G 7 11.39 1.25 -34.73
N ASP G 8 10.81 2.04 -33.81
CA ASP G 8 11.63 2.67 -32.79
C ASP G 8 12.23 1.62 -31.87
N ILE G 9 11.41 0.66 -31.45
CA ILE G 9 11.81 -0.38 -30.52
C ILE G 9 11.29 -1.71 -31.03
N ALA G 10 12.14 -2.73 -30.96
CA ALA G 10 11.78 -4.08 -31.34
C ALA G 10 11.88 -4.97 -30.10
N ILE G 11 10.79 -5.68 -29.79
CA ILE G 11 10.71 -6.54 -28.62
C ILE G 11 10.70 -7.98 -29.07
N ILE G 12 11.64 -8.76 -28.54
CA ILE G 12 11.81 -10.16 -28.92
C ILE G 12 11.17 -11.00 -27.82
N GLY G 13 10.02 -11.57 -28.11
CA GLY G 13 9.31 -12.38 -27.13
C GLY G 13 8.04 -11.70 -26.65
N SER G 14 7.03 -12.53 -26.37
CA SER G 14 5.70 -12.05 -26.03
C SER G 14 5.28 -12.48 -24.63
N GLY G 15 6.24 -12.70 -23.74
CA GLY G 15 5.93 -13.06 -22.38
C GLY G 15 5.70 -11.83 -21.54
N PRO G 16 5.54 -12.01 -20.22
CA PRO G 16 5.31 -10.84 -19.36
C PRO G 16 6.34 -9.74 -19.53
N ALA G 17 7.63 -10.07 -19.53
CA ALA G 17 8.64 -9.04 -19.74
C ALA G 17 8.42 -8.33 -21.07
N GLY G 18 8.31 -9.11 -22.15
CA GLY G 18 8.10 -8.50 -23.45
C GLY G 18 6.86 -7.63 -23.50
N LEU G 19 5.76 -8.10 -22.91
CA LEU G 19 4.53 -7.32 -22.91
C LEU G 19 4.67 -6.07 -22.04
N ALA G 20 5.27 -6.21 -20.85
CA ALA G 20 5.46 -5.05 -20.00
C ALA G 20 6.24 -3.97 -20.71
N SER G 21 7.31 -4.36 -21.43
CA SER G 21 8.05 -3.39 -22.22
C SER G 21 7.19 -2.76 -23.29
N ALA G 22 6.39 -3.57 -23.99
CA ALA G 22 5.61 -3.07 -25.11
C ALA G 22 4.67 -1.95 -24.67
N ILE G 23 3.88 -2.18 -23.63
CA ILE G 23 2.88 -1.19 -23.23
C ILE G 23 3.56 0.10 -22.81
N ASN G 24 4.74 0.01 -22.18
CA ASN G 24 5.44 1.22 -21.77
C ASN G 24 5.98 1.98 -22.97
N ALA G 25 6.52 1.27 -23.96
CA ALA G 25 6.97 1.94 -25.17
C ALA G 25 5.80 2.59 -25.90
N LYS G 26 4.65 1.93 -25.92
CA LYS G 26 3.46 2.52 -26.54
C LYS G 26 2.99 3.73 -25.75
N THR G 27 3.24 3.75 -24.43
CA THR G 27 2.82 4.89 -23.61
C THR G 27 3.47 6.20 -24.07
N ARG G 28 4.70 6.14 -24.56
CA ARG G 28 5.45 7.34 -24.90
C ARG G 28 5.51 7.59 -26.40
N ASN G 29 4.49 7.15 -27.15
CA ASN G 29 4.35 7.46 -28.56
C ASN G 29 5.58 7.03 -29.36
N LYS G 30 6.04 5.81 -29.11
CA LYS G 30 7.14 5.22 -29.87
C LYS G 30 6.65 3.98 -30.60
N SER G 31 6.96 3.89 -31.89
CA SER G 31 6.53 2.76 -32.69
C SER G 31 7.21 1.48 -32.20
N VAL G 32 6.42 0.42 -32.05
CA VAL G 32 6.87 -0.81 -31.42
C VAL G 32 6.40 -2.00 -32.24
N ILE G 33 7.25 -3.02 -32.30
CA ILE G 33 6.91 -4.31 -32.89
C ILE G 33 7.29 -5.38 -31.88
N VAL G 34 6.41 -6.34 -31.69
CA VAL G 34 6.63 -7.41 -30.72
C VAL G 34 6.61 -8.73 -31.47
N PHE G 35 7.70 -9.47 -31.40
CA PHE G 35 7.79 -10.80 -31.97
C PHE G 35 7.49 -11.82 -30.88
N GLY G 36 6.70 -12.83 -31.23
CA GLY G 36 6.37 -13.87 -30.27
C GLY G 36 5.25 -14.72 -30.80
N SER G 37 4.71 -15.56 -29.93
CA SER G 37 3.62 -16.44 -30.31
C SER G 37 2.29 -15.72 -30.09
N SER G 38 1.30 -16.10 -30.89
CA SER G 38 -0.05 -15.57 -30.69
C SER G 38 -0.55 -15.90 -29.29
N ASP G 39 -0.19 -17.09 -28.79
CA ASP G 39 -0.52 -17.48 -27.41
C ASP G 39 0.31 -16.76 -26.37
N LEU G 40 1.19 -15.84 -26.76
CA LEU G 40 1.97 -15.03 -25.83
C LEU G 40 3.03 -15.82 -25.06
N SER G 41 2.59 -16.74 -24.21
CA SER G 41 3.52 -17.55 -23.43
C SER G 41 2.84 -18.84 -23.02
N LYS G 42 3.47 -19.97 -23.31
CA LYS G 42 2.92 -21.25 -22.88
C LYS G 42 2.89 -21.33 -21.35
N LYS G 43 3.92 -20.81 -20.68
CA LYS G 43 4.00 -20.95 -19.23
C LYS G 43 2.83 -20.29 -18.53
N LEU G 44 2.39 -19.13 -19.03
CA LEU G 44 1.25 -18.44 -18.43
C LEU G 44 0.01 -19.32 -18.50
N THR G 45 -0.30 -19.83 -19.69
CA THR G 45 -1.47 -20.68 -19.84
C THR G 45 -1.41 -21.97 -19.02
N LEU G 46 -0.23 -22.59 -19.01
CA LEU G 46 0.02 -23.80 -18.24
C LEU G 46 -0.06 -23.67 -16.71
N ALA G 47 0.41 -22.57 -16.14
CA ALA G 47 0.44 -22.42 -14.67
C ALA G 47 -0.94 -22.49 -14.02
N PRO G 48 -1.07 -23.30 -12.95
CA PRO G 48 -2.35 -23.50 -12.23
C PRO G 48 -2.97 -22.29 -11.50
N VAL G 49 -2.19 -21.60 -10.68
CA VAL G 49 -2.67 -20.41 -9.98
C VAL G 49 -1.51 -19.49 -9.61
N ILE G 50 -1.78 -18.20 -9.46
CA ILE G 50 -0.75 -17.28 -9.06
C ILE G 50 -1.20 -16.52 -7.84
N ASN G 51 -0.41 -16.55 -6.76
CA ASN G 51 -0.78 -15.81 -5.56
C ASN G 51 0.22 -14.70 -5.26
N ASN G 52 1.37 -14.76 -5.89
CA ASN G 52 2.40 -13.76 -5.66
C ASN G 52 2.43 -12.66 -6.72
N TYR G 53 1.49 -12.64 -7.66
CA TYR G 53 1.34 -11.48 -8.53
C TYR G 53 0.38 -10.51 -7.85
N LEU G 54 0.88 -9.33 -7.49
CA LEU G 54 0.14 -8.43 -6.62
C LEU G 54 -1.07 -7.86 -7.36
N GLY G 55 -2.24 -7.99 -6.73
CA GLY G 55 -3.49 -7.54 -7.29
C GLY G 55 -4.35 -8.65 -7.87
N PHE G 56 -3.77 -9.81 -8.10
CA PHE G 56 -4.52 -10.96 -8.56
C PHE G 56 -4.28 -12.04 -7.50
N TYR G 57 -5.34 -12.58 -6.91
CA TYR G 57 -5.15 -13.61 -5.89
C TYR G 57 -5.81 -14.90 -6.35
N GLY G 58 -5.09 -16.01 -6.31
CA GLY G 58 -5.66 -17.28 -6.74
C GLY G 58 -6.23 -17.22 -8.15
N ILE G 59 -5.52 -16.60 -9.09
CA ILE G 59 -6.03 -16.48 -10.45
C ILE G 59 -5.32 -17.49 -11.34
N ARG G 60 -6.07 -18.29 -12.09
CA ARG G 60 -5.46 -19.28 -12.95
C ARG G 60 -4.64 -18.63 -14.04
N GLY G 61 -3.53 -19.28 -14.38
CA GLY G 61 -2.67 -18.80 -15.44
C GLY G 61 -3.42 -18.35 -16.67
N ALA G 62 -4.26 -19.23 -17.23
CA ALA G 62 -5.02 -18.88 -18.43
C ALA G 62 -5.84 -17.62 -18.21
N GLU G 63 -6.38 -17.43 -17.01
CA GLU G 63 -7.16 -16.23 -16.71
C GLU G 63 -6.26 -14.99 -16.72
N LEU G 64 -5.07 -15.10 -16.15
CA LEU G 64 -4.13 -13.97 -16.19
C LEU G 64 -3.74 -13.66 -17.63
N GLN G 65 -3.49 -14.69 -18.43
CA GLN G 65 -3.18 -14.49 -19.84
C GLN G 65 -4.28 -13.70 -20.54
N GLU G 66 -5.53 -13.94 -20.17
CA GLU G 66 -6.63 -13.19 -20.77
C GLU G 66 -6.52 -11.72 -20.44
N LYS G 67 -6.18 -11.40 -19.19
CA LYS G 67 -6.02 -10.00 -18.80
C LYS G 67 -4.94 -9.32 -19.62
N PHE G 68 -3.84 -10.03 -19.88
CA PHE G 68 -2.75 -9.48 -20.68
C PHE G 68 -3.18 -9.23 -22.12
N LYS G 69 -3.98 -10.13 -22.69
CA LYS G 69 -4.48 -9.93 -24.05
C LYS G 69 -5.35 -8.68 -24.12
N GLU G 70 -6.21 -8.47 -23.12
CA GLU G 70 -7.06 -7.28 -23.13
C GLU G 70 -6.23 -6.02 -23.10
N HIS G 71 -5.15 -6.01 -22.31
CA HIS G 71 -4.34 -4.80 -22.16
C HIS G 71 -3.71 -4.39 -23.48
N ILE G 72 -3.00 -5.31 -24.14
CA ILE G 72 -2.36 -4.98 -25.40
C ILE G 72 -3.40 -4.65 -26.46
N ASP G 73 -4.49 -5.42 -26.50
CA ASP G 73 -5.56 -5.15 -27.45
C ASP G 73 -6.09 -3.73 -27.28
N ASN G 74 -6.30 -3.30 -26.04
CA ASN G 74 -6.79 -1.95 -25.80
C ASN G 74 -5.80 -0.89 -26.27
N MET G 75 -4.51 -1.19 -26.21
CA MET G 75 -3.48 -0.25 -26.60
C MET G 75 -3.11 -0.33 -28.08
N GLY G 76 -3.75 -1.21 -28.85
CA GLY G 76 -3.45 -1.32 -30.26
C GLY G 76 -2.14 -2.00 -30.56
N ILE G 77 -1.74 -2.96 -29.74
CA ILE G 77 -0.50 -3.69 -29.91
C ILE G 77 -0.80 -5.06 -30.48
N GLN G 78 -0.18 -5.38 -31.62
CA GLN G 78 -0.36 -6.67 -32.28
C GLN G 78 0.95 -7.45 -32.23
N ILE G 79 0.84 -8.75 -31.96
CA ILE G 79 2.00 -9.63 -31.95
C ILE G 79 2.18 -10.21 -33.35
N GLU G 80 3.39 -10.07 -33.88
CA GLU G 80 3.76 -10.71 -35.14
C GLU G 80 4.15 -12.14 -34.82
N ASN G 81 3.32 -13.09 -35.23
CA ASN G 81 3.49 -14.50 -34.83
C ASN G 81 4.54 -15.15 -35.72
N VAL G 82 5.80 -14.87 -35.39
CA VAL G 82 6.94 -15.47 -36.06
C VAL G 82 8.04 -15.69 -35.03
N LYS G 83 8.97 -16.59 -35.37
CA LYS G 83 10.13 -16.85 -34.52
C LYS G 83 11.32 -16.09 -35.07
N VAL G 84 12.06 -15.43 -34.19
CA VAL G 84 13.19 -14.59 -34.58
C VAL G 84 14.45 -15.45 -34.61
N ASN G 85 15.05 -15.54 -35.81
CA ASN G 85 16.24 -16.36 -36.00
C ASN G 85 17.53 -15.63 -35.64
N ASN G 86 17.66 -14.35 -35.99
CA ASN G 86 18.92 -13.64 -35.73
C ASN G 86 18.70 -12.14 -35.61
N ILE G 87 19.63 -11.49 -34.92
CA ILE G 87 19.62 -10.04 -34.70
C ILE G 87 21.06 -9.53 -34.77
N TYR G 88 21.35 -8.68 -35.76
CA TYR G 88 22.70 -8.20 -36.02
C TYR G 88 22.83 -6.73 -35.63
N ALA G 89 23.67 -6.44 -34.64
CA ALA G 89 23.88 -5.07 -34.15
C ALA G 89 24.80 -4.33 -35.11
N MET G 90 24.24 -3.44 -35.93
CA MET G 90 25.01 -2.71 -36.92
C MET G 90 25.65 -1.43 -36.38
N GLY G 91 25.14 -0.89 -35.27
CA GLY G 91 25.70 0.33 -34.71
C GLY G 91 24.64 1.36 -34.42
N GLU G 92 24.03 1.91 -35.47
CA GLU G 92 22.91 2.84 -35.31
C GLU G 92 21.56 2.13 -35.23
N TYR G 93 21.48 0.87 -35.63
CA TYR G 93 20.22 0.15 -35.63
C TYR G 93 20.49 -1.34 -35.50
N PHE G 94 19.41 -2.12 -35.44
CA PHE G 94 19.47 -3.56 -35.35
C PHE G 94 18.71 -4.16 -36.51
N SER G 95 19.35 -5.07 -37.24
CA SER G 95 18.70 -5.79 -38.32
C SER G 95 18.18 -7.11 -37.77
N ILE G 96 16.90 -7.38 -37.99
CA ILE G 96 16.22 -8.52 -37.39
C ILE G 96 15.84 -9.47 -38.53
N MET G 97 16.42 -10.65 -38.49
CA MET G 97 16.22 -11.66 -39.53
C MET G 97 15.18 -12.68 -39.09
N THR G 98 14.24 -12.96 -39.96
CA THR G 98 13.37 -14.12 -39.83
C THR G 98 13.33 -14.83 -41.16
N SER G 99 12.90 -16.09 -41.14
CA SER G 99 12.77 -16.84 -42.38
C SER G 99 11.80 -16.15 -43.34
N LYS G 100 10.76 -15.51 -42.80
CA LYS G 100 9.74 -14.92 -43.65
C LYS G 100 10.13 -13.55 -44.18
N ASP G 101 10.69 -12.68 -43.33
CA ASP G 101 11.01 -11.32 -43.75
C ASP G 101 12.16 -10.78 -42.91
N THR G 102 12.59 -9.57 -43.26
CA THR G 102 13.67 -8.88 -42.58
C THR G 102 13.13 -7.58 -42.00
N TYR G 103 13.54 -7.26 -40.78
CA TYR G 103 13.10 -6.03 -40.11
C TYR G 103 14.28 -5.29 -39.49
N GLU G 104 14.16 -3.97 -39.36
CA GLU G 104 15.21 -3.15 -38.76
C GLU G 104 14.64 -2.27 -37.65
N ALA G 105 15.29 -2.20 -36.49
CA ALA G 105 14.79 -1.37 -35.39
C ALA G 105 15.93 -0.65 -34.68
N SER G 106 15.67 0.56 -34.16
CA SER G 106 16.68 1.33 -33.44
C SER G 106 17.13 0.70 -32.12
N LYS G 107 16.17 0.14 -31.37
CA LYS G 107 16.46 -0.50 -30.10
C LYS G 107 15.83 -1.88 -30.07
N VAL G 108 16.40 -2.76 -29.26
CA VAL G 108 15.95 -4.14 -29.15
C VAL G 108 15.79 -4.49 -27.68
N ILE G 109 14.80 -5.32 -27.38
CA ILE G 109 14.58 -5.84 -26.04
C ILE G 109 14.35 -7.34 -26.16
N LEU G 110 15.11 -8.11 -25.38
CA LEU G 110 15.12 -9.56 -25.45
C LEU G 110 14.25 -10.12 -24.32
N ALA G 111 13.34 -11.04 -24.67
CA ALA G 111 12.42 -11.62 -23.69
C ALA G 111 12.13 -13.10 -23.99
N MET G 112 13.18 -13.91 -23.98
CA MET G 112 13.04 -15.35 -24.19
C MET G 112 13.53 -16.06 -22.93
N GLY G 113 12.64 -16.78 -22.25
CA GLY G 113 13.02 -17.42 -21.00
C GLY G 113 14.07 -18.51 -20.93
N MET G 114 14.03 -19.51 -21.82
CA MET G 114 14.99 -20.62 -21.76
C MET G 114 15.44 -21.13 -23.14
N GLU G 115 16.61 -21.76 -23.19
CA GLU G 115 17.17 -22.29 -24.43
C GLU G 115 17.82 -23.66 -24.22
N HIS G 116 17.97 -24.42 -25.30
CA HIS G 116 18.59 -25.75 -25.24
C HIS G 116 20.04 -25.68 -24.79
N THR G 117 20.43 -26.58 -23.88
CA THR G 117 21.80 -26.61 -23.41
C THR G 117 22.68 -27.37 -24.38
N LYS G 118 23.97 -27.05 -24.39
CA LYS G 118 24.93 -27.66 -25.31
C LYS G 118 25.99 -28.42 -24.54
N PRO G 119 26.19 -29.73 -24.79
CA PRO G 119 27.29 -30.45 -24.13
C PRO G 119 28.56 -30.53 -24.99
N LEU G 120 29.62 -29.88 -24.51
CA LEU G 120 30.93 -29.85 -25.16
C LEU G 120 30.88 -29.17 -26.53
N LYS G 121 29.87 -28.32 -26.74
CA LYS G 121 29.77 -27.57 -28.00
C LYS G 121 30.76 -26.41 -28.03
N GLY G 122 30.78 -25.58 -26.99
CA GLY G 122 31.52 -24.32 -27.03
C GLY G 122 33.04 -24.46 -27.03
N GLU G 123 33.56 -25.62 -26.68
CA GLU G 123 35.01 -25.82 -26.65
C GLU G 123 35.58 -25.96 -28.05
N ASP G 124 34.83 -26.64 -28.93
CA ASP G 124 35.25 -26.89 -30.30
C ASP G 124 34.34 -26.20 -31.31
N LYS G 125 33.64 -25.14 -30.91
CA LYS G 125 32.72 -24.47 -31.83
C LYS G 125 33.48 -24.00 -33.07
N PHE G 126 34.67 -23.43 -32.88
CA PHE G 126 35.46 -22.90 -33.99
C PHE G 126 35.73 -23.96 -35.05
N LEU G 127 36.13 -25.17 -34.62
CA LEU G 127 36.50 -26.20 -35.59
C LEU G 127 35.28 -26.80 -36.29
N GLY G 128 34.11 -26.76 -35.65
CA GLY G 128 32.90 -27.22 -36.30
C GLY G 128 31.74 -26.26 -36.10
N SER G 134 25.38 -22.60 -38.87
CA SER G 134 25.44 -21.91 -40.15
C SER G 134 25.93 -22.86 -41.24
N ALA G 135 25.24 -23.99 -41.39
CA ALA G 135 25.63 -24.97 -42.39
C ALA G 135 25.57 -24.39 -43.80
N THR G 136 24.50 -23.67 -44.14
CA THR G 136 24.41 -23.09 -45.47
C THR G 136 25.56 -22.11 -45.72
N CYS G 137 25.87 -21.26 -44.74
CA CYS G 137 26.99 -20.34 -44.88
C CYS G 137 28.36 -21.02 -45.02
N ASP G 138 28.63 -22.09 -44.27
CA ASP G 138 29.96 -22.71 -44.33
C ASP G 138 30.09 -24.07 -45.07
N ALA G 139 29.06 -24.49 -45.79
CA ALA G 139 29.11 -25.76 -46.50
C ALA G 139 30.25 -25.86 -47.53
N PRO G 140 30.53 -24.84 -48.34
CA PRO G 140 31.58 -25.00 -49.35
C PRO G 140 32.94 -25.35 -48.78
N LEU G 141 33.23 -24.91 -47.55
CA LEU G 141 34.53 -25.20 -46.95
C LEU G 141 34.73 -26.71 -46.75
N TYR G 142 33.64 -27.46 -46.53
CA TYR G 142 33.72 -28.88 -46.20
C TYR G 142 33.48 -29.77 -47.40
N LYS G 143 33.75 -29.29 -48.62
CA LYS G 143 33.59 -30.13 -49.80
C LYS G 143 34.45 -31.39 -49.69
N GLY G 144 33.84 -32.53 -49.94
CA GLY G 144 34.56 -33.79 -49.92
C GLY G 144 35.09 -34.18 -48.56
N LYS G 145 34.42 -33.77 -47.49
CA LYS G 145 34.83 -34.08 -46.13
C LYS G 145 33.62 -34.60 -45.36
N ILE G 146 33.87 -35.24 -44.24
CA ILE G 146 32.78 -35.77 -43.44
C ILE G 146 32.20 -34.67 -42.56
N VAL G 147 30.88 -34.56 -42.58
CA VAL G 147 30.16 -33.57 -41.80
C VAL G 147 28.99 -34.28 -41.13
N THR G 148 28.73 -33.95 -39.88
CA THR G 148 27.65 -34.54 -39.10
C THR G 148 26.65 -33.44 -38.72
N ILE G 149 25.36 -33.78 -38.76
CA ILE G 149 24.29 -32.84 -38.48
C ILE G 149 23.44 -33.37 -37.34
N VAL G 150 23.22 -32.53 -36.34
CA VAL G 150 22.29 -32.78 -35.25
C VAL G 150 21.07 -31.91 -35.51
N GLY G 151 19.93 -32.52 -35.81
CA GLY G 151 18.75 -31.80 -36.23
C GLY G 151 17.68 -31.75 -35.16
N TYR G 152 17.22 -30.54 -34.87
CA TYR G 152 16.10 -30.31 -33.95
C TYR G 152 14.84 -29.83 -34.66
N ASN G 153 14.88 -29.65 -35.99
CA ASN G 153 13.72 -29.20 -36.73
C ASN G 153 13.81 -29.67 -38.17
N LYS G 154 12.75 -29.44 -38.93
CA LYS G 154 12.67 -29.94 -40.30
C LYS G 154 13.69 -29.25 -41.21
N GLU G 155 13.98 -27.98 -40.95
CA GLU G 155 14.96 -27.27 -41.77
C GLU G 155 16.27 -28.03 -41.84
N ALA G 156 16.63 -28.73 -40.77
CA ALA G 156 17.87 -29.51 -40.76
C ALA G 156 17.84 -30.61 -41.81
N GLU G 157 16.72 -31.32 -41.93
CA GLU G 157 16.61 -32.35 -42.96
C GLU G 157 16.88 -31.77 -44.34
N SER G 158 16.30 -30.61 -44.64
CA SER G 158 16.56 -29.96 -45.91
C SER G 158 18.02 -29.55 -46.04
N GLU G 159 18.61 -29.03 -44.95
CA GLU G 159 20.02 -28.66 -44.97
C GLU G 159 20.91 -29.90 -45.11
N ALA G 160 20.53 -31.01 -44.47
CA ALA G 160 21.31 -32.23 -44.58
C ALA G 160 21.33 -32.74 -46.01
N ASN G 161 20.17 -32.73 -46.68
CA ASN G 161 20.12 -33.15 -48.07
C ASN G 161 21.01 -32.28 -48.94
N TYR G 162 21.01 -30.97 -48.68
CA TYR G 162 21.90 -30.06 -49.40
C TYR G 162 23.36 -30.41 -49.13
N LEU G 163 23.71 -30.55 -47.85
CA LEU G 163 25.11 -30.82 -47.52
C LEU G 163 25.58 -32.13 -48.14
N ALA G 164 24.69 -33.13 -48.19
CA ALA G 164 25.07 -34.45 -48.67
C ALA G 164 25.59 -34.40 -50.11
N GLU G 165 25.09 -33.46 -50.91
CA GLU G 165 25.53 -33.36 -52.31
C GLU G 165 26.98 -32.92 -52.42
N LEU G 166 27.46 -32.08 -51.50
CA LEU G 166 28.78 -31.50 -51.60
C LEU G 166 29.83 -32.26 -50.80
N ALA G 167 29.45 -32.83 -49.66
CA ALA G 167 30.38 -33.51 -48.77
C ALA G 167 30.52 -34.97 -49.15
N SER G 168 31.66 -35.55 -48.76
CA SER G 168 31.92 -36.96 -49.02
C SER G 168 31.00 -37.88 -48.21
N LYS G 169 30.54 -37.43 -47.04
CA LYS G 169 29.68 -38.23 -46.20
C LYS G 169 28.88 -37.31 -45.28
N VAL G 170 27.59 -37.62 -45.13
CA VAL G 170 26.70 -36.83 -44.29
C VAL G 170 26.02 -37.76 -43.29
N TYR G 171 26.16 -37.44 -42.01
CA TYR G 171 25.44 -38.10 -40.92
C TYR G 171 24.35 -37.17 -40.41
N TYR G 172 23.18 -37.73 -40.10
CA TYR G 172 22.09 -36.97 -39.53
C TYR G 172 21.72 -37.59 -38.18
N VAL G 173 21.81 -36.79 -37.12
CA VAL G 173 21.40 -37.22 -35.79
C VAL G 173 20.08 -36.53 -35.49
N PRO G 174 18.94 -37.25 -35.52
CA PRO G 174 17.66 -36.60 -35.27
C PRO G 174 17.32 -36.57 -33.79
N ARG G 175 16.91 -35.42 -33.30
CA ARG G 175 16.44 -35.28 -31.93
C ARG G 175 14.93 -35.36 -31.80
N TYR G 176 14.20 -35.31 -32.93
CA TYR G 176 12.75 -35.43 -32.93
C TYR G 176 12.32 -36.77 -33.54
N LYS G 177 11.17 -37.25 -33.08
CA LYS G 177 10.58 -38.50 -33.58
C LYS G 177 9.53 -38.12 -34.62
N ASP G 178 9.90 -38.23 -35.89
CA ASP G 178 9.00 -37.96 -37.00
C ASP G 178 9.60 -38.59 -38.24
N GLU G 179 8.76 -38.78 -39.26
CA GLU G 179 9.28 -39.21 -40.55
C GLU G 179 10.26 -38.19 -41.09
N TYR G 180 11.38 -38.67 -41.60
CA TYR G 180 12.46 -37.81 -42.08
C TYR G 180 12.51 -37.88 -43.60
N GLN G 181 12.39 -36.72 -44.24
CA GLN G 181 12.54 -36.62 -45.69
C GLN G 181 14.00 -36.31 -45.98
N LEU G 182 14.77 -37.35 -46.29
CA LEU G 182 16.21 -37.22 -46.47
C LEU G 182 16.64 -38.05 -47.68
N VAL G 183 17.67 -37.57 -48.37
CA VAL G 183 18.20 -38.29 -49.52
C VAL G 183 18.82 -39.61 -49.07
N SER G 184 19.01 -40.51 -50.03
CA SER G 184 19.59 -41.82 -49.72
C SER G 184 21.02 -41.67 -49.22
N ALA G 185 21.77 -40.70 -49.75
CA ALA G 185 23.17 -40.53 -49.40
C ALA G 185 23.35 -40.22 -47.91
N VAL G 186 22.43 -39.47 -47.32
CA VAL G 186 22.52 -39.14 -45.89
C VAL G 186 22.17 -40.37 -45.06
N GLU G 187 22.98 -40.64 -44.03
CA GLU G 187 22.75 -41.75 -43.12
C GLU G 187 22.12 -41.27 -41.82
N ILE G 188 21.05 -41.96 -41.39
CA ILE G 188 20.35 -41.64 -40.16
C ILE G 188 20.98 -42.40 -38.99
N VAL G 189 21.19 -41.68 -37.88
CA VAL G 189 21.83 -42.24 -36.68
C VAL G 189 20.92 -41.95 -35.49
N LYS G 190 20.24 -42.98 -34.99
CA LYS G 190 19.30 -42.81 -33.88
C LYS G 190 20.03 -42.94 -32.55
N ASP G 191 20.64 -41.84 -32.11
CA ASP G 191 21.25 -41.82 -30.78
C ASP G 191 21.34 -40.37 -30.31
N VAL G 192 21.60 -40.23 -29.01
CA VAL G 192 21.64 -38.93 -28.35
C VAL G 192 23.09 -38.49 -28.27
N PRO G 193 23.46 -37.33 -28.82
CA PRO G 193 24.86 -36.89 -28.72
C PRO G 193 25.27 -36.71 -27.27
N VAL G 194 26.55 -36.97 -27.00
CA VAL G 194 27.09 -36.90 -25.64
C VAL G 194 28.19 -35.84 -25.60
N GLU G 195 29.19 -35.99 -26.46
CA GLU G 195 30.37 -35.14 -26.41
C GLU G 195 31.01 -35.06 -27.79
N ILE G 196 31.62 -33.89 -28.08
CA ILE G 196 32.44 -33.69 -29.27
C ILE G 196 33.90 -33.67 -28.82
N VAL G 197 34.77 -34.31 -29.60
CA VAL G 197 36.17 -34.46 -29.23
C VAL G 197 37.06 -34.03 -30.39
N GLY G 198 38.15 -33.32 -30.06
CA GLY G 198 39.17 -32.97 -31.02
C GLY G 198 40.37 -32.29 -30.37
N ASP G 199 41.56 -32.44 -30.98
CA ASP G 199 42.77 -31.80 -30.47
C ASP G 199 42.90 -30.38 -31.01
N LYS G 200 43.26 -30.26 -32.29
CA LYS G 200 43.35 -28.97 -32.97
C LYS G 200 42.08 -28.63 -33.75
N LYS G 201 41.50 -29.60 -34.43
CA LYS G 201 40.22 -29.43 -35.11
C LYS G 201 39.29 -30.56 -34.70
N VAL G 202 38.01 -30.39 -35.02
CA VAL G 202 37.01 -31.40 -34.69
C VAL G 202 37.38 -32.72 -35.37
N GLU G 203 37.33 -33.81 -34.60
CA GLU G 203 37.68 -35.12 -35.12
C GLU G 203 36.57 -36.15 -34.99
N LYS G 204 35.81 -36.13 -33.88
CA LYS G 204 34.77 -37.13 -33.67
C LYS G 204 33.65 -36.54 -32.83
N LEU G 205 32.43 -37.04 -33.06
CA LEU G 205 31.26 -36.73 -32.26
C LEU G 205 30.82 -37.99 -31.52
N LYS G 206 30.83 -37.94 -30.20
CA LYS G 206 30.53 -39.11 -29.38
C LYS G 206 29.07 -39.13 -28.97
N LEU G 207 28.42 -40.27 -29.21
CA LEU G 207 27.05 -40.51 -28.76
C LEU G 207 27.03 -41.57 -27.66
N LYS G 208 25.83 -41.76 -27.09
CA LYS G 208 25.66 -42.65 -25.95
C LYS G 208 26.18 -44.04 -26.27
N SER G 209 25.79 -44.59 -27.42
CA SER G 209 26.17 -45.95 -27.80
C SER G 209 26.96 -45.99 -29.11
N ARG G 210 27.46 -44.85 -29.57
CA ARG G 210 28.12 -44.81 -30.87
C ARG G 210 29.11 -43.65 -30.92
N GLU G 211 30.11 -43.79 -31.78
CA GLU G 211 31.11 -42.77 -32.06
C GLU G 211 31.18 -42.56 -33.56
N LEU G 212 31.28 -41.31 -33.99
CA LEU G 212 31.29 -40.95 -35.41
C LEU G 212 32.53 -40.15 -35.74
N GLU G 213 33.31 -40.64 -36.72
CA GLU G 213 34.45 -39.90 -37.24
C GLU G 213 33.97 -38.88 -38.27
N THR G 214 34.22 -37.60 -38.00
CA THR G 214 33.73 -36.53 -38.86
C THR G 214 34.69 -35.35 -38.80
N ASP G 215 34.77 -34.60 -39.89
CA ASP G 215 35.62 -33.41 -39.93
C ASP G 215 34.96 -32.22 -39.23
N GLY G 216 33.68 -31.98 -39.52
CA GLY G 216 32.96 -30.87 -38.93
C GLY G 216 31.58 -31.28 -38.48
N VAL G 217 31.09 -30.63 -37.43
CA VAL G 217 29.77 -30.89 -36.87
C VAL G 217 28.96 -29.60 -36.90
N PHE G 218 27.72 -29.69 -37.40
CA PHE G 218 26.78 -28.58 -37.45
C PHE G 218 25.58 -28.89 -36.55
N VAL G 219 25.21 -27.95 -35.68
CA VAL G 219 24.15 -28.15 -34.70
C VAL G 219 22.98 -27.23 -35.04
N LEU G 220 21.88 -27.82 -35.52
CA LEU G 220 20.68 -27.07 -35.94
C LEU G 220 19.59 -27.17 -34.88
N LYS G 221 19.30 -26.06 -34.21
CA LYS G 221 18.41 -26.04 -33.05
C LYS G 221 17.09 -25.36 -33.38
N ASP G 222 16.02 -25.80 -32.71
CA ASP G 222 14.72 -25.18 -32.88
C ASP G 222 14.61 -23.88 -32.08
N SER G 223 15.13 -23.87 -30.86
CA SER G 223 15.13 -22.68 -30.00
C SER G 223 16.59 -22.30 -29.74
N ALA G 224 17.09 -21.32 -30.49
CA ALA G 224 18.49 -20.95 -30.36
C ALA G 224 18.75 -20.28 -29.02
N PRO G 225 19.96 -20.41 -28.49
CA PRO G 225 20.31 -19.71 -27.24
C PRO G 225 20.52 -18.23 -27.50
N PRO G 226 20.45 -17.40 -26.45
CA PRO G 226 20.62 -15.95 -26.69
C PRO G 226 21.96 -15.61 -27.30
N GLU G 227 23.03 -16.33 -26.92
CA GLU G 227 24.34 -16.02 -27.46
C GLU G 227 24.37 -16.16 -28.98
N GLN G 228 23.77 -17.22 -29.51
CA GLN G 228 23.73 -17.42 -30.95
C GLN G 228 22.71 -16.50 -31.62
N LEU G 229 21.55 -16.32 -30.99
CA LEU G 229 20.51 -15.47 -31.56
C LEU G 229 21.06 -14.10 -31.88
N VAL G 230 21.82 -13.53 -30.95
CA VAL G 230 22.43 -12.22 -31.10
C VAL G 230 23.94 -12.39 -31.11
N PRO G 231 24.57 -12.42 -32.29
CA PRO G 231 26.03 -12.55 -32.34
C PRO G 231 26.70 -11.45 -31.52
N GLY G 232 27.65 -11.85 -30.67
CA GLY G 232 28.43 -10.91 -29.90
C GLY G 232 27.88 -10.61 -28.52
N LEU G 233 26.71 -11.13 -28.17
CA LEU G 233 26.13 -10.88 -26.85
C LEU G 233 26.94 -11.57 -25.77
N TYR G 234 27.18 -10.86 -24.66
CA TYR G 234 27.93 -11.40 -23.54
C TYR G 234 26.96 -12.11 -22.60
N VAL G 235 27.22 -13.40 -22.36
CA VAL G 235 26.36 -14.22 -21.50
C VAL G 235 27.25 -14.90 -20.46
N GLU G 236 26.87 -14.78 -19.19
CA GLU G 236 27.59 -15.42 -18.10
C GLU G 236 26.62 -16.20 -17.23
N ASP G 237 27.01 -17.42 -16.87
CA ASP G 237 26.21 -18.28 -15.98
C ASP G 237 24.86 -18.63 -16.61
N GLY G 238 24.85 -18.80 -17.92
CA GLY G 238 23.63 -19.22 -18.61
C GLY G 238 22.54 -18.18 -18.69
N HIS G 239 22.81 -16.95 -18.29
CA HIS G 239 21.83 -15.89 -18.35
C HIS G 239 22.47 -14.63 -18.94
N ILE G 240 21.65 -13.81 -19.60
CA ILE G 240 22.16 -12.60 -20.23
C ILE G 240 22.61 -11.64 -19.14
N LYS G 241 23.78 -11.04 -19.32
CA LYS G 241 24.28 -10.07 -18.36
C LYS G 241 23.59 -8.73 -18.58
N VAL G 242 23.16 -8.11 -17.48
CA VAL G 242 22.48 -6.82 -17.53
C VAL G 242 22.86 -6.00 -16.31
N ASN G 243 22.96 -4.70 -16.51
CA ASN G 243 23.25 -3.76 -15.46
C ASN G 243 21.92 -3.32 -14.84
N ARG G 244 21.91 -2.31 -13.97
CA ARG G 244 20.66 -1.84 -13.39
C ARG G 244 19.63 -1.38 -14.44
N LYS G 245 20.04 -0.76 -15.55
CA LYS G 245 19.12 -0.32 -16.57
C LYS G 245 18.74 -1.42 -17.58
N MET G 246 19.22 -2.64 -17.38
CA MET G 246 18.89 -3.72 -18.30
C MET G 246 19.65 -3.55 -19.63
N GLU G 247 20.89 -3.08 -19.53
CA GLU G 247 21.74 -2.89 -20.69
C GLU G 247 22.68 -4.07 -20.84
N THR G 248 22.82 -4.56 -22.07
CA THR G 248 23.73 -5.64 -22.39
C THR G 248 25.11 -5.06 -22.74
N ASN G 249 26.05 -5.94 -23.10
CA ASN G 249 27.34 -5.45 -23.57
C ASN G 249 27.18 -4.66 -24.86
N ILE G 250 26.08 -4.87 -25.58
CA ILE G 250 25.75 -4.13 -26.78
C ILE G 250 25.15 -2.79 -26.38
N ASP G 251 25.64 -1.71 -26.98
CA ASP G 251 25.23 -0.36 -26.58
C ASP G 251 23.73 -0.14 -26.70
N GLY G 252 23.07 -0.74 -27.70
CA GLY G 252 21.66 -0.50 -27.89
C GLY G 252 20.73 -1.68 -27.66
N CYS G 253 21.19 -2.70 -26.94
CA CYS G 253 20.39 -3.91 -26.73
C CYS G 253 20.13 -4.15 -25.25
N TYR G 254 18.85 -4.23 -24.89
CA TYR G 254 18.41 -4.48 -23.54
C TYR G 254 17.88 -5.91 -23.44
N ALA G 255 17.65 -6.35 -22.21
CA ALA G 255 17.14 -7.69 -21.97
C ALA G 255 16.34 -7.68 -20.68
N ALA G 256 15.28 -8.49 -20.64
CA ALA G 256 14.37 -8.46 -19.50
C ALA G 256 13.66 -9.80 -19.39
N GLY G 257 13.39 -10.20 -18.15
CA GLY G 257 12.64 -11.40 -17.88
C GLY G 257 13.52 -12.56 -17.47
N ASP G 258 13.05 -13.79 -17.74
CA ASP G 258 13.79 -14.97 -17.34
C ASP G 258 15.19 -15.01 -17.97
N CYS G 259 15.34 -14.41 -19.14
CA CYS G 259 16.62 -14.44 -19.84
C CYS G 259 17.76 -13.79 -19.07
N THR G 260 17.52 -12.67 -18.40
CA THR G 260 18.59 -12.05 -17.62
C THR G 260 19.09 -12.97 -16.50
N GLY G 261 18.20 -13.67 -15.78
CA GLY G 261 18.64 -14.56 -14.74
C GLY G 261 17.81 -14.28 -13.50
N LYS G 262 18.31 -14.71 -12.34
CA LYS G 262 17.73 -14.44 -11.02
C LYS G 262 16.47 -15.25 -10.67
N PRO G 263 15.45 -14.65 -10.00
CA PRO G 263 14.30 -15.51 -9.77
C PRO G 263 13.41 -15.49 -11.01
N TYR G 264 12.75 -16.60 -11.31
CA TYR G 264 11.84 -16.62 -12.44
C TYR G 264 10.49 -16.38 -11.83
N GLN G 265 9.94 -15.20 -12.08
CA GLN G 265 8.66 -14.81 -11.52
C GLN G 265 8.02 -13.76 -12.43
N TYR G 266 6.69 -13.69 -12.38
CA TYR G 266 5.98 -12.75 -13.25
C TYR G 266 6.35 -11.32 -12.91
N MET G 267 6.29 -10.97 -11.62
CA MET G 267 6.48 -9.57 -11.24
C MET G 267 7.90 -9.09 -11.52
N LYS G 268 8.91 -9.95 -11.34
CA LYS G 268 10.25 -9.55 -11.76
C LYS G 268 10.29 -9.34 -13.27
N ALA G 269 9.66 -10.24 -14.03
CA ALA G 269 9.69 -10.14 -15.48
C ALA G 269 9.09 -8.82 -15.96
N VAL G 270 7.92 -8.46 -15.44
CA VAL G 270 7.27 -7.24 -15.88
C VAL G 270 8.06 -6.01 -15.46
N GLY G 271 8.54 -6.00 -14.21
CA GLY G 271 9.37 -4.90 -13.78
C GLY G 271 10.58 -4.72 -14.68
N GLU G 272 11.31 -5.81 -14.93
CA GLU G 272 12.47 -5.74 -15.81
C GLU G 272 12.08 -5.22 -17.19
N GLY G 273 10.98 -5.72 -17.75
CA GLY G 273 10.55 -5.23 -19.04
C GLY G 273 10.27 -3.75 -19.03
N GLN G 274 9.64 -3.26 -17.97
CA GLN G 274 9.35 -1.83 -17.88
C GLN G 274 10.63 -1.00 -17.86
N VAL G 275 11.59 -1.38 -17.01
CA VAL G 275 12.81 -0.59 -16.88
C VAL G 275 13.56 -0.57 -18.21
N ALA G 276 13.64 -1.72 -18.89
CA ALA G 276 14.33 -1.77 -20.17
C ALA G 276 13.68 -0.84 -21.18
N ALA G 277 12.35 -0.93 -21.31
CA ALA G 277 11.66 -0.11 -22.29
C ALA G 277 11.85 1.37 -21.99
N LEU G 278 11.60 1.76 -20.74
CA LEU G 278 11.68 3.17 -20.36
C LEU G 278 13.07 3.70 -20.63
N ASN G 279 14.08 2.91 -20.33
CA ASN G 279 15.45 3.30 -20.61
C ASN G 279 15.65 3.42 -22.11
N ALA G 280 15.06 2.50 -22.88
CA ALA G 280 15.18 2.53 -24.33
C ALA G 280 14.55 3.81 -24.87
N VAL G 281 13.38 4.16 -24.35
CA VAL G 281 12.72 5.40 -24.77
C VAL G 281 13.60 6.60 -24.43
N GLU G 282 14.16 6.62 -23.23
CA GLU G 282 14.98 7.76 -22.81
C GLU G 282 16.14 7.98 -23.78
N LYS G 283 16.80 6.90 -24.21
CA LYS G 283 17.93 7.06 -25.12
C LYS G 283 17.46 7.58 -26.48
N LEU G 284 16.30 7.13 -26.95
CA LEU G 284 15.73 7.68 -28.17
C LEU G 284 15.45 9.18 -28.02
N TYR G 285 14.97 9.61 -26.84
CA TYR G 285 14.59 11.00 -26.65
C TYR G 285 15.81 11.92 -26.76
N THR G 286 16.94 11.53 -26.16
CA THR G 286 18.13 12.38 -26.19
C THR G 286 18.62 12.58 -27.61
N LYS G 287 18.88 11.49 -28.33
CA LYS G 287 19.33 11.56 -29.71
C LYS G 287 20.61 12.38 -29.82
N SER H 11 49.24 -8.61 -54.01
CA SER H 11 50.68 -8.60 -53.80
C SER H 11 51.04 -7.71 -52.61
N ILE H 12 50.42 -6.54 -52.55
CA ILE H 12 50.67 -5.60 -51.47
C ILE H 12 50.30 -6.22 -50.12
N PHE H 13 49.19 -6.95 -50.07
CA PHE H 13 48.77 -7.57 -48.82
C PHE H 13 49.80 -8.57 -48.32
N ASP H 14 50.31 -9.42 -49.21
CA ASP H 14 51.32 -10.39 -48.82
C ASP H 14 52.56 -9.72 -48.26
N GLU H 15 53.00 -8.62 -48.90
CA GLU H 15 54.18 -7.90 -48.41
C GLU H 15 53.97 -7.36 -47.00
N GLU H 16 52.81 -6.75 -46.74
CA GLU H 16 52.53 -6.22 -45.40
C GLU H 16 52.49 -7.32 -44.35
N ILE H 17 51.92 -8.47 -44.70
CA ILE H 17 51.80 -9.58 -43.76
C ILE H 17 53.17 -9.98 -43.23
N VAL H 26 42.35 -9.13 -42.00
CA VAL H 26 41.72 -9.69 -43.19
C VAL H 26 40.32 -10.19 -42.85
N ASP H 27 39.34 -9.74 -43.63
CA ASP H 27 37.95 -10.15 -43.46
C ASP H 27 37.60 -11.19 -44.52
N PHE H 28 37.26 -12.39 -44.08
CA PHE H 28 36.85 -13.45 -44.98
C PHE H 28 35.34 -13.46 -45.09
N TRP H 29 34.83 -13.25 -46.30
CA TRP H 29 33.39 -13.16 -46.52
C TRP H 29 33.05 -13.90 -47.81
N ALA H 30 31.77 -14.24 -47.95
CA ALA H 30 31.26 -14.96 -49.11
C ALA H 30 29.92 -14.36 -49.53
N PRO H 31 29.60 -14.42 -50.83
CA PRO H 31 28.33 -13.80 -51.27
C PRO H 31 27.08 -14.55 -50.86
N TRP H 32 27.17 -15.82 -50.49
CA TRP H 32 25.97 -16.57 -50.08
C TRP H 32 25.64 -16.40 -48.61
N CYS H 33 26.64 -16.07 -47.78
CA CYS H 33 26.45 -15.95 -46.34
C CYS H 33 25.95 -14.56 -45.95
N GLY H 34 24.77 -14.51 -45.34
CA GLY H 34 24.20 -13.27 -44.88
C GLY H 34 25.05 -12.59 -43.83
N PRO H 35 25.41 -13.35 -42.78
CA PRO H 35 26.32 -12.77 -41.77
C PRO H 35 27.57 -12.15 -42.34
N SER H 36 28.25 -12.83 -43.26
CA SER H 36 29.45 -12.26 -43.87
C SER H 36 29.13 -10.96 -44.58
N LYS H 37 27.94 -10.87 -45.18
CA LYS H 37 27.51 -9.62 -45.80
C LYS H 37 27.45 -8.52 -44.75
N MET H 38 26.76 -8.77 -43.64
CA MET H 38 26.67 -7.77 -42.59
C MET H 38 28.05 -7.34 -42.13
N LEU H 39 28.97 -8.31 -42.01
CA LEU H 39 30.32 -8.01 -41.52
C LEU H 39 31.04 -7.03 -42.42
N GLY H 40 30.89 -7.17 -43.74
CA GLY H 40 31.59 -6.34 -44.70
C GLY H 40 31.41 -4.86 -44.39
N PRO H 41 30.23 -4.33 -44.67
CA PRO H 41 29.88 -2.97 -44.24
C PRO H 41 30.30 -2.59 -42.83
N ILE H 42 30.23 -3.51 -41.86
CA ILE H 42 30.76 -3.19 -40.54
C ILE H 42 32.26 -2.97 -40.61
N ILE H 43 32.97 -3.84 -41.33
CA ILE H 43 34.41 -3.67 -41.50
C ILE H 43 34.70 -2.31 -42.14
N ASP H 44 33.96 -1.97 -43.19
CA ASP H 44 34.18 -0.71 -43.89
C ASP H 44 34.06 0.48 -42.93
N GLU H 45 33.01 0.47 -42.09
CA GLU H 45 32.87 1.54 -41.11
C GLU H 45 34.07 1.61 -40.19
N LEU H 46 34.61 0.46 -39.80
CA LEU H 46 35.75 0.45 -38.90
C LEU H 46 36.98 1.13 -39.51
N SER H 47 37.24 0.87 -40.78
CA SER H 47 38.39 1.49 -41.43
C SER H 47 38.22 3.00 -41.49
N GLU H 48 37.02 3.45 -41.85
CA GLU H 48 36.76 4.88 -41.92
C GLU H 48 36.84 5.51 -40.53
N ASP H 49 36.27 4.82 -39.55
CA ASP H 49 36.25 5.30 -38.17
C ASP H 49 37.64 5.42 -37.58
N LEU H 50 38.47 4.40 -37.81
CA LEU H 50 39.81 4.40 -37.27
C LEU H 50 40.87 4.34 -38.38
N ASP H 51 41.54 5.45 -38.67
CA ASP H 51 42.59 5.42 -39.68
C ASP H 51 43.89 5.76 -38.99
N GLY H 52 44.75 4.76 -38.87
CA GLY H 52 46.03 4.94 -38.22
C GLY H 52 46.50 3.76 -37.41
N LYS H 53 45.73 3.36 -36.41
CA LYS H 53 46.12 2.19 -35.58
C LYS H 53 46.14 0.93 -36.44
N PHE H 56 42.70 -2.62 -43.02
CA PHE H 56 41.71 -3.69 -43.23
C PHE H 56 41.72 -4.17 -44.67
N THR H 57 41.53 -5.47 -44.86
CA THR H 57 41.39 -6.06 -46.18
C THR H 57 40.28 -7.10 -46.15
N LYS H 58 39.59 -7.24 -47.28
CA LYS H 58 38.47 -8.16 -47.42
C LYS H 58 38.87 -9.30 -48.34
N VAL H 59 38.67 -10.54 -47.88
CA VAL H 59 39.00 -11.74 -48.65
C VAL H 59 37.69 -12.43 -49.02
N ASN H 60 37.47 -12.60 -50.33
CA ASN H 60 36.32 -13.34 -50.82
C ASN H 60 36.71 -14.82 -50.89
N VAL H 61 36.07 -15.64 -50.06
CA VAL H 61 36.41 -17.06 -50.02
C VAL H 61 36.09 -17.72 -51.35
N ASP H 62 35.07 -17.25 -52.05
CA ASP H 62 34.67 -17.88 -53.30
C ASP H 62 35.76 -17.75 -54.36
N GLU H 63 36.37 -16.58 -54.48
CA GLU H 63 37.38 -16.35 -55.51
C GLU H 63 38.78 -16.77 -55.09
N ASN H 64 39.06 -16.86 -53.79
CA ASN H 64 40.39 -17.21 -53.29
C ASN H 64 40.30 -18.32 -52.26
N PRO H 65 39.71 -19.47 -52.64
CA PRO H 65 39.68 -20.60 -51.69
C PRO H 65 41.06 -20.98 -51.18
N GLY H 66 42.07 -20.92 -52.04
CA GLY H 66 43.42 -21.24 -51.61
C GLY H 66 43.87 -20.36 -50.45
N ILE H 67 43.61 -19.06 -50.54
CA ILE H 67 43.96 -18.17 -49.44
C ILE H 67 43.25 -18.60 -48.17
N ALA H 68 41.96 -18.94 -48.27
CA ALA H 68 41.20 -19.35 -47.09
C ALA H 68 41.72 -20.67 -46.54
N SER H 69 41.85 -21.69 -47.40
CA SER H 69 42.29 -23.00 -46.95
C SER H 69 43.67 -22.92 -46.31
N LYS H 70 44.56 -22.12 -46.89
CA LYS H 70 45.91 -22.01 -46.37
C LYS H 70 45.90 -21.54 -44.91
N PHE H 71 45.01 -20.61 -44.58
CA PHE H 71 44.93 -20.07 -43.23
C PHE H 71 43.99 -20.87 -42.33
N GLY H 72 43.28 -21.85 -42.89
CA GLY H 72 42.41 -22.68 -42.10
C GLY H 72 41.10 -22.01 -41.71
N ILE H 73 40.50 -21.24 -42.61
CA ILE H 73 39.21 -20.62 -42.34
C ILE H 73 38.18 -21.76 -42.29
N ALA H 74 37.58 -21.98 -41.12
CA ALA H 74 36.62 -23.06 -40.95
C ALA H 74 35.19 -22.56 -40.81
N SER H 75 34.99 -21.25 -40.81
CA SER H 75 33.66 -20.66 -40.77
C SER H 75 33.69 -19.45 -41.69
N ILE H 76 32.62 -19.29 -42.48
CA ILE H 76 32.66 -18.30 -43.55
C ILE H 76 32.88 -16.89 -43.01
N PRO H 77 32.12 -16.42 -42.02
CA PRO H 77 32.38 -15.06 -41.51
C PRO H 77 33.46 -15.09 -40.46
N THR H 78 34.72 -14.94 -40.89
CA THR H 78 35.86 -14.99 -39.99
C THR H 78 36.70 -13.73 -40.19
N VAL H 79 37.16 -13.16 -39.07
CA VAL H 79 38.00 -11.97 -39.08
C VAL H 79 39.39 -12.38 -38.61
N MET H 80 40.40 -12.06 -39.41
CA MET H 80 41.78 -12.46 -39.15
C MET H 80 42.65 -11.22 -39.01
N ILE H 81 43.47 -11.21 -37.96
CA ILE H 81 44.33 -10.07 -37.67
C ILE H 81 45.53 -10.09 -38.62
N VAL H 88 47.61 -13.33 -35.94
CA VAL H 88 47.76 -13.14 -34.50
C VAL H 88 46.49 -13.55 -33.76
N GLU H 89 45.34 -13.07 -34.25
CA GLU H 89 44.06 -13.39 -33.64
C GLU H 89 43.03 -13.61 -34.74
N THR H 90 42.17 -14.60 -34.53
CA THR H 90 41.09 -14.95 -35.47
C THR H 90 39.76 -14.92 -34.74
N LEU H 91 38.79 -14.19 -35.28
CA LEU H 91 37.45 -14.14 -34.73
C LEU H 91 36.49 -14.71 -35.77
N VAL H 92 35.83 -15.81 -35.42
CA VAL H 92 34.93 -16.52 -36.33
C VAL H 92 33.50 -16.15 -35.95
N GLY H 93 32.66 -16.00 -36.96
CA GLY H 93 31.28 -15.59 -36.77
C GLY H 93 31.14 -14.08 -36.74
N PHE H 94 29.92 -13.62 -36.97
CA PHE H 94 29.64 -12.19 -36.91
C PHE H 94 29.97 -11.63 -35.54
N ARG H 95 30.51 -10.41 -35.52
CA ARG H 95 30.75 -9.70 -34.28
C ARG H 95 30.36 -8.24 -34.48
N PRO H 96 29.86 -7.59 -33.44
CA PRO H 96 29.47 -6.17 -33.55
C PRO H 96 30.69 -5.26 -33.57
N LYS H 97 30.45 -4.02 -33.99
CA LYS H 97 31.53 -3.03 -34.07
C LYS H 97 32.25 -2.90 -32.74
N GLN H 98 31.54 -2.77 -31.64
CA GLN H 98 32.23 -2.55 -30.37
C GLN H 98 33.18 -3.68 -30.00
N SER H 99 32.74 -4.93 -30.14
CA SER H 99 33.58 -6.05 -29.77
C SER H 99 34.83 -6.16 -30.64
N ILE H 100 34.66 -6.00 -31.95
CA ILE H 100 35.77 -6.11 -32.86
C ILE H 100 36.80 -5.01 -32.60
N THR H 101 36.31 -3.80 -32.38
CA THR H 101 37.19 -2.69 -32.11
C THR H 101 37.96 -2.93 -30.83
N ALA H 102 37.27 -3.42 -29.81
CA ALA H 102 37.93 -3.66 -28.55
C ALA H 102 39.02 -4.71 -28.72
N SER H 103 38.73 -5.77 -29.46
CA SER H 103 39.71 -6.83 -29.65
C SER H 103 40.93 -6.30 -30.37
N ILE H 104 40.69 -5.49 -31.40
CA ILE H 104 41.79 -4.94 -32.17
C ILE H 104 42.66 -4.07 -31.29
N GLU H 105 42.03 -3.24 -30.48
CA GLU H 105 42.77 -2.35 -29.61
C GLU H 105 43.60 -3.15 -28.61
N LYS H 106 43.03 -4.22 -28.07
CA LYS H 106 43.76 -5.02 -27.12
C LYS H 106 44.98 -5.64 -27.77
N HIS H 107 44.82 -6.20 -28.96
CA HIS H 107 45.97 -6.80 -29.64
C HIS H 107 47.00 -5.74 -30.04
N MET H 108 46.49 -4.61 -30.52
CA MET H 108 47.28 -3.47 -30.96
C MET H 108 48.37 -3.87 -31.96
PA FAD I . 5.27 4.47 -2.03
O1A FAD I . 4.27 3.80 -2.78
O2A FAD I . 5.17 5.88 -1.83
O5B FAD I . 5.44 3.79 -0.66
C5B FAD I . 5.53 4.62 0.45
C4B FAD I . 4.96 3.98 1.67
O4B FAD I . 5.91 3.85 2.68
C3B FAD I . 3.95 4.84 2.32
O3B FAD I . 3.05 3.94 2.89
C2B FAD I . 4.65 5.53 3.41
O2B FAD I . 3.77 5.94 4.41
C1B FAD I . 5.46 4.39 3.89
N9A FAD I . 6.57 4.90 4.64
C8A FAD I . 7.38 5.78 4.13
N7A FAD I . 8.35 6.08 4.99
C5A FAD I . 8.14 5.37 6.03
C6A FAD I . 8.80 5.24 7.24
N6A FAD I . 9.85 6.00 7.40
N1A FAD I . 8.35 4.42 8.13
C2A FAD I . 7.29 3.72 7.90
N3A FAD I . 6.63 3.79 6.77
C4A FAD I . 7.00 4.59 5.81
N1 FAD I . 3.43 4.97 -11.64
C2 FAD I . 3.06 4.23 -12.70
O2 FAD I . 3.77 3.29 -13.03
N3 FAD I . 1.99 4.44 -13.39
C4 FAD I . 1.22 5.44 -13.05
O4 FAD I . 0.21 5.68 -13.68
C4X FAD I . 1.55 6.31 -11.92
N5 FAD I . 0.78 7.33 -11.60
C5X FAD I . 1.07 8.10 -10.55
C6 FAD I . 0.22 9.13 -10.25
C7 FAD I . 0.47 9.95 -9.20
C7M FAD I . -0.40 11.08 -8.82
C8 FAD I . 1.64 9.75 -8.42
C8M FAD I . 1.84 10.70 -7.30
C9 FAD I . 2.49 8.71 -8.72
C9A FAD I . 2.27 7.86 -9.77
N10 FAD I . 3.10 6.79 -10.07
C10 FAD I . 2.75 6.01 -11.17
C1' FAD I . 4.32 6.55 -9.33
C2' FAD I . 4.30 5.25 -8.59
O2' FAD I . 3.08 5.14 -7.98
C3' FAD I . 5.27 5.17 -7.46
O3' FAD I . 6.58 5.01 -7.88
C4' FAD I . 5.09 3.95 -6.72
O4' FAD I . 3.78 4.04 -6.32
C5' FAD I . 6.03 3.90 -5.55
O5' FAD I . 5.69 2.85 -4.66
P FAD I . 6.59 2.71 -3.41
O1P FAD I . 5.99 1.96 -2.35
O2P FAD I . 7.89 2.46 -3.92
O3P FAD I . 6.54 4.12 -2.82
H51A FAD I . 5.00 5.56 0.25
H52A FAD I . 6.58 4.87 0.63
H4B FAD I . 4.51 3.01 1.42
H3B FAD I . 3.48 5.55 1.61
HO3A FAD I . 2.29 4.41 3.24
H2B FAD I . 5.29 6.33 3.03
HO2A FAD I . 2.95 6.26 4.01
H1B FAD I . 4.85 3.68 4.46
H8A FAD I . 7.28 6.22 3.14
H61A FAD I . 10.15 6.62 6.66
H62A FAD I . 10.37 5.95 8.26
H2A FAD I . 6.94 3.04 8.66
HN3 FAD I . 1.74 3.84 -14.21
H6 FAD I . -0.66 9.27 -10.84
HM71 FAD I . -0.51 11.10 -7.76
HM72 FAD I . -1.36 10.96 -9.26
HM73 FAD I . 0.03 11.99 -9.15
HM81 FAD I . 1.64 11.68 -7.63
HM82 FAD I . 2.84 10.63 -6.97
HM83 FAD I . 1.19 10.45 -6.51
H9 FAD I . 3.37 8.56 -8.10
H1'1 FAD I . 5.16 6.54 -10.02
H1'2 FAD I . 4.51 7.36 -8.62
H2' FAD I . 4.48 4.43 -9.29
HO2' FAD I . 2.94 5.89 -7.38
H3' FAD I . 5.16 6.04 -6.80
HO3' FAD I . 6.61 4.34 -8.57
H4' FAD I . 5.23 3.07 -7.38
HO4' FAD I . 3.68 4.81 -5.73
H5'1 FAD I . 7.05 3.74 -5.92
H5'2 FAD I . 6.00 4.85 -5.03
PA FAD J . 4.75 3.61 50.21
O1A FAD J . 6.04 3.05 50.74
O2A FAD J . 4.42 5.06 50.44
O5B FAD J . 4.67 3.34 48.64
C5B FAD J . 5.26 4.28 47.76
C4B FAD J . 5.69 3.59 46.47
O4B FAD J . 4.54 3.08 45.78
C3B FAD J . 6.38 4.58 45.53
O3B FAD J . 7.70 4.13 45.25
C2B FAD J . 5.52 4.62 44.29
O2B FAD J . 6.29 4.60 43.08
C1B FAD J . 4.65 3.38 44.39
N9A FAD J . 3.32 3.64 43.78
C8A FAD J . 2.28 4.22 44.40
N7A FAD J . 1.22 4.29 43.55
C5A FAD J . 1.59 3.76 42.38
C6A FAD J . 0.96 3.52 41.07
N6A FAD J . -0.31 3.88 40.83
N1A FAD J . 1.71 2.93 40.11
C2A FAD J . 2.98 2.56 40.32
N3A FAD J . 3.61 2.74 41.50
C4A FAD J . 2.98 3.33 42.54
N1 FAD J . 6.42 4.74 59.71
C2 FAD J . 6.89 4.02 60.76
O2 FAD J . 6.40 2.90 61.00
N3 FAD J . 7.87 4.46 61.57
C4 FAD J . 8.45 5.66 61.38
O4 FAD J . 9.35 6.06 62.14
C4X FAD J . 7.98 6.50 60.26
N5 FAD J . 8.53 7.71 60.02
C5X FAD J . 8.09 8.46 58.99
C6 FAD J . 8.67 9.71 58.77
C7 FAD J . 8.24 10.50 57.71
C7M FAD J . 8.86 11.84 57.47
C8 FAD J . 7.16 10.02 56.82
C8M FAD J . 6.70 10.87 55.68
C9 FAD J . 6.59 8.78 57.03
C9A FAD J . 7.01 7.98 58.09
N10 FAD J . 6.42 6.71 58.32
C10 FAD J . 6.91 5.95 59.40
C1' FAD J . 5.36 6.20 57.45
C2' FAD J . 5.62 4.75 57.11
O2' FAD J . 6.94 4.66 56.55
C3' FAD J . 4.60 4.25 56.11
O3' FAD J . 3.49 3.68 56.79
C4' FAD J . 5.21 3.21 55.17
O4' FAD J . 6.27 3.86 54.47
C5' FAD J . 4.18 2.64 54.21
O5' FAD J . 4.75 2.35 52.94
P FAD J . 3.95 1.54 51.81
O1P FAD J . 4.92 0.67 51.07
O2P FAD J . 2.69 0.96 52.36
O3P FAD J . 3.56 2.73 50.82
H51A FAD J . 6.13 4.74 48.23
H52A FAD J . 4.55 5.08 47.53
H4B FAD J . 6.38 2.78 46.70
H3B FAD J . 6.40 5.57 45.99
HO3A FAD J . 8.11 4.72 44.61
H2B FAD J . 4.88 5.51 44.31
HO2A FAD J . 6.79 5.41 43.00
H1B FAD J . 5.15 2.55 43.86
H8A FAD J . 2.28 4.57 45.42
H61A FAD J . -0.86 4.32 41.56
H62A FAD J . -0.73 3.71 39.92
H2A FAD J . 3.53 2.08 39.51
HN3 FAD J . 8.19 3.87 62.36
H6 FAD J . 9.46 10.06 59.43
HM71 FAD J . 9.69 11.74 56.82
HM72 FAD J . 9.18 12.26 58.40
HM73 FAD J . 8.15 12.49 57.03
HM81 FAD J . 5.91 11.50 56.00
HM82 FAD J . 6.36 10.25 54.88
HM83 FAD J . 7.50 11.48 55.33
H9 FAD J . 5.80 8.43 56.38
H1'1 FAD J . 4.40 6.28 57.97
H1'2 FAD J . 5.30 6.78 56.53
H2' FAD J . 5.56 4.14 58.02
HO2' FAD J . 6.98 5.20 55.74
H3' FAD J . 4.25 5.10 55.50
HO3' FAD J . 3.78 2.91 57.31
H4' FAD J . 5.62 2.40 55.78
HO4' FAD J . 5.92 4.58 53.93
H5'1 FAD J . 3.76 1.73 54.64
H5'2 FAD J . 3.35 3.35 54.08
C1 EDO K . 6.99 6.70 38.93
O1 EDO K . 7.35 5.36 39.21
C2 EDO K . 5.61 6.99 39.51
O2 EDO K . 5.60 6.76 40.88
H11 EDO K . 7.64 7.29 39.34
H12 EDO K . 6.98 6.84 37.97
HO1 EDO K . 8.14 5.22 38.93
H21 EDO K . 5.38 7.92 39.33
H22 EDO K . 4.95 6.41 39.08
HO2 EDO K . 4.82 6.90 41.19
PA FAD L . -17.69 7.89 -29.19
O1A FAD L . -16.40 8.34 -29.82
O2A FAD L . -17.77 6.36 -29.29
O5B FAD L . -17.71 8.32 -27.68
C5B FAD L . -16.91 7.55 -26.74
C4B FAD L . -16.75 8.35 -25.41
O4B FAD L . -17.91 8.50 -24.82
C3B FAD L . -15.88 7.55 -24.46
O3B FAD L . -14.77 8.28 -24.10
C2B FAD L . -16.79 7.27 -23.19
O2B FAD L . -16.03 7.48 -21.96
C1B FAD L . -17.75 8.11 -23.25
N9A FAD L . -18.96 7.46 -22.79
C8A FAD L . -19.75 6.60 -23.48
N7A FAD L . -20.79 6.23 -22.66
C5A FAD L . -20.63 6.88 -21.47
C6A FAD L . -21.41 6.85 -20.31
N6A FAD L . -22.56 6.15 -20.07
N1A FAD L . -21.05 7.58 -19.23
C2A FAD L . -19.91 8.35 -19.28
N3A FAD L . -19.14 8.39 -20.42
C4A FAD L . -19.51 7.63 -21.52
N1 FAD L . -14.93 7.37 -38.74
C2 FAD L . -14.41 8.21 -39.83
O2 FAD L . -15.09 9.10 -40.28
N3 FAD L . -13.06 7.95 -40.36
C4 FAD L . -12.28 6.90 -39.81
O4 FAD L . -11.15 6.68 -40.24
C4X FAD L . -12.83 6.05 -38.70
N5 FAD L . -12.04 4.99 -38.13
C5X FAD L . -12.58 4.18 -37.06
C6 FAD L . -11.80 3.15 -36.53
C7 FAD L . -12.31 2.34 -35.48
C7M FAD L . -11.21 1.30 -35.12
C8 FAD L . -13.60 2.58 -34.97
C8M FAD L . -14.07 1.67 -33.85
C9 FAD L . -14.39 3.62 -35.52
C9A FAD L . -13.89 4.43 -36.56
N10 FAD L . -14.70 5.51 -37.12
C10 FAD L . -14.15 6.31 -38.19
C1' FAD L . -16.05 5.82 -36.63
C2' FAD L . -15.93 7.09 -35.77
O2' FAD L . -14.78 6.96 -34.96
C3' FAD L . -17.16 7.30 -34.87
O3' FAD L . -18.24 7.69 -35.66
C4' FAD L . -16.86 8.38 -33.84
O4' FAD L . -15.87 7.92 -32.95
C5' FAD L . -18.08 8.73 -33.05
O5' FAD L . -17.79 9.64 -31.97
P FAD L . -18.85 9.82 -30.82
O1P FAD L . -18.50 10.97 -29.97
O2P FAD L . -20.23 10.09 -31.45
O3P FAD L . -18.92 8.53 -29.97
H51A FAD L . -16.00 7.37 -27.14
H52A FAD L . -17.37 6.68 -26.56
H4B FAD L . -16.34 9.20 -25.57
H3B FAD L . -15.62 6.70 -24.87
HO3A FAD L . -14.27 7.78 -23.55
H2B FAD L . -17.13 6.37 -23.23
HO2A FAD L . -15.37 6.86 -21.91
H1B FAD L . -17.52 8.93 -22.70
H8A FAD L . -19.60 6.29 -24.43
H61A FAD L . -22.92 5.67 -20.72
H62A FAD L . -22.94 6.19 -19.27
H2A FAD L . -19.63 8.89 -18.51
HN3 FAD L . -12.73 8.46 -41.01
H6 FAD L . -10.87 2.94 -36.88
HM71 FAD L . -11.09 1.28 -34.16
HM72 FAD L . -10.38 1.56 -35.55
HM73 FAD L . -11.48 0.43 -35.44
HM81 FAD L . -13.79 0.76 -34.03
HM82 FAD L . -15.03 1.71 -33.78
HM83 FAD L . -13.69 1.96 -33.02
H9 FAD L . -15.25 3.32 -35.17
H1'1 FAD L . -16.69 5.99 -37.41
H1'2 FAD L . -16.40 5.05 -36.06
H2' FAD L . -15.86 7.82 -36.36
HO2' FAD L . -14.96 6.41 -34.27
H3' FAD L . -17.38 6.45 -34.40
HO3' FAD L . -18.22 8.58 -35.78
H4' FAD L . -16.55 9.19 -34.31
HO4' FAD L . -16.22 7.31 -32.41
H5'1 FAD L . -18.75 9.14 -33.65
H5'2 FAD L . -18.46 7.89 -32.66
PA FAD M . 8.62 -16.29 -21.11
O1A FAD M . 7.27 -16.21 -20.47
O2A FAD M . 9.17 -17.71 -20.95
O5B FAD M . 8.49 -15.94 -22.64
C5B FAD M . 7.97 -16.94 -23.53
C4B FAD M . 7.57 -16.21 -24.86
O4B FAD M . 8.66 -15.73 -25.45
C3B FAD M . 6.95 -17.18 -25.82
O3B FAD M . 5.72 -16.70 -26.21
C2B FAD M . 7.94 -17.27 -27.03
O2B FAD M . 7.21 -17.36 -28.29
C1B FAD M . 8.61 -16.20 -27.00
N9A FAD M . 9.98 -16.45 -27.42
C8A FAD M . 10.96 -17.07 -26.73
N7A FAD M . 12.07 -17.09 -27.52
C5A FAD M . 11.76 -16.47 -28.71
C6A FAD M . 12.55 -16.23 -29.85
N6A FAD M . 13.85 -16.54 -30.07
N1A FAD M . 11.99 -15.59 -30.91
C2A FAD M . 10.69 -15.20 -30.87
N3A FAD M . 9.92 -15.43 -29.75
C4A FAD M . 10.48 -16.08 -28.66
N1 FAD M . 6.21 -17.34 -11.72
C2 FAD M . 5.61 -16.57 -10.62
O2 FAD M . 6.13 -15.54 -10.24
N3 FAD M . 4.41 -17.05 -9.94
C4 FAD M . 3.81 -18.26 -10.35
O4 FAD M . 2.80 -18.67 -9.80
C4X FAD M . 4.42 -19.02 -11.47
N5 FAD M . 3.79 -20.25 -11.87
C5X FAD M . 4.34 -21.02 -12.95
C6 FAD M . 3.70 -22.20 -13.31
C7 FAD M . 4.21 -23.00 -14.36
C7M FAD M . 3.28 -24.22 -14.51
C8 FAD M . 5.37 -22.57 -15.04
C8M FAD M . 5.84 -23.49 -16.16
C9 FAD M . 6.02 -21.38 -14.67
C9A FAD M . 5.53 -20.57 -13.62
N10 FAD M . 6.19 -19.32 -13.23
C10 FAD M . 5.61 -18.55 -12.14
C1' FAD M . 7.41 -18.85 -13.93
C2' FAD M . 7.11 -17.57 -14.70
O2' FAD M . 6.01 -17.78 -15.55
C3' FAD M . 8.31 -17.14 -15.58
O3' FAD M . 9.34 -16.65 -14.79
C4' FAD M . 7.81 -16.05 -16.54
O4' FAD M . 6.86 -16.63 -17.41
C5' FAD M . 8.91 -15.46 -17.37
O5' FAD M . 8.31 -14.60 -18.37
P FAD M . 9.20 -14.07 -19.55
O1P FAD M . 8.46 -13.07 -20.34
O2P FAD M . 10.46 -13.42 -18.98
O3P FAD M . 9.62 -15.26 -20.45
H51A FAD M . 7.16 -17.39 -23.14
H52A FAD M . 8.68 -17.63 -23.73
H4B FAD M . 6.95 -15.50 -24.68
H3B FAD M . 6.85 -18.07 -25.41
HO3A FAD M . 5.30 -17.33 -26.69
H2B FAD M . 8.52 -18.04 -26.94
HO2A FAD M . 6.60 -18.03 -28.24
H1B FAD M . 8.16 -15.51 -27.59
H8A FAD M . 10.88 -17.44 -25.79
H61A FAD M . 14.32 -16.94 -29.44
H62A FAD M . 14.22 -16.34 -30.85
H2A FAD M . 10.26 -14.73 -31.64
HN3 FAD M . 4.05 -16.57 -9.27
H6 FAD M . 2.87 -22.53 -12.83
HM71 FAD M . 2.83 -24.18 -15.36
HM72 FAD M . 2.63 -24.22 -13.79
HM73 FAD M . 3.80 -25.03 -14.45
HM81 FAD M . 5.78 -24.40 -15.87
HM82 FAD M . 6.75 -23.29 -16.38
HM83 FAD M . 5.30 -23.36 -16.93
H9 FAD M . 6.87 -21.55 -15.11
H1'1 FAD M . 8.13 -18.66 -13.24
H1'2 FAD M . 7.73 -19.56 -14.56
H2' FAD M . 6.94 -16.89 -14.07
HO2' FAD M . 6.25 -18.33 -16.22
H3' FAD M . 8.66 -17.92 -16.09
HO3' FAD M . 9.21 -15.78 -14.62
H4' FAD M . 7.43 -15.33 -15.99
HO4' FAD M . 7.21 -17.37 -17.79
H5'1 FAD M . 9.51 -14.94 -16.80
H5'2 FAD M . 9.41 -16.18 -17.83
C1 EDO N . 6.98 -20.71 -9.43
O1 EDO N . 6.45 -22.00 -9.52
C2 EDO N . 6.07 -19.85 -8.57
O2 EDO N . 6.38 -20.04 -7.22
H11 EDO N . 7.86 -20.76 -9.04
H12 EDO N . 7.05 -20.32 -10.32
HO1 EDO N . 6.98 -22.50 -9.96
H21 EDO N . 6.21 -18.91 -8.80
H22 EDO N . 5.14 -20.09 -8.74
HO2 EDO N . 5.78 -19.67 -6.74
#